data_1G2K
# 
_entry.id   1G2K 
# 
_audit_conform.dict_name       mmcif_pdbx.dic 
_audit_conform.dict_version    5.376 
_audit_conform.dict_location   http://mmcif.pdb.org/dictionaries/ascii/mmcif_pdbx.dic 
# 
loop_
_database_2.database_id 
_database_2.database_code 
_database_2.pdbx_database_accession 
_database_2.pdbx_DOI 
PDB   1G2K         pdb_00001g2k 10.2210/pdb1g2k/pdb 
RCSB  RCSB012154   ?            ?                   
WWPDB D_1000012154 ?            ?                   
# 
loop_
_pdbx_database_related.db_name 
_pdbx_database_related.db_id 
_pdbx_database_related.details 
_pdbx_database_related.content_type 
PDB 1ajv . unspecified 
PDB 1ajx . unspecified 
# 
_pdbx_database_status.status_code                     REL 
_pdbx_database_status.entry_id                        1G2K 
_pdbx_database_status.recvd_initial_deposition_date   2000-10-20 
_pdbx_database_status.deposit_site                    RCSB 
_pdbx_database_status.process_site                    RCSB 
_pdbx_database_status.status_code_sf                  REL 
_pdbx_database_status.SG_entry                        . 
_pdbx_database_status.pdb_format_compatible           Y 
_pdbx_database_status.status_code_mr                  ? 
_pdbx_database_status.status_code_cs                  ? 
_pdbx_database_status.status_code_nmr_data            ? 
_pdbx_database_status.methods_development_category    ? 
# 
loop_
_audit_author.name 
_audit_author.pdbx_ordinal 
'Lindberg, J.' 1 
'Unge, T.'     2 
# 
_citation.id                        primary 
_citation.title                     
;Synthesis and comparative molecular field analysis (CoMFA) of symmetric and nonsymmetric cyclic sulfamide HIV-1 protease inhibitors.
;
_citation.journal_abbrev            J.Med.Chem. 
_citation.journal_volume            44 
_citation.page_first                155 
_citation.page_last                 169 
_citation.year                      2001 
_citation.journal_id_ASTM           JMCMAR 
_citation.country                   US 
_citation.journal_id_ISSN           0022-2623 
_citation.journal_id_CSD            0151 
_citation.book_publisher            ? 
_citation.pdbx_database_id_PubMed   11170625 
_citation.pdbx_database_id_DOI      10.1021/jm001024j 
# 
loop_
_citation_author.citation_id 
_citation_author.name 
_citation_author.ordinal 
_citation_author.identifier_ORCID 
primary 'Schaal, W.'      1  ? 
primary 'Karlsson, A.'    2  ? 
primary 'Ahlsen, G.'      3  ? 
primary 'Lindberg, J.'    4  ? 
primary 'Andersson, H.O.' 5  ? 
primary 'Danielson, U.H.' 6  ? 
primary 'Classon, B.'     7  ? 
primary 'Unge, T.'        8  ? 
primary 'Samuelsson, B.'  9  ? 
primary 'Hulten, J.'      10 ? 
primary 'Hallberg, A.'    11 ? 
primary 'Karlen, A.'      12 ? 
# 
_cell.entry_id           1G2K 
_cell.length_a           58.508 
_cell.length_b           86.832 
_cell.length_c           46.648 
_cell.angle_alpha        90.00 
_cell.angle_beta         90.00 
_cell.angle_gamma        90.00 
_cell.Z_PDB              8 
_cell.pdbx_unique_axis   ? 
# 
_symmetry.entry_id                         1G2K 
_symmetry.space_group_name_H-M             'P 21 21 2' 
_symmetry.pdbx_full_space_group_name_H-M   ? 
_symmetry.cell_setting                     orthorhombic 
_symmetry.Int_Tables_number                18 
# 
loop_
_entity.id 
_entity.type 
_entity.src_method 
_entity.pdbx_description 
_entity.formula_weight 
_entity.pdbx_number_of_molecules 
_entity.pdbx_ec 
_entity.pdbx_mutation 
_entity.pdbx_fragment 
_entity.details 
1 polymer     man 'PROTEASE RETROPEPSIN' 10803.756 2  3.4.23.16 ? 'RESIDUES 1-99' ? 
2 non-polymer syn 
'3-(7-BENZYL-4,5-DIHYDROXY-1,1-DIOXO-3,6-BIS-PHENOXYMETHYL-1L6-[1,2,7]THIADIAZEPAN-2-YLMETHYL)-N-METHYL-BENZAMIDE' 631.738   1  ? 
? ?               ? 
3 water       nat water 18.015    72 ?         ? ?               ? 
# 
_entity_name_sys.entity_id   1 
_entity_name_sys.name        E.C.3.4.23.16 
# 
_entity_poly.entity_id                      1 
_entity_poly.type                           'polypeptide(L)' 
_entity_poly.nstd_linkage                   no 
_entity_poly.nstd_monomer                   no 
_entity_poly.pdbx_seq_one_letter_code       
;PQITLWQRPLVTIKIGGQLKEALLDTGADDTVLEEMSLPGRWKPKMIGGIGGFIKVRQYDQILIEICGHKAIGTVLVGPT
PVNIIGRNLLTQIGCTLNF
;
_entity_poly.pdbx_seq_one_letter_code_can   
;PQITLWQRPLVTIKIGGQLKEALLDTGADDTVLEEMSLPGRWKPKMIGGIGGFIKVRQYDQILIEICGHKAIGTVLVGPT
PVNIIGRNLLTQIGCTLNF
;
_entity_poly.pdbx_strand_id                 A,B 
_entity_poly.pdbx_target_identifier         ? 
# 
loop_
_entity_poly_seq.entity_id 
_entity_poly_seq.num 
_entity_poly_seq.mon_id 
_entity_poly_seq.hetero 
1 1  PRO n 
1 2  GLN n 
1 3  ILE n 
1 4  THR n 
1 5  LEU n 
1 6  TRP n 
1 7  GLN n 
1 8  ARG n 
1 9  PRO n 
1 10 LEU n 
1 11 VAL n 
1 12 THR n 
1 13 ILE n 
1 14 LYS n 
1 15 ILE n 
1 16 GLY n 
1 17 GLY n 
1 18 GLN n 
1 19 LEU n 
1 20 LYS n 
1 21 GLU n 
1 22 ALA n 
1 23 LEU n 
1 24 LEU n 
1 25 ASP n 
1 26 THR n 
1 27 GLY n 
1 28 ALA n 
1 29 ASP n 
1 30 ASP n 
1 31 THR n 
1 32 VAL n 
1 33 LEU n 
1 34 GLU n 
1 35 GLU n 
1 36 MET n 
1 37 SER n 
1 38 LEU n 
1 39 PRO n 
1 40 GLY n 
1 41 ARG n 
1 42 TRP n 
1 43 LYS n 
1 44 PRO n 
1 45 LYS n 
1 46 MET n 
1 47 ILE n 
1 48 GLY n 
1 49 GLY n 
1 50 ILE n 
1 51 GLY n 
1 52 GLY n 
1 53 PHE n 
1 54 ILE n 
1 55 LYS n 
1 56 VAL n 
1 57 ARG n 
1 58 GLN n 
1 59 TYR n 
1 60 ASP n 
1 61 GLN n 
1 62 ILE n 
1 63 LEU n 
1 64 ILE n 
1 65 GLU n 
1 66 ILE n 
1 67 CYS n 
1 68 GLY n 
1 69 HIS n 
1 70 LYS n 
1 71 ALA n 
1 72 ILE n 
1 73 GLY n 
1 74 THR n 
1 75 VAL n 
1 76 LEU n 
1 77 VAL n 
1 78 GLY n 
1 79 PRO n 
1 80 THR n 
1 81 PRO n 
1 82 VAL n 
1 83 ASN n 
1 84 ILE n 
1 85 ILE n 
1 86 GLY n 
1 87 ARG n 
1 88 ASN n 
1 89 LEU n 
1 90 LEU n 
1 91 THR n 
1 92 GLN n 
1 93 ILE n 
1 94 GLY n 
1 95 CYS n 
1 96 THR n 
1 97 LEU n 
1 98 ASN n 
1 99 PHE n 
# 
_entity_src_gen.entity_id                          1 
_entity_src_gen.pdbx_src_id                        1 
_entity_src_gen.pdbx_alt_source_flag               sample 
_entity_src_gen.pdbx_seq_type                      ? 
_entity_src_gen.pdbx_beg_seq_num                   ? 
_entity_src_gen.pdbx_end_seq_num                   ? 
_entity_src_gen.gene_src_common_name               ? 
_entity_src_gen.gene_src_genus                     Lentivirus 
_entity_src_gen.pdbx_gene_src_gene                 ? 
_entity_src_gen.gene_src_species                   ? 
_entity_src_gen.gene_src_strain                    ? 
_entity_src_gen.gene_src_tissue                    ? 
_entity_src_gen.gene_src_tissue_fraction           ? 
_entity_src_gen.gene_src_details                   ? 
_entity_src_gen.pdbx_gene_src_fragment             ? 
_entity_src_gen.pdbx_gene_src_scientific_name      'Human immunodeficiency virus 1' 
_entity_src_gen.pdbx_gene_src_ncbi_taxonomy_id     11676 
_entity_src_gen.pdbx_gene_src_variant              'ISOLATE LV' 
_entity_src_gen.pdbx_gene_src_cell_line            ? 
_entity_src_gen.pdbx_gene_src_atcc                 ? 
_entity_src_gen.pdbx_gene_src_organ                ? 
_entity_src_gen.pdbx_gene_src_organelle            ? 
_entity_src_gen.pdbx_gene_src_cell                 ? 
_entity_src_gen.pdbx_gene_src_cellular_location    ? 
_entity_src_gen.host_org_common_name               ? 
_entity_src_gen.pdbx_host_org_scientific_name      'Escherichia coli' 
_entity_src_gen.pdbx_host_org_ncbi_taxonomy_id     562 
_entity_src_gen.host_org_genus                     Escherichia 
_entity_src_gen.pdbx_host_org_gene                 ? 
_entity_src_gen.pdbx_host_org_organ                ? 
_entity_src_gen.host_org_species                   ? 
_entity_src_gen.pdbx_host_org_tissue               ? 
_entity_src_gen.pdbx_host_org_tissue_fraction      ? 
_entity_src_gen.pdbx_host_org_strain               ? 
_entity_src_gen.pdbx_host_org_variant              ? 
_entity_src_gen.pdbx_host_org_cell_line            ? 
_entity_src_gen.pdbx_host_org_atcc                 ? 
_entity_src_gen.pdbx_host_org_culture_collection   ? 
_entity_src_gen.pdbx_host_org_cell                 ? 
_entity_src_gen.pdbx_host_org_organelle            ? 
_entity_src_gen.pdbx_host_org_cellular_location    ? 
_entity_src_gen.pdbx_host_org_vector_type          ? 
_entity_src_gen.pdbx_host_org_vector               ? 
_entity_src_gen.host_org_details                   ? 
_entity_src_gen.expression_system_id               ? 
_entity_src_gen.plasmid_name                       ? 
_entity_src_gen.plasmid_details                    ? 
_entity_src_gen.pdbx_description                   ? 
# 
_struct_ref.id                         1 
_struct_ref.entity_id                  1 
_struct_ref.db_name                    UNP 
_struct_ref.pdbx_db_accession          P04587 
_struct_ref.db_code                    POL_HV1B5 
_struct_ref.pdbx_align_begin           69 
_struct_ref.pdbx_seq_one_letter_code   
;PQITLWQRPLVTIKIGGQLKEALLDTGADDTVLEEMSLPGRWKPKMIGGIGGFIKVRQYDQILIEICGHKAIGTVLVGPT
PVNIIGRNLLTQIGCTLNF
;
_struct_ref.pdbx_db_isoform            ? 
# 
loop_
_struct_ref_seq.align_id 
_struct_ref_seq.ref_id 
_struct_ref_seq.pdbx_PDB_id_code 
_struct_ref_seq.pdbx_strand_id 
_struct_ref_seq.seq_align_beg 
_struct_ref_seq.pdbx_seq_align_beg_ins_code 
_struct_ref_seq.seq_align_end 
_struct_ref_seq.pdbx_seq_align_end_ins_code 
_struct_ref_seq.pdbx_db_accession 
_struct_ref_seq.db_align_beg 
_struct_ref_seq.pdbx_db_align_beg_ins_code 
_struct_ref_seq.db_align_end 
_struct_ref_seq.pdbx_db_align_end_ins_code 
_struct_ref_seq.pdbx_auth_seq_align_beg 
_struct_ref_seq.pdbx_auth_seq_align_end 
1 1 1G2K A 1 ? 99 ? P04587 69 ? 167 ? 1 99 
2 1 1G2K B 1 ? 99 ? P04587 69 ? 167 ? 1 99 
# 
loop_
_chem_comp.id 
_chem_comp.type 
_chem_comp.mon_nstd_flag 
_chem_comp.name 
_chem_comp.pdbx_synonyms 
_chem_comp.formula 
_chem_comp.formula_weight 
ALA 'L-peptide linking' y ALANINE ?      'C3 H7 N O2'      89.093  
ARG 'L-peptide linking' y ARGININE ?      'C6 H15 N4 O2 1'  175.209 
ASN 'L-peptide linking' y ASPARAGINE ?      'C4 H8 N2 O3'     132.118 
ASP 'L-peptide linking' y 'ASPARTIC ACID' ?      'C4 H7 N O4'      133.103 
CYS 'L-peptide linking' y CYSTEINE ?      'C3 H7 N O2 S'    121.158 
GLN 'L-peptide linking' y GLUTAMINE ?      'C5 H10 N2 O3'    146.144 
GLU 'L-peptide linking' y 'GLUTAMIC ACID' ?      'C5 H9 N O4'      147.129 
GLY 'peptide linking'   y GLYCINE ?      'C2 H5 N O2'      75.067  
HIS 'L-peptide linking' y HISTIDINE ?      'C6 H10 N3 O2 1'  156.162 
HOH non-polymer         . WATER ?      'H2 O'            18.015  
ILE 'L-peptide linking' y ISOLEUCINE ?      'C6 H13 N O2'     131.173 
LEU 'L-peptide linking' y LEUCINE ?      'C6 H13 N O2'     131.173 
LYS 'L-peptide linking' y LYSINE ?      'C6 H15 N2 O2 1'  147.195 
MET 'L-peptide linking' y METHIONINE ?      'C5 H11 N O2 S'   149.211 
NM1 non-polymer         . 
'3-(7-BENZYL-4,5-DIHYDROXY-1,1-DIOXO-3,6-BIS-PHENOXYMETHYL-1L6-[1,2,7]THIADIAZEPAN-2-YLMETHYL)-N-METHYL-BENZAMIDE' AHA047 
'C34 H37 N3 O7 S' 631.738 
PHE 'L-peptide linking' y PHENYLALANINE ?      'C9 H11 N O2'     165.189 
PRO 'L-peptide linking' y PROLINE ?      'C5 H9 N O2'      115.130 
SER 'L-peptide linking' y SERINE ?      'C3 H7 N O3'      105.093 
THR 'L-peptide linking' y THREONINE ?      'C4 H9 N O3'      119.119 
TRP 'L-peptide linking' y TRYPTOPHAN ?      'C11 H12 N2 O2'   204.225 
TYR 'L-peptide linking' y TYROSINE ?      'C9 H11 N O3'     181.189 
VAL 'L-peptide linking' y VALINE ?      'C5 H11 N O2'     117.146 
# 
_exptl.entry_id          1G2K 
_exptl.method            'X-RAY DIFFRACTION' 
_exptl.crystals_number   7 
# 
_exptl_crystal.id                    1 
_exptl_crystal.density_meas          ? 
_exptl_crystal.density_Matthews      2.74 
_exptl_crystal.density_percent_sol   55.12 
_exptl_crystal.description           ? 
# 
_exptl_crystal_grow.crystal_id      1 
_exptl_crystal_grow.method          'VAPOR DIFFUSION, HANGING DROP' 
_exptl_crystal_grow.temp            277 
_exptl_crystal_grow.temp_details    ? 
_exptl_crystal_grow.pH              5.5 
_exptl_crystal_grow.pdbx_details    '50 mM MES, 0.4 M NaCl, pH 5.5, VAPOR DIFFUSION, HANGING DROP at 277K' 
_exptl_crystal_grow.pdbx_pH_range   . 
# 
_diffrn.id                     1 
_diffrn.ambient_temp           278 
_diffrn.ambient_temp_details   ? 
_diffrn.crystal_id             1 
# 
_diffrn_detector.diffrn_id              1 
_diffrn_detector.detector               CCD 
_diffrn_detector.type                   ? 
_diffrn_detector.pdbx_collection_date   1999-09-20 
_diffrn_detector.details                mirrors 
# 
_diffrn_radiation.diffrn_id                        1 
_diffrn_radiation.wavelength_id                    1 
_diffrn_radiation.pdbx_monochromatic_or_laue_m_l   M 
_diffrn_radiation.monochromator                    ? 
_diffrn_radiation.pdbx_diffrn_protocol             'SINGLE WAVELENGTH' 
_diffrn_radiation.pdbx_scattering_type             x-ray 
# 
_diffrn_radiation_wavelength.id           1 
_diffrn_radiation_wavelength.wavelength   0.931 
_diffrn_radiation_wavelength.wt           1.0 
# 
_diffrn_source.diffrn_id                   1 
_diffrn_source.source                      SYNCHROTRON 
_diffrn_source.type                        'ESRF BEAMLINE BM14' 
_diffrn_source.pdbx_synchrotron_site       ESRF 
_diffrn_source.pdbx_synchrotron_beamline   BM14 
_diffrn_source.pdbx_wavelength             ? 
_diffrn_source.pdbx_wavelength_list        0.931 
# 
_reflns.entry_id                     1G2K 
_reflns.observed_criterion_sigma_I   ? 
_reflns.observed_criterion_sigma_F   ? 
_reflns.d_resolution_low             50 
_reflns.d_resolution_high            1.95 
_reflns.number_obs                   17947 
_reflns.number_all                   ? 
_reflns.percent_possible_obs         81.7 
_reflns.pdbx_Rmerge_I_obs            0.0560000 
_reflns.pdbx_Rsym_value              ? 
_reflns.pdbx_netI_over_sigmaI        ? 
_reflns.B_iso_Wilson_estimate        ? 
_reflns.pdbx_redundancy              5.8 
_reflns.R_free_details               ? 
_reflns.limit_h_max                  ? 
_reflns.limit_h_min                  ? 
_reflns.limit_k_max                  ? 
_reflns.limit_k_min                  ? 
_reflns.limit_l_max                  ? 
_reflns.limit_l_min                  ? 
_reflns.observed_criterion_F_max     ? 
_reflns.observed_criterion_F_min     ? 
_reflns.pdbx_diffrn_id               1 
_reflns.pdbx_ordinal                 1 
# 
_reflns_shell.d_res_high             1.95 
_reflns_shell.d_res_low              2.02 
_reflns_shell.percent_possible_all   83.7 
_reflns_shell.Rmerge_I_obs           ? 
_reflns_shell.pdbx_Rsym_value        ? 
_reflns_shell.meanI_over_sigI_obs    5.36 
_reflns_shell.pdbx_redundancy        5.1 
_reflns_shell.percent_possible_obs   ? 
_reflns_shell.number_unique_all      288 
_reflns_shell.pdbx_diffrn_id         ? 
_reflns_shell.pdbx_ordinal           1 
# 
_refine.entry_id                                 1G2K 
_refine.ls_number_reflns_obs                     14608 
_refine.ls_number_reflns_all                     17947 
_refine.pdbx_ls_sigma_I                          ? 
_refine.pdbx_ls_sigma_F                          ? 
_refine.pdbx_data_cutoff_high_absF               ? 
_refine.pdbx_data_cutoff_low_absF                ? 
_refine.ls_d_res_low                             6.0 
_refine.ls_d_res_high                            1.95 
_refine.ls_percent_reflns_obs                    81.4 
_refine.ls_R_factor_obs                          0.2000000 
_refine.ls_R_factor_all                          ? 
_refine.ls_R_factor_R_work                       ? 
_refine.ls_R_factor_R_free                       0.2400000 
_refine.ls_R_factor_R_free_error                 ? 
_refine.ls_R_factor_R_free_error_details         ? 
_refine.ls_percent_reflns_R_free                 5.3 
_refine.ls_number_reflns_R_free                  776 
_refine.ls_number_parameters                     ? 
_refine.ls_number_restraints                     ? 
_refine.occupancy_min                            ? 
_refine.occupancy_max                            ? 
_refine.B_iso_mean                               1.337 
_refine.aniso_B[1][1]                            ? 
_refine.aniso_B[2][2]                            ? 
_refine.aniso_B[3][3]                            ? 
_refine.aniso_B[1][2]                            ? 
_refine.aniso_B[1][3]                            ? 
_refine.aniso_B[2][3]                            ? 
_refine.solvent_model_details                    ? 
_refine.solvent_model_param_ksol                 ? 
_refine.solvent_model_param_bsol                 ? 
_refine.pdbx_ls_cross_valid_method               THROUGHOUT 
_refine.details                                  ? 
_refine.pdbx_starting_model                      'PDB entry 1ajx' 
_refine.pdbx_method_to_determine_struct          'MOLECULAR REPLACEMENT' 
_refine.pdbx_isotropic_thermal_model             Isotropic 
_refine.pdbx_stereochemistry_target_values       'Engh & Huber' 
_refine.pdbx_stereochem_target_val_spec_case     ? 
_refine.pdbx_R_Free_selection_details            random 
_refine.pdbx_overall_ESU_R_Free                  ? 
_refine.overall_SU_B                             ? 
_refine.ls_redundancy_reflns_obs                 ? 
_refine.B_iso_min                                ? 
_refine.B_iso_max                                ? 
_refine.overall_SU_ML                            ? 
_refine.pdbx_overall_ESU_R                       ? 
_refine.pdbx_data_cutoff_high_rms_absF           ? 
_refine.correlation_coeff_Fo_to_Fc               ? 
_refine.correlation_coeff_Fo_to_Fc_free          ? 
_refine.overall_SU_R_Cruickshank_DPI             ? 
_refine.overall_SU_R_free                        ? 
_refine.pdbx_refine_id                           'X-RAY DIFFRACTION' 
_refine.pdbx_diffrn_id                           1 
_refine.pdbx_TLS_residual_ADP_flag               ? 
_refine.pdbx_solvent_vdw_probe_radii             ? 
_refine.pdbx_solvent_ion_probe_radii             ? 
_refine.pdbx_solvent_shrinkage_radii             ? 
_refine.pdbx_overall_phase_error                 ? 
_refine.pdbx_overall_SU_R_free_Cruickshank_DPI   ? 
_refine.pdbx_overall_SU_R_Blow_DPI               ? 
_refine.pdbx_overall_SU_R_free_Blow_DPI          ? 
# 
_refine_hist.pdbx_refine_id                   'X-RAY DIFFRACTION' 
_refine_hist.cycle_id                         LAST 
_refine_hist.pdbx_number_atoms_protein        1516 
_refine_hist.pdbx_number_atoms_nucleic_acid   0 
_refine_hist.pdbx_number_atoms_ligand         45 
_refine_hist.number_atoms_solvent             72 
_refine_hist.number_atoms_total               1633 
_refine_hist.d_res_high                       1.95 
_refine_hist.d_res_low                        6.0 
# 
loop_
_refine_ls_restr.type 
_refine_ls_restr.dev_ideal 
_refine_ls_restr.dev_ideal_target 
_refine_ls_restr.weight 
_refine_ls_restr.number 
_refine_ls_restr.pdbx_refine_id 
_refine_ls_restr.pdbx_restraint_function 
c_bond_d           0.0063 ? ? ? 'X-RAY DIFFRACTION' ? 
c_angle_deg        1.27   ? ? ? 'X-RAY DIFFRACTION' ? 
c_dihedral_angle_d 25.2   ? ? ? 'X-RAY DIFFRACTION' ? 
c_improper_angle_d 0.71   ? ? ? 'X-RAY DIFFRACTION' ? 
# 
_struct.entry_id                  1G2K 
_struct.title                     'HIV-1 PROTEASE WITH CYCLIC SULFAMIDE INHIBITOR, AHA047' 
_struct.pdbx_model_details        ? 
_struct.pdbx_CASP_flag            ? 
_struct.pdbx_model_type_details   ? 
# 
_struct_keywords.entry_id        1G2K 
_struct_keywords.pdbx_keywords   HYDROLASE 
_struct_keywords.text            'HIV, Protease Inhibitors, hydrolase' 
# 
loop_
_struct_asym.id 
_struct_asym.pdbx_blank_PDB_chainid_flag 
_struct_asym.pdbx_modified 
_struct_asym.entity_id 
_struct_asym.details 
A N N 1 ? 
B N N 1 ? 
C N N 2 ? 
D N N 3 ? 
E N N 3 ? 
# 
_struct_biol.id                    1 
_struct_biol.pdbx_parent_biol_id   ? 
_struct_biol.details               ? 
# 
loop_
_struct_conf.conf_type_id 
_struct_conf.id 
_struct_conf.pdbx_PDB_helix_id 
_struct_conf.beg_label_comp_id 
_struct_conf.beg_label_asym_id 
_struct_conf.beg_label_seq_id 
_struct_conf.pdbx_beg_PDB_ins_code 
_struct_conf.end_label_comp_id 
_struct_conf.end_label_asym_id 
_struct_conf.end_label_seq_id 
_struct_conf.pdbx_end_PDB_ins_code 
_struct_conf.beg_auth_comp_id 
_struct_conf.beg_auth_asym_id 
_struct_conf.beg_auth_seq_id 
_struct_conf.end_auth_comp_id 
_struct_conf.end_auth_asym_id 
_struct_conf.end_auth_seq_id 
_struct_conf.pdbx_PDB_helix_class 
_struct_conf.details 
_struct_conf.pdbx_PDB_helix_length 
HELX_P HELX_P1 1 GLY A 86 ? THR A 91 ? GLY A 86 THR A 91 1 ? 6 
HELX_P HELX_P2 2 GLN A 92 ? GLY A 94 ? GLN A 92 GLY A 94 5 ? 3 
HELX_P HELX_P3 3 GLY B 86 ? THR B 91 ? GLY B 86 THR B 91 1 ? 6 
# 
_struct_conf_type.id          HELX_P 
_struct_conf_type.criteria    ? 
_struct_conf_type.reference   ? 
# 
_struct_sheet.id               A 
_struct_sheet.type             ? 
_struct_sheet.number_strands   4 
_struct_sheet.details          ? 
# 
loop_
_struct_sheet_order.sheet_id 
_struct_sheet_order.range_id_1 
_struct_sheet_order.range_id_2 
_struct_sheet_order.offset 
_struct_sheet_order.sense 
A 1 2 ? anti-parallel 
A 2 3 ? anti-parallel 
A 3 4 ? anti-parallel 
# 
loop_
_struct_sheet_range.sheet_id 
_struct_sheet_range.id 
_struct_sheet_range.beg_label_comp_id 
_struct_sheet_range.beg_label_asym_id 
_struct_sheet_range.beg_label_seq_id 
_struct_sheet_range.pdbx_beg_PDB_ins_code 
_struct_sheet_range.end_label_comp_id 
_struct_sheet_range.end_label_asym_id 
_struct_sheet_range.end_label_seq_id 
_struct_sheet_range.pdbx_end_PDB_ins_code 
_struct_sheet_range.beg_auth_comp_id 
_struct_sheet_range.beg_auth_asym_id 
_struct_sheet_range.beg_auth_seq_id 
_struct_sheet_range.end_auth_comp_id 
_struct_sheet_range.end_auth_asym_id 
_struct_sheet_range.end_auth_seq_id 
A 1 GLN A 2  ? ILE A 3  ? GLN A 2  ILE A 3  
A 2 THR B 96 ? ASN B 98 ? THR B 96 ASN B 98 
A 3 THR A 96 ? ASN A 98 ? THR A 96 ASN A 98 
A 4 GLN B 2  ? ILE B 3  ? GLN B 2  ILE B 3  
# 
loop_
_pdbx_struct_sheet_hbond.sheet_id 
_pdbx_struct_sheet_hbond.range_id_1 
_pdbx_struct_sheet_hbond.range_id_2 
_pdbx_struct_sheet_hbond.range_1_label_atom_id 
_pdbx_struct_sheet_hbond.range_1_label_comp_id 
_pdbx_struct_sheet_hbond.range_1_label_asym_id 
_pdbx_struct_sheet_hbond.range_1_label_seq_id 
_pdbx_struct_sheet_hbond.range_1_PDB_ins_code 
_pdbx_struct_sheet_hbond.range_1_auth_atom_id 
_pdbx_struct_sheet_hbond.range_1_auth_comp_id 
_pdbx_struct_sheet_hbond.range_1_auth_asym_id 
_pdbx_struct_sheet_hbond.range_1_auth_seq_id 
_pdbx_struct_sheet_hbond.range_2_label_atom_id 
_pdbx_struct_sheet_hbond.range_2_label_comp_id 
_pdbx_struct_sheet_hbond.range_2_label_asym_id 
_pdbx_struct_sheet_hbond.range_2_label_seq_id 
_pdbx_struct_sheet_hbond.range_2_PDB_ins_code 
_pdbx_struct_sheet_hbond.range_2_auth_atom_id 
_pdbx_struct_sheet_hbond.range_2_auth_comp_id 
_pdbx_struct_sheet_hbond.range_2_auth_asym_id 
_pdbx_struct_sheet_hbond.range_2_auth_seq_id 
A 1 2 N ILE A 3  ? N ILE A 3  O LEU B 97 ? O LEU B 97 
A 2 3 O ASN B 98 ? O ASN B 98 N THR A 96 ? N THR A 96 
A 3 4 O LEU A 97 ? O LEU A 97 N ILE B 3  ? N ILE B 3  
# 
_struct_site.id                   AC1 
_struct_site.pdbx_evidence_code   Software 
_struct_site.pdbx_auth_asym_id    B 
_struct_site.pdbx_auth_comp_id    NM1 
_struct_site.pdbx_auth_seq_id     501 
_struct_site.pdbx_auth_ins_code   ? 
_struct_site.pdbx_num_residues    20 
_struct_site.details              'BINDING SITE FOR RESIDUE NM1 B 501' 
# 
loop_
_struct_site_gen.id 
_struct_site_gen.site_id 
_struct_site_gen.pdbx_num_res 
_struct_site_gen.label_comp_id 
_struct_site_gen.label_asym_id 
_struct_site_gen.label_seq_id 
_struct_site_gen.pdbx_auth_ins_code 
_struct_site_gen.auth_comp_id 
_struct_site_gen.auth_asym_id 
_struct_site_gen.auth_seq_id 
_struct_site_gen.label_atom_id 
_struct_site_gen.label_alt_id 
_struct_site_gen.symmetry 
_struct_site_gen.details 
1  AC1 20 ASP A 25 ? ASP A 25   . ? 1_555 ? 
2  AC1 20 GLY A 27 ? GLY A 27   . ? 1_555 ? 
3  AC1 20 ALA A 28 ? ALA A 28   . ? 1_555 ? 
4  AC1 20 ASP A 29 ? ASP A 29   . ? 1_555 ? 
5  AC1 20 ASP A 30 ? ASP A 30   . ? 1_555 ? 
6  AC1 20 GLY A 49 ? GLY A 49   . ? 1_555 ? 
7  AC1 20 ILE A 50 ? ILE A 50   . ? 1_555 ? 
8  AC1 20 VAL A 82 ? VAL A 82   . ? 1_555 ? 
9  AC1 20 HOH D .  ? HOH A 3071 . ? 1_555 ? 
10 AC1 20 ARG B 8  ? ARG B 8    . ? 1_555 ? 
11 AC1 20 ASP B 25 ? ASP B 25   . ? 1_555 ? 
12 AC1 20 GLY B 27 ? GLY B 27   . ? 1_555 ? 
13 AC1 20 ALA B 28 ? ALA B 28   . ? 1_555 ? 
14 AC1 20 ASP B 29 ? ASP B 29   . ? 1_555 ? 
15 AC1 20 ASP B 30 ? ASP B 30   . ? 1_555 ? 
16 AC1 20 VAL B 32 ? VAL B 32   . ? 1_555 ? 
17 AC1 20 GLY B 49 ? GLY B 49   . ? 1_555 ? 
18 AC1 20 ILE B 50 ? ILE B 50   . ? 1_555 ? 
19 AC1 20 PRO B 81 ? PRO B 81   . ? 1_555 ? 
20 AC1 20 ILE B 84 ? ILE B 84   . ? 1_555 ? 
# 
_atom_sites.entry_id                    1G2K 
_atom_sites.fract_transf_matrix[1][1]   0.01064933 
_atom_sites.fract_transf_matrix[1][2]   0.01207647 
_atom_sites.fract_transf_matrix[1][3]   -0.00573472 
_atom_sites.fract_transf_matrix[2][1]   0.00173786 
_atom_sites.fract_transf_matrix[2][2]   -0.00609758 
_atom_sites.fract_transf_matrix[2][3]   -0.00961341 
_atom_sites.fract_transf_matrix[3][1]   -0.01645244 
_atom_sites.fract_transf_matrix[3][2]   0.01006444 
_atom_sites.fract_transf_matrix[3][3]   -0.00935784 
_atom_sites.fract_transf_vector[1]      0.267231 
_atom_sites.fract_transf_vector[2]      0.306395 
_atom_sites.fract_transf_vector[3]      0.077393 
# 
loop_
_atom_type.symbol 
C 
N 
O 
S 
# 
loop_
_atom_site.group_PDB 
_atom_site.id 
_atom_site.type_symbol 
_atom_site.label_atom_id 
_atom_site.label_alt_id 
_atom_site.label_comp_id 
_atom_site.label_asym_id 
_atom_site.label_entity_id 
_atom_site.label_seq_id 
_atom_site.pdbx_PDB_ins_code 
_atom_site.Cartn_x 
_atom_site.Cartn_y 
_atom_site.Cartn_z 
_atom_site.occupancy 
_atom_site.B_iso_or_equiv 
_atom_site.pdbx_formal_charge 
_atom_site.auth_seq_id 
_atom_site.auth_comp_id 
_atom_site.auth_asym_id 
_atom_site.auth_atom_id 
_atom_site.pdbx_PDB_model_num 
ATOM   1    N N   . PRO A 1 1  ? 9.024   3.105   -16.555 1.00 37.39 ? 1    PRO A N   1 
ATOM   2    C CA  . PRO A 1 1  ? 9.919   4.039   -15.841 1.00 36.88 ? 1    PRO A CA  1 
ATOM   3    C C   . PRO A 1 1  ? 10.295  3.495   -14.467 1.00 36.33 ? 1    PRO A C   1 
ATOM   4    O O   . PRO A 1 1  ? 9.854   2.412   -14.073 1.00 34.42 ? 1    PRO A O   1 
ATOM   5    C CB  . PRO A 1 1  ? 9.160   5.347   -15.701 1.00 36.31 ? 1    PRO A CB  1 
ATOM   6    C CG  . PRO A 1 1  ? 7.729   4.846   -15.643 1.00 37.46 ? 1    PRO A CG  1 
ATOM   7    C CD  . PRO A 1 1  ? 7.678   3.698   -16.669 1.00 37.91 ? 1    PRO A CD  1 
ATOM   8    N N   . GLN A 1 2  ? 11.124  4.249   -13.750 1.00 34.71 ? 2    GLN A N   1 
ATOM   9    C CA  . GLN A 1 2  ? 11.540  3.862   -12.412 1.00 33.84 ? 2    GLN A CA  1 
ATOM   10   C C   . GLN A 1 2  ? 11.023  4.933   -11.467 1.00 32.77 ? 2    GLN A C   1 
ATOM   11   O O   . GLN A 1 2  ? 11.364  6.108   -11.596 1.00 31.64 ? 2    GLN A O   1 
ATOM   12   C CB  . GLN A 1 2  ? 13.063  3.768   -12.309 1.00 36.48 ? 2    GLN A CB  1 
ATOM   13   C CG  . GLN A 1 2  ? 13.540  3.306   -10.938 1.00 39.84 ? 2    GLN A CG  1 
ATOM   14   C CD  . GLN A 1 2  ? 15.037  3.082   -10.873 1.00 41.98 ? 2    GLN A CD  1 
ATOM   15   O OE1 . GLN A 1 2  ? 15.823  4.026   -10.941 1.00 44.06 ? 2    GLN A OE1 1 
ATOM   16   N NE2 . GLN A 1 2  ? 15.440  1.821   -10.740 1.00 43.18 ? 2    GLN A NE2 1 
ATOM   17   N N   . ILE A 1 3  ? 10.194  4.522   -10.515 1.00 29.16 ? 3    ILE A N   1 
ATOM   18   C CA  . ILE A 1 3  ? 9.613   5.458   -9.574  1.00 27.88 ? 3    ILE A CA  1 
ATOM   19   C C   . ILE A 1 3  ? 10.252  5.351   -8.192  1.00 27.42 ? 3    ILE A C   1 
ATOM   20   O O   . ILE A 1 3  ? 10.258  4.283   -7.582  1.00 25.09 ? 3    ILE A O   1 
ATOM   21   C CB  . ILE A 1 3  ? 8.089   5.225   -9.475  1.00 29.17 ? 3    ILE A CB  1 
ATOM   22   C CG1 . ILE A 1 3  ? 7.482   5.281   -10.883 1.00 29.83 ? 3    ILE A CG1 1 
ATOM   23   C CG2 . ILE A 1 3  ? 7.449   6.270   -8.569  1.00 29.54 ? 3    ILE A CG2 1 
ATOM   24   C CD1 . ILE A 1 3  ? 5.993   4.992   -10.938 1.00 30.80 ? 3    ILE A CD1 1 
ATOM   25   N N   . THR A 1 4  ? 10.808  6.460   -7.716  1.00 25.67 ? 4    THR A N   1 
ATOM   26   C CA  . THR A 1 4  ? 11.424  6.489   -6.394  1.00 26.40 ? 4    THR A CA  1 
ATOM   27   C C   . THR A 1 4  ? 10.308  6.729   -5.386  1.00 24.13 ? 4    THR A C   1 
ATOM   28   O O   . THR A 1 4  ? 9.217   7.176   -5.749  1.00 25.60 ? 4    THR A O   1 
ATOM   29   C CB  . THR A 1 4  ? 12.486  7.612   -6.272  1.00 27.65 ? 4    THR A CB  1 
ATOM   30   O OG1 . THR A 1 4  ? 11.870  8.886   -6.476  1.00 29.24 ? 4    THR A OG1 1 
ATOM   31   C CG2 . THR A 1 4  ? 13.587  7.406   -7.304  1.00 30.85 ? 4    THR A CG2 1 
ATOM   32   N N   . LEU A 1 5  ? 10.569  6.440   -4.121  1.00 23.17 ? 5    LEU A N   1 
ATOM   33   C CA  . LEU A 1 5  ? 9.533   6.595   -3.114  1.00 22.49 ? 5    LEU A CA  1 
ATOM   34   C C   . LEU A 1 5  ? 9.752   7.726   -2.113  1.00 21.42 ? 5    LEU A C   1 
ATOM   35   O O   . LEU A 1 5  ? 9.273   7.657   -0.981  1.00 19.22 ? 5    LEU A O   1 
ATOM   36   C CB  . LEU A 1 5  ? 9.339   5.252   -2.391  1.00 22.34 ? 5    LEU A CB  1 
ATOM   37   C CG  . LEU A 1 5  ? 8.989   4.127   -3.379  1.00 23.41 ? 5    LEU A CG  1 
ATOM   38   C CD1 . LEU A 1 5  ? 9.114   2.756   -2.720  1.00 22.82 ? 5    LEU A CD1 1 
ATOM   39   C CD2 . LEU A 1 5  ? 7.574   4.352   -3.902  1.00 24.74 ? 5    LEU A CD2 1 
ATOM   40   N N   . TRP A 1 6  ? 10.470  8.767   -2.531  1.00 21.18 ? 6    TRP A N   1 
ATOM   41   C CA  . TRP A 1 6  ? 10.697  9.915   -1.656  1.00 24.06 ? 6    TRP A CA  1 
ATOM   42   C C   . TRP A 1 6  ? 9.354   10.604  -1.471  1.00 23.60 ? 6    TRP A C   1 
ATOM   43   O O   . TRP A 1 6  ? 9.113   11.261  -0.465  1.00 23.33 ? 6    TRP A O   1 
ATOM   44   C CB  . TRP A 1 6  ? 11.681  10.904  -2.282  1.00 23.16 ? 6    TRP A CB  1 
ATOM   45   C CG  . TRP A 1 6  ? 13.072  10.386  -2.433  1.00 26.29 ? 6    TRP A CG  1 
ATOM   46   C CD1 . TRP A 1 6  ? 13.717  10.098  -3.603  1.00 26.66 ? 6    TRP A CD1 1 
ATOM   47   C CD2 . TRP A 1 6  ? 14.016  10.155  -1.386  1.00 26.87 ? 6    TRP A CD2 1 
ATOM   48   N NE1 . TRP A 1 6  ? 15.011  9.708   -3.347  1.00 29.90 ? 6    TRP A NE1 1 
ATOM   49   C CE2 . TRP A 1 6  ? 15.221  9.735   -1.993  1.00 28.85 ? 6    TRP A CE2 1 
ATOM   50   C CE3 . TRP A 1 6  ? 13.965  10.267  0.009   1.00 27.68 ? 6    TRP A CE3 1 
ATOM   51   C CZ2 . TRP A 1 6  ? 16.365  9.427   -1.252  1.00 31.09 ? 6    TRP A CZ2 1 
ATOM   52   C CZ3 . TRP A 1 6  ? 15.102  9.963   0.744   1.00 29.26 ? 6    TRP A CZ3 1 
ATOM   53   C CH2 . TRP A 1 6  ? 16.286  9.548   0.112   1.00 29.57 ? 6    TRP A CH2 1 
ATOM   54   N N   . GLN A 1 7  ? 8.488   10.459  -2.470  1.00 23.05 ? 7    GLN A N   1 
ATOM   55   C CA  . GLN A 1 7  ? 7.151   11.039  -2.422  1.00 24.26 ? 7    GLN A CA  1 
ATOM   56   C C   . GLN A 1 7  ? 6.163   9.920   -2.722  1.00 23.68 ? 7    GLN A C   1 
ATOM   57   O O   . GLN A 1 7  ? 6.559   8.839   -3.157  1.00 23.37 ? 7    GLN A O   1 
ATOM   58   C CB  . GLN A 1 7  ? 6.985   12.143  -3.476  1.00 26.69 ? 7    GLN A CB  1 
ATOM   59   C CG  . GLN A 1 7  ? 7.871   13.380  -3.291  1.00 31.71 ? 7    GLN A CG  1 
ATOM   60   C CD  . GLN A 1 7  ? 9.247   13.239  -3.926  1.00 32.64 ? 7    GLN A CD  1 
ATOM   61   O OE1 . GLN A 1 7  ? 9.371   12.860  -5.092  1.00 35.36 ? 7    GLN A OE1 1 
ATOM   62   N NE2 . GLN A 1 7  ? 10.288  13.565  -3.165  1.00 35.57 ? 7    GLN A NE2 1 
ATOM   63   N N   . ARG A 1 8  ? 4.882   10.174  -2.491  1.00 24.48 ? 8    ARG A N   1 
ATOM   64   C CA  . ARG A 1 8  ? 3.859   9.171   -2.774  1.00 24.72 ? 8    ARG A CA  1 
ATOM   65   C C   . ARG A 1 8  ? 3.887   8.868   -4.275  1.00 23.63 ? 8    ARG A C   1 
ATOM   66   O O   . ARG A 1 8  ? 4.004   9.784   -5.102  1.00 22.25 ? 8    ARG A O   1 
ATOM   67   C CB  . ARG A 1 8  ? 2.479   9.697   -2.384  1.00 25.54 ? 8    ARG A CB  1 
ATOM   68   C CG  . ARG A 1 8  ? 2.210   9.751   -0.891  1.00 29.87 ? 8    ARG A CG  1 
ATOM   69   C CD  . ARG A 1 8  ? 0.765   10.166  -0.639  1.00 33.06 ? 8    ARG A CD  1 
ATOM   70   N NE  . ARG A 1 8  ? 0.346   9.954   0.743   1.00 35.58 ? 8    ARG A NE  1 
ATOM   71   C CZ  . ARG A 1 8  ? -0.925  9.935   1.139   1.00 37.79 ? 8    ARG A CZ  1 
ATOM   72   N NH1 . ARG A 1 8  ? -1.900  10.116  0.255   1.00 37.55 ? 8    ARG A NH1 1 
ATOM   73   N NH2 . ARG A 1 8  ? -1.227  9.721   2.414   1.00 38.69 ? 8    ARG A NH2 1 
ATOM   74   N N   . PRO A 1 9  ? 3.800   7.581   -4.651  1.00 21.68 ? 9    PRO A N   1 
ATOM   75   C CA  . PRO A 1 9  ? 3.819   7.219   -6.070  1.00 23.16 ? 9    PRO A CA  1 
ATOM   76   C C   . PRO A 1 9  ? 2.462   7.419   -6.739  1.00 24.19 ? 9    PRO A C   1 
ATOM   77   O O   . PRO A 1 9  ? 1.703   6.468   -6.951  1.00 22.79 ? 9    PRO A O   1 
ATOM   78   C CB  . PRO A 1 9  ? 4.255   5.759   -6.043  1.00 22.42 ? 9    PRO A CB  1 
ATOM   79   C CG  . PRO A 1 9  ? 3.598   5.255   -4.791  1.00 21.31 ? 9    PRO A CG  1 
ATOM   80   C CD  . PRO A 1 9  ? 3.844   6.378   -3.796  1.00 22.15 ? 9    PRO A CD  1 
ATOM   81   N N   . LEU A 1 10 ? 2.163   8.671   -7.072  1.00 26.40 ? 10   LEU A N   1 
ATOM   82   C CA  . LEU A 1 10 ? 0.901   9.015   -7.723  1.00 27.55 ? 10   LEU A CA  1 
ATOM   83   C C   . LEU A 1 10 ? 1.078   9.021   -9.237  1.00 28.95 ? 10   LEU A C   1 
ATOM   84   O O   . LEU A 1 10 ? 2.086   9.503   -9.758  1.00 29.13 ? 10   LEU A O   1 
ATOM   85   C CB  . LEU A 1 10 ? 0.418   10.387  -7.246  1.00 28.26 ? 10   LEU A CB  1 
ATOM   86   C CG  . LEU A 1 10 ? 0.020   10.499  -5.771  1.00 29.78 ? 10   LEU A CG  1 
ATOM   87   C CD1 . LEU A 1 10 ? -0.189  11.958  -5.406  1.00 31.71 ? 10   LEU A CD1 1 
ATOM   88   C CD2 . LEU A 1 10 ? -1.243  9.693   -5.509  1.00 30.53 ? 10   LEU A CD2 1 
ATOM   89   N N   . VAL A 1 11 ? 0.096   8.468   -9.939  1.00 28.32 ? 11   VAL A N   1 
ATOM   90   C CA  . VAL A 1 11 ? 0.145   8.411   -11.393 1.00 28.21 ? 11   VAL A CA  1 
ATOM   91   C C   . VAL A 1 11 ? -1.216  8.769   -11.948 1.00 27.84 ? 11   VAL A C   1 
ATOM   92   O O   . VAL A 1 11 ? -2.211  8.769   -11.223 1.00 28.23 ? 11   VAL A O   1 
ATOM   93   C CB  . VAL A 1 11 ? 0.523   6.996   -11.903 1.00 27.52 ? 11   VAL A CB  1 
ATOM   94   C CG1 . VAL A 1 11 ? 1.860   6.571   -11.324 1.00 29.84 ? 11   VAL A CG1 1 
ATOM   95   C CG2 . VAL A 1 11 ? -0.562  5.993   -11.526 1.00 28.74 ? 11   VAL A CG2 1 
ATOM   96   N N   . THR A 1 12 ? -1.262  9.080   -13.236 1.00 29.07 ? 12   THR A N   1 
ATOM   97   C CA  . THR A 1 12 ? -2.519  9.420   -13.871 1.00 29.63 ? 12   THR A CA  1 
ATOM   98   C C   . THR A 1 12 ? -3.076  8.159   -14.506 1.00 29.99 ? 12   THR A C   1 
ATOM   99   O O   . THR A 1 12 ? -2.337  7.371   -15.091 1.00 30.40 ? 12   THR A O   1 
ATOM   100  C CB  . THR A 1 12 ? -2.329  10.485  -14.969 1.00 30.34 ? 12   THR A CB  1 
ATOM   101  O OG1 . THR A 1 12 ? -1.744  11.656  -14.396 1.00 32.72 ? 12   THR A OG1 1 
ATOM   102  C CG2 . THR A 1 12 ? -3.666  10.856  -15.592 1.00 32.10 ? 12   THR A CG2 1 
ATOM   103  N N   . ILE A 1 13 ? -4.379  7.951   -14.366 1.00 29.09 ? 13   ILE A N   1 
ATOM   104  C CA  . ILE A 1 13 ? -5.005  6.791   -14.962 1.00 29.85 ? 13   ILE A CA  1 
ATOM   105  C C   . ILE A 1 13 ? -6.197  7.269   -15.763 1.00 31.05 ? 13   ILE A C   1 
ATOM   106  O O   . ILE A 1 13 ? -6.736  8.345   -15.513 1.00 31.50 ? 13   ILE A O   1 
ATOM   107  C CB  . ILE A 1 13 ? -5.506  5.773   -13.907 1.00 29.56 ? 13   ILE A CB  1 
ATOM   108  C CG1 . ILE A 1 13 ? -6.643  6.383   -13.085 1.00 29.50 ? 13   ILE A CG1 1 
ATOM   109  C CG2 . ILE A 1 13 ? -4.356  5.345   -13.005 1.00 27.71 ? 13   ILE A CG2 1 
ATOM   110  C CD1 . ILE A 1 13 ? -7.445  5.362   -12.319 1.00 29.42 ? 13   ILE A CD1 1 
ATOM   111  N N   . LYS A 1 14 ? -6.591  6.471   -16.744 1.00 32.03 ? 14   LYS A N   1 
ATOM   112  C CA  . LYS A 1 14 ? -7.737  6.799   -17.568 1.00 33.60 ? 14   LYS A CA  1 
ATOM   113  C C   . LYS A 1 14 ? -8.718  5.644   -17.436 1.00 33.87 ? 14   LYS A C   1 
ATOM   114  O O   . LYS A 1 14 ? -8.364  4.485   -17.663 1.00 32.28 ? 14   LYS A O   1 
ATOM   115  C CB  . LYS A 1 14 ? -7.308  6.980   -19.026 1.00 36.66 ? 14   LYS A CB  1 
ATOM   116  C CG  . LYS A 1 14 ? -8.446  7.319   -19.976 1.00 40.73 ? 14   LYS A CG  1 
ATOM   117  C CD  . LYS A 1 14 ? -7.936  7.458   -21.406 1.00 44.85 ? 14   LYS A CD  1 
ATOM   118  C CE  . LYS A 1 14 ? -9.077  7.695   -22.389 1.00 47.15 ? 14   LYS A CE  1 
ATOM   119  N NZ  . LYS A 1 14 ? -9.824  8.951   -22.094 1.00 48.24 ? 14   LYS A NZ  1 
ATOM   120  N N   . ILE A 1 15 ? -9.944  5.965   -17.040 1.00 34.13 ? 15   ILE A N   1 
ATOM   121  C CA  . ILE A 1 15 ? -10.983 4.963   -16.873 1.00 36.61 ? 15   ILE A CA  1 
ATOM   122  C C   . ILE A 1 15 ? -12.327 5.586   -17.220 1.00 38.55 ? 15   ILE A C   1 
ATOM   123  O O   . ILE A 1 15 ? -12.688 6.645   -16.704 1.00 39.15 ? 15   ILE A O   1 
ATOM   124  C CB  . ILE A 1 15 ? -11.009 4.417   -15.421 1.00 35.47 ? 15   ILE A CB  1 
ATOM   125  C CG1 . ILE A 1 15 ? -12.143 3.403   -15.267 1.00 35.12 ? 15   ILE A CG1 1 
ATOM   126  C CG2 . ILE A 1 15 ? -11.167 5.565   -14.426 1.00 36.72 ? 15   ILE A CG2 1 
ATOM   127  C CD1 . ILE A 1 15 ? -12.114 2.648   -13.950 1.00 34.21 ? 15   ILE A CD1 1 
ATOM   128  N N   . GLY A 1 16 ? -13.064 4.932   -18.111 1.00 41.71 ? 16   GLY A N   1 
ATOM   129  C CA  . GLY A 1 16 ? -14.351 5.458   -18.521 1.00 43.61 ? 16   GLY A CA  1 
ATOM   130  C C   . GLY A 1 16 ? -14.155 6.789   -19.219 1.00 44.41 ? 16   GLY A C   1 
ATOM   131  O O   . GLY A 1 16 ? -15.019 7.665   -19.164 1.00 45.73 ? 16   GLY A O   1 
ATOM   132  N N   . GLY A 1 17 ? -13.007 6.942   -19.873 1.00 44.62 ? 17   GLY A N   1 
ATOM   133  C CA  . GLY A 1 17 ? -12.709 8.175   -20.575 1.00 45.28 ? 17   GLY A CA  1 
ATOM   134  C C   . GLY A 1 17 ? -12.288 9.294   -19.638 1.00 45.83 ? 17   GLY A C   1 
ATOM   135  O O   . GLY A 1 17 ? -11.775 10.322  -20.078 1.00 46.21 ? 17   GLY A O   1 
ATOM   136  N N   . GLN A 1 18 ? -12.503 9.092   -18.342 1.00 45.70 ? 18   GLN A N   1 
ATOM   137  C CA  . GLN A 1 18 ? -12.150 10.091  -17.339 1.00 45.12 ? 18   GLN A CA  1 
ATOM   138  C C   . GLN A 1 18 ? -10.707 9.941   -16.866 1.00 44.19 ? 18   GLN A C   1 
ATOM   139  O O   . GLN A 1 18 ? -10.187 8.828   -16.757 1.00 43.06 ? 18   GLN A O   1 
ATOM   140  C CB  . GLN A 1 18 ? -13.084 9.970   -16.133 1.00 46.93 ? 18   GLN A CB  1 
ATOM   141  C CG  . GLN A 1 18 ? -14.563 10.090  -16.462 1.00 48.95 ? 18   GLN A CG  1 
ATOM   142  C CD  . GLN A 1 18 ? -15.451 9.745   -15.279 1.00 50.69 ? 18   GLN A CD  1 
ATOM   143  O OE1 . GLN A 1 18 ? -15.391 10.389  -14.231 1.00 51.30 ? 18   GLN A OE1 1 
ATOM   144  N NE2 . GLN A 1 18 ? -16.279 8.719   -15.441 1.00 51.88 ? 18   GLN A NE2 1 
ATOM   145  N N   . LEU A 1 19 ? -10.061 11.071  -16.594 1.00 42.79 ? 19   LEU A N   1 
ATOM   146  C CA  . LEU A 1 19 ? -8.691  11.069  -16.098 1.00 41.97 ? 19   LEU A CA  1 
ATOM   147  C C   . LEU A 1 19 ? -8.738  11.227  -14.586 1.00 40.86 ? 19   LEU A C   1 
ATOM   148  O O   . LEU A 1 19 ? -9.568  11.967  -14.054 1.00 41.60 ? 19   LEU A O   1 
ATOM   149  C CB  . LEU A 1 19 ? -7.886  12.214  -16.714 1.00 42.85 ? 19   LEU A CB  1 
ATOM   150  C CG  . LEU A 1 19 ? -7.404  12.008  -18.151 1.00 43.64 ? 19   LEU A CG  1 
ATOM   151  C CD1 . LEU A 1 19 ? -6.683  13.258  -18.634 1.00 44.85 ? 19   LEU A CD1 1 
ATOM   152  C CD2 . LEU A 1 19 ? -6.479  10.804  -18.207 1.00 43.73 ? 19   LEU A CD2 1 
ATOM   153  N N   . LYS A 1 20 ? -7.855  10.523  -13.892 1.00 39.02 ? 20   LYS A N   1 
ATOM   154  C CA  . LYS A 1 20 ? -7.817  10.585  -12.438 1.00 36.79 ? 20   LYS A CA  1 
ATOM   155  C C   . LYS A 1 20 ? -6.415  10.323  -11.922 1.00 34.90 ? 20   LYS A C   1 
ATOM   156  O O   . LYS A 1 20 ? -5.582  9.742   -12.619 1.00 35.35 ? 20   LYS A O   1 
ATOM   157  C CB  . LYS A 1 20 ? -8.779  9.554   -11.840 1.00 37.04 ? 20   LYS A CB  1 
ATOM   158  C CG  . LYS A 1 20 ? -10.254 9.879   -12.029 1.00 39.56 ? 20   LYS A CG  1 
ATOM   159  C CD  . LYS A 1 20 ? -11.135 8.743   -11.535 1.00 40.00 ? 20   LYS A CD  1 
ATOM   160  C CE  . LYS A 1 20 ? -12.609 9.130   -11.545 1.00 41.63 ? 20   LYS A CE  1 
ATOM   161  N NZ  . LYS A 1 20 ? -12.911 10.226  -10.575 1.00 44.36 ? 20   LYS A NZ  1 
ATOM   162  N N   . GLU A 1 21 ? -6.159  10.767  -10.696 1.00 32.38 ? 21   GLU A N   1 
ATOM   163  C CA  . GLU A 1 21 ? -4.864  10.567  -10.062 1.00 30.84 ? 21   GLU A CA  1 
ATOM   164  C C   . GLU A 1 21 ? -5.026  9.376   -9.117  1.00 28.37 ? 21   GLU A C   1 
ATOM   165  O O   . GLU A 1 21 ? -6.004  9.291   -8.376  1.00 27.03 ? 21   GLU A O   1 
ATOM   166  C CB  . GLU A 1 21 ? -4.464  11.819  -9.285  1.00 34.07 ? 21   GLU A CB  1 
ATOM   167  C CG  . GLU A 1 21 ? -3.082  11.756  -8.669  1.00 37.03 ? 21   GLU A CG  1 
ATOM   168  C CD  . GLU A 1 21 ? -2.654  13.085  -8.084  1.00 39.54 ? 21   GLU A CD  1 
ATOM   169  O OE1 . GLU A 1 21 ? -3.312  13.557  -7.130  1.00 41.98 ? 21   GLU A OE1 1 
ATOM   170  O OE2 . GLU A 1 21 ? -1.660  13.657  -8.584  1.00 40.06 ? 21   GLU A OE2 1 
ATOM   171  N N   . ALA A 1 22 ? -4.082  8.448   -9.156  1.00 25.76 ? 22   ALA A N   1 
ATOM   172  C CA  . ALA A 1 22 ? -4.172  7.274   -8.301  1.00 23.96 ? 22   ALA A CA  1 
ATOM   173  C C   . ALA A 1 22 ? -2.833  6.910   -7.686  1.00 22.90 ? 22   ALA A C   1 
ATOM   174  O O   . ALA A 1 22 ? -1.776  7.214   -8.235  1.00 23.99 ? 22   ALA A O   1 
ATOM   175  C CB  . ALA A 1 22 ? -4.725  6.096   -9.095  1.00 21.94 ? 22   ALA A CB  1 
ATOM   176  N N   . LEU A 1 23 ? -2.899  6.247   -6.538  1.00 23.02 ? 23   LEU A N   1 
ATOM   177  C CA  . LEU A 1 23 ? -1.716  5.825   -5.804  1.00 22.32 ? 23   LEU A CA  1 
ATOM   178  C C   . LEU A 1 23 ? -1.345  4.377   -6.134  1.00 22.25 ? 23   LEU A C   1 
ATOM   179  O O   . LEU A 1 23 ? -2.202  3.490   -6.104  1.00 21.48 ? 23   LEU A O   1 
ATOM   180  C CB  . LEU A 1 23 ? -1.995  5.960   -4.307  1.00 23.18 ? 23   LEU A CB  1 
ATOM   181  C CG  . LEU A 1 23 ? -0.927  5.551   -3.299  1.00 22.97 ? 23   LEU A CG  1 
ATOM   182  C CD1 . LEU A 1 23 ? 0.282   6.460   -3.415  1.00 23.23 ? 23   LEU A CD1 1 
ATOM   183  C CD2 . LEU A 1 23 ? -1.527  5.631   -1.898  1.00 26.96 ? 23   LEU A CD2 1 
ATOM   184  N N   . LEU A 1 24 ? -0.078  4.133   -6.458  1.00 19.49 ? 24   LEU A N   1 
ATOM   185  C CA  . LEU A 1 24 ? 0.361   2.767   -6.746  1.00 20.13 ? 24   LEU A CA  1 
ATOM   186  C C   . LEU A 1 24 ? 0.607   2.166   -5.364  1.00 19.56 ? 24   LEU A C   1 
ATOM   187  O O   . LEU A 1 24 ? 1.497   2.606   -4.638  1.00 19.12 ? 24   LEU A O   1 
ATOM   188  C CB  . LEU A 1 24 ? 1.639   2.771   -7.589  1.00 20.85 ? 24   LEU A CB  1 
ATOM   189  C CG  . LEU A 1 24 ? 1.523   3.485   -8.942  1.00 19.50 ? 24   LEU A CG  1 
ATOM   190  C CD1 . LEU A 1 24 ? 2.802   3.281   -9.738  1.00 21.29 ? 24   LEU A CD1 1 
ATOM   191  C CD2 . LEU A 1 24 ? 0.322   2.941   -9.716  1.00 21.11 ? 24   LEU A CD2 1 
ATOM   192  N N   . ASP A 1 25 ? -0.190  1.159   -5.018  1.00 17.31 ? 25   ASP A N   1 
ATOM   193  C CA  . ASP A 1 25 ? -0.151  0.532   -3.700  1.00 18.34 ? 25   ASP A CA  1 
ATOM   194  C C   . ASP A 1 25 ? 0.157   -0.959  -3.736  1.00 16.39 ? 25   ASP A C   1 
ATOM   195  O O   . ASP A 1 25 ? -0.742  -1.772  -3.953  1.00 15.89 ? 25   ASP A O   1 
ATOM   196  C CB  . ASP A 1 25 ? -1.518  0.748   -3.055  1.00 18.29 ? 25   ASP A CB  1 
ATOM   197  C CG  . ASP A 1 25 ? -1.547  0.429   -1.581  1.00 20.80 ? 25   ASP A CG  1 
ATOM   198  O OD1 . ASP A 1 25 ? -0.738  -0.390  -1.098  1.00 20.64 ? 25   ASP A OD1 1 
ATOM   199  O OD2 . ASP A 1 25 ? -2.415  1.011   -0.902  1.00 22.27 ? 25   ASP A OD2 1 
ATOM   200  N N   . THR A 1 26 ? 1.414   -1.318  -3.494  1.00 16.58 ? 26   THR A N   1 
ATOM   201  C CA  . THR A 1 26 ? 1.825   -2.725  -3.511  1.00 15.38 ? 26   THR A CA  1 
ATOM   202  C C   . THR A 1 26 ? 1.230   -3.530  -2.357  1.00 17.05 ? 26   THR A C   1 
ATOM   203  O O   . THR A 1 26 ? 1.253   -4.760  -2.371  1.00 16.39 ? 26   THR A O   1 
ATOM   204  C CB  . THR A 1 26 ? 3.361   -2.861  -3.462  1.00 14.58 ? 26   THR A CB  1 
ATOM   205  O OG1 . THR A 1 26 ? 3.872   -2.230  -2.275  1.00 13.27 ? 26   THR A OG1 1 
ATOM   206  C CG2 . THR A 1 26 ? 3.981   -2.211  -4.681  1.00 13.69 ? 26   THR A CG2 1 
ATOM   207  N N   . GLY A 1 27 ? 0.698   -2.834  -1.356  1.00 17.53 ? 27   GLY A N   1 
ATOM   208  C CA  . GLY A 1 27 ? 0.105   -3.525  -0.228  1.00 17.97 ? 27   GLY A CA  1 
ATOM   209  C C   . GLY A 1 27 ? -1.345  -3.920  -0.474  1.00 17.81 ? 27   GLY A C   1 
ATOM   210  O O   . GLY A 1 27 ? -1.883  -4.776  0.218   1.00 17.09 ? 27   GLY A O   1 
ATOM   211  N N   . ALA A 1 28 ? -1.977  -3.300  -1.466  1.00 16.15 ? 28   ALA A N   1 
ATOM   212  C CA  . ALA A 1 28 ? -3.380  -3.582  -1.774  1.00 17.34 ? 28   ALA A CA  1 
ATOM   213  C C   . ALA A 1 28 ? -3.559  -4.740  -2.764  1.00 17.17 ? 28   ALA A C   1 
ATOM   214  O O   . ALA A 1 28 ? -2.958  -4.728  -3.831  1.00 16.84 ? 28   ALA A O   1 
ATOM   215  C CB  . ALA A 1 28 ? -4.030  -2.326  -2.333  1.00 16.56 ? 28   ALA A CB  1 
ATOM   216  N N   . ASP A 1 29 ? -4.374  -5.735  -2.413  1.00 17.62 ? 29   ASP A N   1 
ATOM   217  C CA  . ASP A 1 29 ? -4.619  -6.860  -3.325  1.00 19.68 ? 29   ASP A CA  1 
ATOM   218  C C   . ASP A 1 29 ? -5.430  -6.373  -4.521  1.00 19.46 ? 29   ASP A C   1 
ATOM   219  O O   . ASP A 1 29 ? -5.181  -6.760  -5.666  1.00 16.67 ? 29   ASP A O   1 
ATOM   220  C CB  . ASP A 1 29 ? -5.460  -7.966  -2.675  1.00 20.11 ? 29   ASP A CB  1 
ATOM   221  C CG  . ASP A 1 29 ? -4.773  -8.646  -1.513  1.00 20.79 ? 29   ASP A CG  1 
ATOM   222  O OD1 . ASP A 1 29 ? -3.542  -8.554  -1.376  1.00 20.02 ? 29   ASP A OD1 1 
ATOM   223  O OD2 . ASP A 1 29 ? -5.495  -9.303  -0.738  1.00 25.20 ? 29   ASP A OD2 1 
ATOM   224  N N   . ASP A 1 30 ? -6.425  -5.539  -4.237  1.00 18.31 ? 30   ASP A N   1 
ATOM   225  C CA  . ASP A 1 30 ? -7.306  -5.030  -5.276  1.00 20.17 ? 30   ASP A CA  1 
ATOM   226  C C   . ASP A 1 30 ? -7.253  -3.527  -5.484  1.00 19.67 ? 30   ASP A C   1 
ATOM   227  O O   . ASP A 1 30 ? -6.657  -2.791  -4.706  1.00 19.66 ? 30   ASP A O   1 
ATOM   228  C CB  . ASP A 1 30 ? -8.747  -5.446  -4.977  1.00 23.02 ? 30   ASP A CB  1 
ATOM   229  C CG  . ASP A 1 30 ? -8.993  -6.920  -5.247  1.00 28.32 ? 30   ASP A CG  1 
ATOM   230  O OD1 . ASP A 1 30 ? -8.774  -7.361  -6.398  1.00 30.78 ? 30   ASP A OD1 1 
ATOM   231  O OD2 . ASP A 1 30 ? -9.403  -7.631  -4.309  1.00 31.39 ? 30   ASP A OD2 1 
ATOM   232  N N   . THR A 1 31 ? -7.899  -3.089  -6.555  1.00 19.52 ? 31   THR A N   1 
ATOM   233  C CA  . THR A 1 31 ? -7.959  -1.685  -6.919  1.00 19.64 ? 31   THR A CA  1 
ATOM   234  C C   . THR A 1 31 ? -9.276  -1.083  -6.428  1.00 20.29 ? 31   THR A C   1 
ATOM   235  O O   . THR A 1 31 ? -10.345 -1.659  -6.633  1.00 19.61 ? 31   THR A O   1 
ATOM   236  C CB  . THR A 1 31 ? -7.865  -1.535  -8.443  1.00 19.70 ? 31   THR A CB  1 
ATOM   237  O OG1 . THR A 1 31 ? -6.564  -1.955  -8.875  1.00 20.72 ? 31   THR A OG1 1 
ATOM   238  C CG2 . THR A 1 31 ? -8.100  -0.094  -8.862  1.00 19.39 ? 31   THR A CG2 1 
ATOM   239  N N   . VAL A 1 32 ? -9.194  0.072   -5.777  1.00 20.20 ? 32   VAL A N   1 
ATOM   240  C CA  . VAL A 1 32 ? -10.387 0.739   -5.271  1.00 22.15 ? 32   VAL A CA  1 
ATOM   241  C C   . VAL A 1 32 ? -10.380 2.216   -5.672  1.00 22.05 ? 32   VAL A C   1 
ATOM   242  O O   . VAL A 1 32 ? -9.434  2.947   -5.387  1.00 21.16 ? 32   VAL A O   1 
ATOM   243  C CB  . VAL A 1 32 ? -10.491 0.604   -3.730  1.00 24.14 ? 32   VAL A CB  1 
ATOM   244  C CG1 . VAL A 1 32 ? -9.245  1.150   -3.073  1.00 28.38 ? 32   VAL A CG1 1 
ATOM   245  C CG2 . VAL A 1 32 ? -11.727 1.332   -3.224  1.00 24.87 ? 32   VAL A CG2 1 
ATOM   246  N N   . LEU A 1 33 ? -11.443 2.642   -6.343  1.00 21.41 ? 33   LEU A N   1 
ATOM   247  C CA  . LEU A 1 33 ? -11.556 4.020   -6.801  1.00 20.69 ? 33   LEU A CA  1 
ATOM   248  C C   . LEU A 1 33 ? -12.716 4.738   -6.129  1.00 21.15 ? 33   LEU A C   1 
ATOM   249  O O   . LEU A 1 33 ? -13.651 4.102   -5.643  1.00 18.50 ? 33   LEU A O   1 
ATOM   250  C CB  . LEU A 1 33 ? -11.747 4.048   -8.316  1.00 20.85 ? 33   LEU A CB  1 
ATOM   251  C CG  . LEU A 1 33 ? -10.690 3.329   -9.160  1.00 22.42 ? 33   LEU A CG  1 
ATOM   252  C CD1 . LEU A 1 33 ? -11.007 3.560   -10.629 1.00 25.06 ? 33   LEU A CD1 1 
ATOM   253  C CD2 . LEU A 1 33 ? -9.286  3.857   -8.835  1.00 22.18 ? 33   LEU A CD2 1 
ATOM   254  N N   . GLU A 1 34 ? -12.653 6.067   -6.109  1.00 22.24 ? 34   GLU A N   1 
ATOM   255  C CA  . GLU A 1 34 ? -13.703 6.874   -5.496  1.00 24.03 ? 34   GLU A CA  1 
ATOM   256  C C   . GLU A 1 34 ? -15.006 6.664   -6.259  1.00 25.55 ? 34   GLU A C   1 
ATOM   257  O O   . GLU A 1 34 ? -14.997 6.197   -7.403  1.00 23.19 ? 34   GLU A O   1 
ATOM   258  C CB  . GLU A 1 34 ? -13.313 8.357   -5.520  1.00 26.77 ? 34   GLU A CB  1 
ATOM   259  C CG  . GLU A 1 34 ? -13.358 8.993   -6.902  1.00 30.50 ? 34   GLU A CG  1 
ATOM   260  C CD  . GLU A 1 34 ? -12.539 10.274  -6.989  1.00 33.38 ? 34   GLU A CD  1 
ATOM   261  O OE1 . GLU A 1 34 ? -12.635 11.116  -6.067  1.00 35.90 ? 34   GLU A OE1 1 
ATOM   262  O OE2 . GLU A 1 34 ? -11.807 10.440  -7.987  1.00 35.03 ? 34   GLU A OE2 1 
ATOM   263  N N   . GLU A 1 35 ? -16.121 7.004   -5.617  1.00 26.30 ? 35   GLU A N   1 
ATOM   264  C CA  . GLU A 1 35 ? -17.442 6.859   -6.217  1.00 29.22 ? 35   GLU A CA  1 
ATOM   265  C C   . GLU A 1 35 ? -17.478 7.358   -7.652  1.00 30.18 ? 35   GLU A C   1 
ATOM   266  O O   . GLU A 1 35 ? -17.008 8.454   -7.948  1.00 29.25 ? 35   GLU A O   1 
ATOM   267  C CB  . GLU A 1 35 ? -18.484 7.632   -5.400  1.00 31.94 ? 35   GLU A CB  1 
ATOM   268  C CG  . GLU A 1 35 ? -18.992 6.912   -4.168  1.00 36.26 ? 35   GLU A CG  1 
ATOM   269  C CD  . GLU A 1 35 ? -19.688 5.612   -4.512  1.00 39.59 ? 35   GLU A CD  1 
ATOM   270  O OE1 . GLU A 1 35 ? -20.383 5.565   -5.550  1.00 41.69 ? 35   GLU A OE1 1 
ATOM   271  O OE2 . GLU A 1 35 ? -19.550 4.639   -3.740  1.00 41.48 ? 35   GLU A OE2 1 
ATOM   272  N N   . MET A 1 36 ? -18.044 6.544   -8.538  1.00 30.64 ? 36   MET A N   1 
ATOM   273  C CA  . MET A 1 36 ? -18.161 6.904   -9.943  1.00 33.00 ? 36   MET A CA  1 
ATOM   274  C C   . MET A 1 36 ? -19.105 5.929   -10.627 1.00 33.91 ? 36   MET A C   1 
ATOM   275  O O   . MET A 1 36 ? -19.413 4.867   -10.086 1.00 33.83 ? 36   MET A O   1 
ATOM   276  C CB  . MET A 1 36 ? -16.792 6.868   -10.625 1.00 32.66 ? 36   MET A CB  1 
ATOM   277  C CG  . MET A 1 36 ? -16.224 5.479   -10.817 1.00 33.89 ? 36   MET A CG  1 
ATOM   278  S SD  . MET A 1 36 ? -14.625 5.529   -11.673 1.00 37.31 ? 36   MET A SD  1 
ATOM   279  C CE  . MET A 1 36 ? -15.123 6.080   -13.302 1.00 35.84 ? 36   MET A CE  1 
ATOM   280  N N   . SER A 1 37 ? -19.562 6.286   -11.819 1.00 35.70 ? 37   SER A N   1 
ATOM   281  C CA  . SER A 1 37 ? -20.476 5.429   -12.554 1.00 37.53 ? 37   SER A CA  1 
ATOM   282  C C   . SER A 1 37 ? -19.725 4.570   -13.568 1.00 37.73 ? 37   SER A C   1 
ATOM   283  O O   . SER A 1 37 ? -18.913 5.071   -14.345 1.00 37.87 ? 37   SER A O   1 
ATOM   284  C CB  . SER A 1 37 ? -21.529 6.280   -13.267 1.00 38.18 ? 37   SER A CB  1 
ATOM   285  O OG  . SER A 1 37 ? -22.597 5.476   -13.731 1.00 41.21 ? 37   SER A OG  1 
ATOM   286  N N   . LEU A 1 38 ? -19.988 3.269   -13.534 1.00 38.47 ? 38   LEU A N   1 
ATOM   287  C CA  . LEU A 1 38 ? -19.368 2.323   -14.455 1.00 38.89 ? 38   LEU A CA  1 
ATOM   288  C C   . LEU A 1 38 ? -20.454 1.407   -14.995 1.00 39.49 ? 38   LEU A C   1 
ATOM   289  O O   . LEU A 1 38 ? -21.349 0.995   -14.260 1.00 39.68 ? 38   LEU A O   1 
ATOM   290  C CB  . LEU A 1 38 ? -18.298 1.490   -13.747 1.00 38.71 ? 38   LEU A CB  1 
ATOM   291  C CG  . LEU A 1 38 ? -17.006 2.212   -13.363 1.00 38.40 ? 38   LEU A CG  1 
ATOM   292  C CD1 . LEU A 1 38 ? -16.057 1.239   -12.681 1.00 37.89 ? 38   LEU A CD1 1 
ATOM   293  C CD2 . LEU A 1 38 ? -16.362 2.795   -14.612 1.00 39.49 ? 38   LEU A CD2 1 
ATOM   294  N N   . PRO A 1 39 ? -20.393 1.079   -16.293 1.00 40.39 ? 39   PRO A N   1 
ATOM   295  C CA  . PRO A 1 39 ? -21.389 0.206   -16.915 1.00 40.84 ? 39   PRO A CA  1 
ATOM   296  C C   . PRO A 1 39 ? -21.269 -1.243  -16.466 1.00 41.30 ? 39   PRO A C   1 
ATOM   297  O O   . PRO A 1 39 ? -20.203 -1.683  -16.031 1.00 41.34 ? 39   PRO A O   1 
ATOM   298  C CB  . PRO A 1 39 ? -21.101 0.373   -18.402 1.00 41.78 ? 39   PRO A CB  1 
ATOM   299  C CG  . PRO A 1 39 ? -19.613 0.540   -18.421 1.00 42.07 ? 39   PRO A CG  1 
ATOM   300  C CD  . PRO A 1 39 ? -19.385 1.511   -17.277 1.00 41.24 ? 39   PRO A CD  1 
ATOM   301  N N   . GLY A 1 40 ? -22.371 -1.977  -16.571 1.00 41.64 ? 40   GLY A N   1 
ATOM   302  C CA  . GLY A 1 40 ? -22.368 -3.375  -16.190 1.00 41.74 ? 40   GLY A CA  1 
ATOM   303  C C   . GLY A 1 40 ? -22.954 -3.623  -14.819 1.00 41.83 ? 40   GLY A C   1 
ATOM   304  O O   . GLY A 1 40 ? -23.277 -2.686  -14.088 1.00 41.14 ? 40   GLY A O   1 
ATOM   305  N N   . ARG A 1 41 ? -23.099 -4.896  -14.470 1.00 41.94 ? 41   ARG A N   1 
ATOM   306  C CA  . ARG A 1 41 ? -23.641 -5.259  -13.172 1.00 42.86 ? 41   ARG A CA  1 
ATOM   307  C C   . ARG A 1 41 ? -22.500 -5.284  -12.165 1.00 40.80 ? 41   ARG A C   1 
ATOM   308  O O   . ARG A 1 41 ? -21.336 -5.453  -12.535 1.00 39.20 ? 41   ARG A O   1 
ATOM   309  C CB  . ARG A 1 41 ? -24.314 -6.635  -13.227 1.00 46.39 ? 41   ARG A CB  1 
ATOM   310  C CG  . ARG A 1 41 ? -25.162 -6.936  -11.997 1.00 52.19 ? 41   ARG A CG  1 
ATOM   311  C CD  . ARG A 1 41 ? -25.812 -8.311  -12.061 1.00 57.10 ? 41   ARG A CD  1 
ATOM   312  N NE  . ARG A 1 41 ? -24.843 -9.387  -11.886 1.00 61.22 ? 41   ARG A NE  1 
ATOM   313  C CZ  . ARG A 1 41 ? -25.153 -10.681 -11.882 1.00 63.43 ? 41   ARG A CZ  1 
ATOM   314  N NH1 . ARG A 1 41 ? -26.413 -11.066 -12.042 1.00 64.25 ? 41   ARG A NH1 1 
ATOM   315  N NH2 . ARG A 1 41 ? -24.202 -11.590 -11.714 1.00 64.78 ? 41   ARG A NH2 1 
ATOM   316  N N   . TRP A 1 42 ? -22.835 -5.107  -10.893 1.00 38.43 ? 42   TRP A N   1 
ATOM   317  C CA  . TRP A 1 42 ? -21.828 -5.117  -9.844  1.00 37.16 ? 42   TRP A CA  1 
ATOM   318  C C   . TRP A 1 42 ? -22.289 -5.958  -8.662  1.00 35.39 ? 42   TRP A C   1 
ATOM   319  O O   . TRP A 1 42 ? -23.464 -6.302  -8.548  1.00 34.86 ? 42   TRP A O   1 
ATOM   320  C CB  . TRP A 1 42 ? -21.540 -3.692  -9.375  1.00 37.51 ? 42   TRP A CB  1 
ATOM   321  C CG  . TRP A 1 42 ? -22.767 -2.953  -8.954  1.00 38.73 ? 42   TRP A CG  1 
ATOM   322  C CD1 . TRP A 1 42 ? -23.554 -2.156  -9.735  1.00 40.55 ? 42   TRP A CD1 1 
ATOM   323  C CD2 . TRP A 1 42 ? -23.363 -2.953  -7.652  1.00 39.89 ? 42   TRP A CD2 1 
ATOM   324  N NE1 . TRP A 1 42 ? -24.602 -1.655  -8.999  1.00 41.51 ? 42   TRP A NE1 1 
ATOM   325  C CE2 . TRP A 1 42 ? -24.509 -2.130  -7.717  1.00 40.68 ? 42   TRP A CE2 1 
ATOM   326  C CE3 . TRP A 1 42 ? -23.040 -3.569  -6.435  1.00 39.83 ? 42   TRP A CE3 1 
ATOM   327  C CZ2 . TRP A 1 42 ? -25.334 -1.905  -6.608  1.00 41.97 ? 42   TRP A CZ2 1 
ATOM   328  C CZ3 . TRP A 1 42 ? -23.859 -3.345  -5.333  1.00 40.63 ? 42   TRP A CZ3 1 
ATOM   329  C CH2 . TRP A 1 42 ? -24.993 -2.519  -5.429  1.00 41.37 ? 42   TRP A CH2 1 
ATOM   330  N N   . LYS A 1 43 ? -21.346 -6.292  -7.789  1.00 33.03 ? 43   LYS A N   1 
ATOM   331  C CA  . LYS A 1 43 ? -21.633 -7.084  -6.602  1.00 31.70 ? 43   LYS A CA  1 
ATOM   332  C C   . LYS A 1 43 ? -21.123 -6.322  -5.391  1.00 28.98 ? 43   LYS A C   1 
ATOM   333  O O   . LYS A 1 43 ? -20.045 -5.735  -5.437  1.00 27.33 ? 43   LYS A O   1 
ATOM   334  C CB  . LYS A 1 43 ? -20.917 -8.435  -6.669  1.00 33.85 ? 43   LYS A CB  1 
ATOM   335  C CG  . LYS A 1 43 ? -21.425 -9.388  -7.734  1.00 38.37 ? 43   LYS A CG  1 
ATOM   336  C CD  . LYS A 1 43 ? -20.792 -10.762 -7.553  1.00 42.65 ? 43   LYS A CD  1 
ATOM   337  C CE  . LYS A 1 43 ? -21.077 -11.319 -6.154  1.00 44.79 ? 43   LYS A CE  1 
ATOM   338  N NZ  . LYS A 1 43 ? -20.396 -12.623 -5.888  1.00 46.96 ? 43   LYS A NZ  1 
ATOM   339  N N   . PRO A 1 44 ? -21.896 -6.307  -4.294  1.00 27.25 ? 44   PRO A N   1 
ATOM   340  C CA  . PRO A 1 44 ? -21.442 -5.589  -3.103  1.00 25.62 ? 44   PRO A CA  1 
ATOM   341  C C   . PRO A 1 44 ? -20.317 -6.365  -2.435  1.00 23.97 ? 44   PRO A C   1 
ATOM   342  O O   . PRO A 1 44 ? -20.276 -7.590  -2.497  1.00 22.78 ? 44   PRO A O   1 
ATOM   343  C CB  . PRO A 1 44 ? -22.700 -5.515  -2.243  1.00 24.96 ? 44   PRO A CB  1 
ATOM   344  C CG  . PRO A 1 44 ? -23.410 -6.792  -2.597  1.00 26.30 ? 44   PRO A CG  1 
ATOM   345  C CD  . PRO A 1 44 ? -23.252 -6.853  -4.097  1.00 26.51 ? 44   PRO A CD  1 
ATOM   346  N N   . LYS A 1 45 ? -19.403 -5.648  -1.800  1.00 23.54 ? 45   LYS A N   1 
ATOM   347  C CA  . LYS A 1 45 ? -18.280 -6.285  -1.138  1.00 23.83 ? 45   LYS A CA  1 
ATOM   348  C C   . LYS A 1 45 ? -17.798 -5.376  -0.019  1.00 23.78 ? 45   LYS A C   1 
ATOM   349  O O   . LYS A 1 45 ? -18.089 -4.180  -0.009  1.00 23.40 ? 45   LYS A O   1 
ATOM   350  C CB  . LYS A 1 45 ? -17.148 -6.528  -2.148  1.00 26.52 ? 45   LYS A CB  1 
ATOM   351  C CG  . LYS A 1 45 ? -15.954 -7.265  -1.576  1.00 29.08 ? 45   LYS A CG  1 
ATOM   352  C CD  . LYS A 1 45 ? -14.878 -7.482  -2.624  1.00 31.88 ? 45   LYS A CD  1 
ATOM   353  C CE  . LYS A 1 45 ? -13.720 -8.287  -2.052  1.00 34.61 ? 45   LYS A CE  1 
ATOM   354  N NZ  . LYS A 1 45 ? -12.655 -8.541  -3.061  1.00 38.04 ? 45   LYS A NZ  1 
ATOM   355  N N   . MET A 1 46 ? -17.067 -5.946  0.928   1.00 23.29 ? 46   MET A N   1 
ATOM   356  C CA  . MET A 1 46 ? -16.539 -5.169  2.033   1.00 24.36 ? 46   MET A CA  1 
ATOM   357  C C   . MET A 1 46 ? -15.016 -5.289  2.010   1.00 23.63 ? 46   MET A C   1 
ATOM   358  O O   . MET A 1 46 ? -14.473 -6.390  1.899   1.00 23.37 ? 46   MET A O   1 
ATOM   359  C CB  . MET A 1 46 ? -17.088 -5.707  3.360   1.00 26.75 ? 46   MET A CB  1 
ATOM   360  C CG  . MET A 1 46 ? -17.330 -4.659  4.424   1.00 32.37 ? 46   MET A CG  1 
ATOM   361  S SD  . MET A 1 46 ? -18.814 -3.665  4.112   1.00 35.99 ? 46   MET A SD  1 
ATOM   362  C CE  . MET A 1 46 ? -20.063 -4.635  4.951   1.00 37.21 ? 46   MET A CE  1 
ATOM   363  N N   . ILE A 1 47 ? -14.326 -4.156  2.077   1.00 22.10 ? 47   ILE A N   1 
ATOM   364  C CA  . ILE A 1 47 ? -12.869 -4.172  2.107   1.00 22.11 ? 47   ILE A CA  1 
ATOM   365  C C   . ILE A 1 47 ? -12.417 -3.360  3.314   1.00 22.52 ? 47   ILE A C   1 
ATOM   366  O O   . ILE A 1 47 ? -12.973 -2.301  3.622   1.00 21.25 ? 47   ILE A O   1 
ATOM   367  C CB  . ILE A 1 47 ? -12.230 -3.610  0.803   1.00 22.88 ? 47   ILE A CB  1 
ATOM   368  C CG1 . ILE A 1 47 ? -12.892 -2.295  0.404   1.00 23.31 ? 47   ILE A CG1 1 
ATOM   369  C CG2 . ILE A 1 47 ? -12.354 -4.638  -0.318  1.00 25.40 ? 47   ILE A CG2 1 
ATOM   370  C CD1 . ILE A 1 47 ? -12.331 -1.693  -0.860  1.00 27.08 ? 47   ILE A CD1 1 
ATOM   371  N N   . GLY A 1 48 ? -11.423 -3.882  4.015   1.00 22.03 ? 48   GLY A N   1 
ATOM   372  C CA  . GLY A 1 48 ? -10.949 -3.199  5.196   1.00 23.01 ? 48   GLY A CA  1 
ATOM   373  C C   . GLY A 1 48 ? -9.478  -2.884  5.188   1.00 21.38 ? 48   GLY A C   1 
ATOM   374  O O   . GLY A 1 48 ? -8.704  -3.410  4.391   1.00 22.59 ? 48   GLY A O   1 
ATOM   375  N N   . GLY A 1 49 ? -9.096  -2.001  6.094   1.00 22.02 ? 49   GLY A N   1 
ATOM   376  C CA  . GLY A 1 49 ? -7.709  -1.617  6.203   1.00 21.56 ? 49   GLY A CA  1 
ATOM   377  C C   . GLY A 1 49 ? -7.602  -0.853  7.491   1.00 21.89 ? 49   GLY A C   1 
ATOM   378  O O   . GLY A 1 49 ? -8.423  -1.030  8.396   1.00 21.04 ? 49   GLY A O   1 
ATOM   379  N N   . ILE A 1 50 ? -6.592  -0.002  7.582   1.00 20.67 ? 50   ILE A N   1 
ATOM   380  C CA  . ILE A 1 50 ? -6.412  0.806   8.772   1.00 22.43 ? 50   ILE A CA  1 
ATOM   381  C C   . ILE A 1 50 ? -7.666  1.657   8.919   1.00 22.30 ? 50   ILE A C   1 
ATOM   382  O O   . ILE A 1 50 ? -8.103  2.293   7.965   1.00 22.87 ? 50   ILE A O   1 
ATOM   383  C CB  . ILE A 1 50 ? -5.181  1.718   8.621   1.00 22.39 ? 50   ILE A CB  1 
ATOM   384  C CG1 . ILE A 1 50 ? -3.917  0.858   8.589   1.00 24.26 ? 50   ILE A CG1 1 
ATOM   385  C CG2 . ILE A 1 50 ? -5.132  2.742   9.748   1.00 23.56 ? 50   ILE A CG2 1 
ATOM   386  C CD1 . ILE A 1 50 ? -2.649  1.645   8.359   1.00 26.42 ? 50   ILE A CD1 1 
ATOM   387  N N   . GLY A 1 51 ? -8.254  1.660   10.107  1.00 23.91 ? 51   GLY A N   1 
ATOM   388  C CA  . GLY A 1 51 ? -9.448  2.457   10.308  1.00 24.21 ? 51   GLY A CA  1 
ATOM   389  C C   . GLY A 1 51 ? -10.732 1.660   10.214  1.00 25.03 ? 51   GLY A C   1 
ATOM   390  O O   . GLY A 1 51 ? -11.763 2.092   10.722  1.00 26.91 ? 51   GLY A O   1 
ATOM   391  N N   . GLY A 1 52 ? -10.681 0.502   9.566   1.00 24.05 ? 52   GLY A N   1 
ATOM   392  C CA  . GLY A 1 52 ? -11.871 -0.321  9.456   1.00 25.26 ? 52   GLY A CA  1 
ATOM   393  C C   . GLY A 1 52 ? -12.254 -0.703  8.038   1.00 23.85 ? 52   GLY A C   1 
ATOM   394  O O   . GLY A 1 52 ? -11.431 -0.660  7.126   1.00 23.72 ? 52   GLY A O   1 
ATOM   395  N N   . PHE A 1 53 ? -13.520 -1.061  7.858   1.00 23.42 ? 53   PHE A N   1 
ATOM   396  C CA  . PHE A 1 53 ? -14.031 -1.479  6.556   1.00 22.81 ? 53   PHE A CA  1 
ATOM   397  C C   . PHE A 1 53 ? -14.972 -0.475  5.908   1.00 22.60 ? 53   PHE A C   1 
ATOM   398  O O   . PHE A 1 53 ? -15.558 0.377   6.574   1.00 23.27 ? 53   PHE A O   1 
ATOM   399  C CB  . PHE A 1 53 ? -14.794 -2.798  6.686   1.00 23.53 ? 53   PHE A CB  1 
ATOM   400  C CG  . PHE A 1 53 ? -13.929 -3.985  6.962   1.00 22.74 ? 53   PHE A CG  1 
ATOM   401  C CD1 . PHE A 1 53 ? -13.308 -4.143  8.196   1.00 24.34 ? 53   PHE A CD1 1 
ATOM   402  C CD2 . PHE A 1 53 ? -13.749 -4.962  5.987   1.00 22.88 ? 53   PHE A CD2 1 
ATOM   403  C CE1 . PHE A 1 53 ? -12.519 -5.262  8.455   1.00 24.43 ? 53   PHE A CE1 1 
ATOM   404  C CE2 . PHE A 1 53 ? -12.963 -6.082  6.234   1.00 24.21 ? 53   PHE A CE2 1 
ATOM   405  C CZ  . PHE A 1 53 ? -12.347 -6.233  7.475   1.00 24.68 ? 53   PHE A CZ  1 
ATOM   406  N N   . ILE A 1 54 ? -15.114 -0.591  4.594   1.00 21.90 ? 54   ILE A N   1 
ATOM   407  C CA  . ILE A 1 54 ? -16.019 0.257   3.841   1.00 22.45 ? 54   ILE A CA  1 
ATOM   408  C C   . ILE A 1 54 ? -16.713 -0.648  2.838   1.00 22.07 ? 54   ILE A C   1 
ATOM   409  O O   . ILE A 1 54 ? -16.165 -1.673  2.433   1.00 20.24 ? 54   ILE A O   1 
ATOM   410  C CB  . ILE A 1 54 ? -15.292 1.386   3.061   1.00 23.87 ? 54   ILE A CB  1 
ATOM   411  C CG1 . ILE A 1 54 ? -14.304 0.782   2.060   1.00 24.02 ? 54   ILE A CG1 1 
ATOM   412  C CG2 . ILE A 1 54 ? -14.619 2.337   4.039   1.00 24.21 ? 54   ILE A CG2 1 
ATOM   413  C CD1 . ILE A 1 54 ? -13.966 1.702   0.893   1.00 25.60 ? 54   ILE A CD1 1 
ATOM   414  N N   . LYS A 1 55 ? -17.925 -0.277  2.454   1.00 22.90 ? 55   LYS A N   1 
ATOM   415  C CA  . LYS A 1 55 ? -18.681 -1.053  1.491   1.00 24.40 ? 55   LYS A CA  1 
ATOM   416  C C   . LYS A 1 55 ? -18.347 -0.537  0.096   1.00 22.34 ? 55   LYS A C   1 
ATOM   417  O O   . LYS A 1 55 ? -18.329 0.669   -0.139  1.00 23.40 ? 55   LYS A O   1 
ATOM   418  C CB  . LYS A 1 55 ? -20.181 -0.906  1.759   1.00 25.24 ? 55   LYS A CB  1 
ATOM   419  C CG  . LYS A 1 55 ? -21.055 -1.671  0.781   1.00 29.55 ? 55   LYS A CG  1 
ATOM   420  C CD  . LYS A 1 55 ? -22.514 -1.620  1.200   1.00 32.36 ? 55   LYS A CD  1 
ATOM   421  C CE  . LYS A 1 55 ? -23.370 -2.486  0.294   1.00 35.39 ? 55   LYS A CE  1 
ATOM   422  N NZ  . LYS A 1 55 ? -24.751 -2.639  0.828   1.00 36.95 ? 55   LYS A NZ  1 
ATOM   423  N N   . VAL A 1 56 ? -18.080 -1.452  -0.828  1.00 21.83 ? 56   VAL A N   1 
ATOM   424  C CA  . VAL A 1 56 ? -17.749 -1.063  -2.193  1.00 22.23 ? 56   VAL A CA  1 
ATOM   425  C C   . VAL A 1 56 ? -18.552 -1.882  -3.196  1.00 21.92 ? 56   VAL A C   1 
ATOM   426  O O   . VAL A 1 56 ? -19.173 -2.880  -2.841  1.00 22.71 ? 56   VAL A O   1 
ATOM   427  C CB  . VAL A 1 56 ? -16.239 -1.264  -2.492  1.00 21.10 ? 56   VAL A CB  1 
ATOM   428  C CG1 . VAL A 1 56 ? -15.401 -0.369  -1.595  1.00 21.33 ? 56   VAL A CG1 1 
ATOM   429  C CG2 . VAL A 1 56 ? -15.858 -2.725  -2.286  1.00 22.08 ? 56   VAL A CG2 1 
ATOM   430  N N   . ARG A 1 57 ? -18.545 -1.435  -4.447  1.00 22.28 ? 57   ARG A N   1 
ATOM   431  C CA  . ARG A 1 57 ? -19.240 -2.132  -5.519  1.00 23.13 ? 57   ARG A CA  1 
ATOM   432  C C   . ARG A 1 57 ? -18.160 -2.700  -6.423  1.00 22.14 ? 57   ARG A C   1 
ATOM   433  O O   . ARG A 1 57 ? -17.296 -1.969  -6.897  1.00 22.90 ? 57   ARG A O   1 
ATOM   434  C CB  . ARG A 1 57 ? -20.126 -1.175  -6.306  1.00 26.35 ? 57   ARG A CB  1 
ATOM   435  C CG  . ARG A 1 57 ? -21.246 -0.556  -5.500  1.00 30.31 ? 57   ARG A CG  1 
ATOM   436  C CD  . ARG A 1 57 ? -22.096 0.319   -6.393  1.00 35.60 ? 57   ARG A CD  1 
ATOM   437  N NE  . ARG A 1 57 ? -21.320 1.409   -6.979  1.00 40.81 ? 57   ARG A NE  1 
ATOM   438  C CZ  . ARG A 1 57 ? -21.797 2.254   -7.885  1.00 42.21 ? 57   ARG A CZ  1 
ATOM   439  N NH1 . ARG A 1 57 ? -23.048 2.128   -8.311  1.00 44.03 ? 57   ARG A NH1 1 
ATOM   440  N NH2 . ARG A 1 57 ? -21.031 3.228   -8.358  1.00 42.38 ? 57   ARG A NH2 1 
ATOM   441  N N   . GLN A 1 58 ? -18.217 -4.004  -6.657  1.00 22.33 ? 58   GLN A N   1 
ATOM   442  C CA  . GLN A 1 58 ? -17.228 -4.704  -7.468  1.00 23.29 ? 58   GLN A CA  1 
ATOM   443  C C   . GLN A 1 58 ? -17.612 -4.843  -8.938  1.00 24.18 ? 58   GLN A C   1 
ATOM   444  O O   . GLN A 1 58 ? -18.638 -5.440  -9.256  1.00 23.48 ? 58   GLN A O   1 
ATOM   445  C CB  . GLN A 1 58 ? -17.004 -6.099  -6.875  1.00 24.02 ? 58   GLN A CB  1 
ATOM   446  C CG  . GLN A 1 58 ? -15.976 -6.960  -7.587  1.00 27.91 ? 58   GLN A CG  1 
ATOM   447  C CD  . GLN A 1 58 ? -15.991 -8.400  -7.094  1.00 31.61 ? 58   GLN A CD  1 
ATOM   448  O OE1 . GLN A 1 58 ? -15.988 -8.659  -5.889  1.00 32.69 ? 58   GLN A OE1 1 
ATOM   449  N NE2 . GLN A 1 58 ? -15.999 -9.346  -8.029  1.00 31.83 ? 58   GLN A NE2 1 
ATOM   450  N N   . TYR A 1 59 ? -16.788 -4.290  -9.824  1.00 24.08 ? 59   TYR A N   1 
ATOM   451  C CA  . TYR A 1 59 ? -17.018 -4.402  -11.259 1.00 26.11 ? 59   TYR A CA  1 
ATOM   452  C C   . TYR A 1 59 ? -15.889 -5.249  -11.837 1.00 27.39 ? 59   TYR A C   1 
ATOM   453  O O   . TYR A 1 59 ? -14.722 -5.058  -11.490 1.00 26.13 ? 59   TYR A O   1 
ATOM   454  C CB  . TYR A 1 59 ? -17.007 -3.032  -11.943 1.00 27.14 ? 59   TYR A CB  1 
ATOM   455  C CG  . TYR A 1 59 ? -18.168 -2.139  -11.591 1.00 28.47 ? 59   TYR A CG  1 
ATOM   456  C CD1 . TYR A 1 59 ? -18.154 -1.369  -10.427 1.00 29.19 ? 59   TYR A CD1 1 
ATOM   457  C CD2 . TYR A 1 59 ? -19.280 -2.051  -12.429 1.00 28.60 ? 59   TYR A CD2 1 
ATOM   458  C CE1 . TYR A 1 59 ? -19.217 -0.529  -10.110 1.00 30.85 ? 59   TYR A CE1 1 
ATOM   459  C CE2 . TYR A 1 59 ? -20.348 -1.218  -12.120 1.00 29.15 ? 59   TYR A CE2 1 
ATOM   460  C CZ  . TYR A 1 59 ? -20.310 -0.458  -10.962 1.00 31.20 ? 59   TYR A CZ  1 
ATOM   461  O OH  . TYR A 1 59 ? -21.353 0.382   -10.658 1.00 34.34 ? 59   TYR A OH  1 
ATOM   462  N N   . ASP A 1 60 ? -16.227 -6.181  -12.722 1.00 28.79 ? 60   ASP A N   1 
ATOM   463  C CA  . ASP A 1 60 ? -15.209 -7.034  -13.325 1.00 31.63 ? 60   ASP A CA  1 
ATOM   464  C C   . ASP A 1 60 ? -14.940 -6.647  -14.776 1.00 32.03 ? 60   ASP A C   1 
ATOM   465  O O   . ASP A 1 60 ? -15.768 -6.011  -15.429 1.00 31.43 ? 60   ASP A O   1 
ATOM   466  C CB  . ASP A 1 60 ? -15.639 -8.504  -13.268 1.00 33.66 ? 60   ASP A CB  1 
ATOM   467  C CG  . ASP A 1 60 ? -15.973 -8.966  -11.860 1.00 36.61 ? 60   ASP A CG  1 
ATOM   468  O OD1 . ASP A 1 60 ? -15.148 -8.760  -10.945 1.00 37.33 ? 60   ASP A OD1 1 
ATOM   469  O OD2 . ASP A 1 60 ? -17.063 -9.548  -11.671 1.00 38.64 ? 60   ASP A OD2 1 
ATOM   470  N N   . GLN A 1 61 ? -13.768 -7.030  -15.270 1.00 33.47 ? 61   GLN A N   1 
ATOM   471  C CA  . GLN A 1 61 ? -13.378 -6.758  -16.650 1.00 35.33 ? 61   GLN A CA  1 
ATOM   472  C C   . GLN A 1 61 ? -13.431 -5.291  -17.062 1.00 33.87 ? 61   GLN A C   1 
ATOM   473  O O   . GLN A 1 61 ? -13.924 -4.959  -18.140 1.00 33.95 ? 61   GLN A O   1 
ATOM   474  C CB  . GLN A 1 61 ? -14.245 -7.585  -17.607 1.00 37.56 ? 61   GLN A CB  1 
ATOM   475  C CG  . GLN A 1 61 ? -13.552 -8.814  -18.188 1.00 44.33 ? 61   GLN A CG  1 
ATOM   476  C CD  . GLN A 1 61 ? -12.994 -9.740  -17.123 1.00 47.14 ? 61   GLN A CD  1 
ATOM   477  O OE1 . GLN A 1 61 ? -12.116 -9.358  -16.346 1.00 50.16 ? 61   GLN A OE1 1 
ATOM   478  N NE2 . GLN A 1 61 ? -13.502 -10.967 -17.083 1.00 48.79 ? 61   GLN A NE2 1 
ATOM   479  N N   . ILE A 1 62 ? -12.915 -4.413  -16.211 1.00 31.84 ? 62   ILE A N   1 
ATOM   480  C CA  . ILE A 1 62 ? -12.900 -2.993  -16.524 1.00 30.09 ? 62   ILE A CA  1 
ATOM   481  C C   . ILE A 1 62 ? -11.570 -2.621  -17.178 1.00 30.57 ? 62   ILE A C   1 
ATOM   482  O O   . ILE A 1 62 ? -10.509 -3.072  -16.745 1.00 27.98 ? 62   ILE A O   1 
ATOM   483  C CB  . ILE A 1 62 ? -13.082 -2.135  -15.252 1.00 30.14 ? 62   ILE A CB  1 
ATOM   484  C CG1 . ILE A 1 62 ? -14.422 -2.457  -14.589 1.00 28.82 ? 62   ILE A CG1 1 
ATOM   485  C CG2 . ILE A 1 62 ? -13.001 -0.658  -15.602 1.00 29.85 ? 62   ILE A CG2 1 
ATOM   486  C CD1 . ILE A 1 62 ? -15.635 -2.124  -15.435 1.00 28.78 ? 62   ILE A CD1 1 
ATOM   487  N N   . LEU A 1 63 ? -11.632 -1.807  -18.229 1.00 31.13 ? 63   LEU A N   1 
ATOM   488  C CA  . LEU A 1 63 ? -10.430 -1.365  -18.927 1.00 33.18 ? 63   LEU A CA  1 
ATOM   489  C C   . LEU A 1 63 ? -9.844  -0.119  -18.271 1.00 33.65 ? 63   LEU A C   1 
ATOM   490  O O   . LEU A 1 63 ? -10.538 0.878   -18.084 1.00 34.14 ? 63   LEU A O   1 
ATOM   491  C CB  . LEU A 1 63 ? -10.738 -1.054  -20.396 1.00 33.84 ? 63   LEU A CB  1 
ATOM   492  C CG  . LEU A 1 63 ? -9.676  -0.191  -21.096 1.00 36.10 ? 63   LEU A CG  1 
ATOM   493  C CD1 . LEU A 1 63 ? -8.343  -0.926  -21.126 1.00 36.63 ? 63   LEU A CD1 1 
ATOM   494  C CD2 . LEU A 1 63 ? -10.134 0.152   -22.510 1.00 37.69 ? 63   LEU A CD2 1 
ATOM   495  N N   . ILE A 1 64 ? -8.564  -0.178  -17.929 1.00 33.99 ? 64   ILE A N   1 
ATOM   496  C CA  . ILE A 1 64 ? -7.899  0.959   -17.311 1.00 35.80 ? 64   ILE A CA  1 
ATOM   497  C C   . ILE A 1 64 ? -6.547  1.221   -17.957 1.00 35.10 ? 64   ILE A C   1 
ATOM   498  O O   . ILE A 1 64 ? -5.829  0.293   -18.328 1.00 35.87 ? 64   ILE A O   1 
ATOM   499  C CB  . ILE A 1 64 ? -7.669  0.739   -15.797 1.00 36.67 ? 64   ILE A CB  1 
ATOM   500  C CG1 . ILE A 1 64 ? -9.002  0.484   -15.098 1.00 37.70 ? 64   ILE A CG1 1 
ATOM   501  C CG2 . ILE A 1 64 ? -6.993  1.963   -15.190 1.00 37.71 ? 64   ILE A CG2 1 
ATOM   502  C CD1 . ILE A 1 64 ? -8.877  0.330   -13.599 1.00 40.64 ? 64   ILE A CD1 1 
ATOM   503  N N   . GLU A 1 65 ? -6.213  2.494   -18.105 1.00 35.69 ? 65   GLU A N   1 
ATOM   504  C CA  . GLU A 1 65 ? -4.936  2.875   -18.679 1.00 36.93 ? 65   GLU A CA  1 
ATOM   505  C C   . GLU A 1 65 ? -4.092  3.501   -17.583 1.00 36.76 ? 65   GLU A C   1 
ATOM   506  O O   . GLU A 1 65 ? -4.490  4.492   -16.973 1.00 36.45 ? 65   GLU A O   1 
ATOM   507  C CB  . GLU A 1 65 ? -5.139  3.862   -19.828 1.00 39.03 ? 65   GLU A CB  1 
ATOM   508  C CG  . GLU A 1 65 ? -5.677  3.206   -21.084 1.00 42.82 ? 65   GLU A CG  1 
ATOM   509  C CD  . GLU A 1 65 ? -5.803  4.174   -22.241 1.00 45.12 ? 65   GLU A CD  1 
ATOM   510  O OE1 . GLU A 1 65 ? -4.848  4.947   -22.474 1.00 45.47 ? 65   GLU A OE1 1 
ATOM   511  O OE2 . GLU A 1 65 ? -6.851  4.152   -22.921 1.00 46.95 ? 65   GLU A OE2 1 
ATOM   512  N N   . ILE A 1 66 ? -2.939  2.899   -17.322 1.00 37.58 ? 66   ILE A N   1 
ATOM   513  C CA  . ILE A 1 66 ? -2.027  3.385   -16.294 1.00 39.92 ? 66   ILE A CA  1 
ATOM   514  C C   . ILE A 1 66 ? -0.705  3.774   -16.940 1.00 40.56 ? 66   ILE A C   1 
ATOM   515  O O   . ILE A 1 66 ? 0.043   2.913   -17.395 1.00 40.45 ? 66   ILE A O   1 
ATOM   516  C CB  . ILE A 1 66 ? -1.753  2.295   -15.235 1.00 40.70 ? 66   ILE A CB  1 
ATOM   517  C CG1 . ILE A 1 66 ? -3.075  1.774   -14.669 1.00 41.80 ? 66   ILE A CG1 1 
ATOM   518  C CG2 . ILE A 1 66 ? -0.893  2.866   -14.116 1.00 41.29 ? 66   ILE A CG2 1 
ATOM   519  C CD1 . ILE A 1 66 ? -2.912  0.651   -13.664 1.00 43.32 ? 66   ILE A CD1 1 
ATOM   520  N N   . CYS A 1 67 ? -0.415  5.071   -16.982 1.00 42.76 ? 67   CYS A N   1 
ATOM   521  C CA  . CYS A 1 67 ? 0.826   5.545   -17.586 1.00 43.81 ? 67   CYS A CA  1 
ATOM   522  C C   . CYS A 1 67 ? 0.978   5.055   -19.023 1.00 43.70 ? 67   CYS A C   1 
ATOM   523  O O   . CYS A 1 67 ? 2.086   4.757   -19.467 1.00 44.65 ? 67   CYS A O   1 
ATOM   524  C CB  . CYS A 1 67 ? 2.032   5.074   -16.768 1.00 44.64 ? 67   CYS A CB  1 
ATOM   525  S SG  . CYS A 1 67 ? 2.244   5.902   -15.182 1.00 49.29 ? 67   CYS A SG  1 
ATOM   526  N N   . GLY A 1 68 ? -0.136  4.961   -19.743 1.00 43.48 ? 68   GLY A N   1 
ATOM   527  C CA  . GLY A 1 68 ? -0.079  4.513   -21.124 1.00 42.53 ? 68   GLY A CA  1 
ATOM   528  C C   . GLY A 1 68 ? -0.173  3.012   -21.321 1.00 42.27 ? 68   GLY A C   1 
ATOM   529  O O   . GLY A 1 68 ? -0.234  2.537   -22.457 1.00 42.47 ? 68   GLY A O   1 
ATOM   530  N N   . HIS A 1 69 ? -0.178  2.257   -20.227 1.00 40.70 ? 69   HIS A N   1 
ATOM   531  C CA  . HIS A 1 69 ? -0.271  0.803   -20.313 1.00 39.70 ? 69   HIS A CA  1 
ATOM   532  C C   . HIS A 1 69 ? -1.708  0.359   -20.070 1.00 39.54 ? 69   HIS A C   1 
ATOM   533  O O   . HIS A 1 69 ? -2.275  0.628   -19.012 1.00 39.18 ? 69   HIS A O   1 
ATOM   534  C CB  . HIS A 1 69 ? 0.634   0.137   -19.272 1.00 39.61 ? 69   HIS A CB  1 
ATOM   535  C CG  . HIS A 1 69 ? 2.076   0.518   -19.382 1.00 40.00 ? 69   HIS A CG  1 
ATOM   536  N ND1 . HIS A 1 69 ? 2.524   1.809   -19.193 1.00 40.71 ? 69   HIS A ND1 1 
ATOM   537  C CD2 . HIS A 1 69 ? 3.177   -0.225  -19.648 1.00 40.56 ? 69   HIS A CD2 1 
ATOM   538  C CE1 . HIS A 1 69 ? 3.837   1.844   -19.338 1.00 40.75 ? 69   HIS A CE1 1 
ATOM   539  N NE2 . HIS A 1 69 ? 4.257   0.623   -19.615 1.00 41.31 ? 69   HIS A NE2 1 
ATOM   540  N N   . LYS A 1 70 ? -2.299  -0.320  -21.044 1.00 38.58 ? 70   LYS A N   1 
ATOM   541  C CA  . LYS A 1 70 ? -3.665  -0.796  -20.891 1.00 38.45 ? 70   LYS A CA  1 
ATOM   542  C C   . LYS A 1 70 ? -3.688  -2.041  -20.010 1.00 37.62 ? 70   LYS A C   1 
ATOM   543  O O   . LYS A 1 70 ? -2.861  -2.946  -20.166 1.00 37.37 ? 70   LYS A O   1 
ATOM   544  C CB  . LYS A 1 70 ? -4.282  -1.112  -22.254 1.00 40.05 ? 70   LYS A CB  1 
ATOM   545  C CG  . LYS A 1 70 ? -4.524  0.114   -23.117 1.00 42.80 ? 70   LYS A CG  1 
ATOM   546  C CD  . LYS A 1 70 ? -5.114  -0.269  -24.464 1.00 45.51 ? 70   LYS A CD  1 
ATOM   547  C CE  . LYS A 1 70 ? -5.396  0.963   -25.309 1.00 46.64 ? 70   LYS A CE  1 
ATOM   548  N NZ  . LYS A 1 70 ? -4.163  1.761   -25.568 1.00 48.34 ? 70   LYS A NZ  1 
ATOM   549  N N   . ALA A 1 71 ? -4.634  -2.076  -19.079 1.00 34.35 ? 71   ALA A N   1 
ATOM   550  C CA  . ALA A 1 71 ? -4.776  -3.204  -18.173 1.00 33.47 ? 71   ALA A CA  1 
ATOM   551  C C   . ALA A 1 71 ? -6.251  -3.507  -17.973 1.00 31.65 ? 71   ALA A C   1 
ATOM   552  O O   . ALA A 1 71 ? -7.091  -2.604  -17.990 1.00 31.72 ? 71   ALA A O   1 
ATOM   553  C CB  . ALA A 1 71 ? -4.120  -2.887  -16.834 1.00 32.19 ? 71   ALA A CB  1 
ATOM   554  N N   . ILE A 1 72 ? -6.563  -4.784  -17.788 1.00 29.89 ? 72   ILE A N   1 
ATOM   555  C CA  . ILE A 1 72 ? -7.941  -5.212  -17.580 1.00 27.93 ? 72   ILE A CA  1 
ATOM   556  C C   . ILE A 1 72 ? -8.049  -5.920  -16.240 1.00 25.60 ? 72   ILE A C   1 
ATOM   557  O O   . ILE A 1 72 ? -7.185  -6.716  -15.878 1.00 23.74 ? 72   ILE A O   1 
ATOM   558  C CB  . ILE A 1 72 ? -8.395  -6.194  -18.683 1.00 30.12 ? 72   ILE A CB  1 
ATOM   559  C CG1 . ILE A 1 72 ? -8.312  -5.516  -20.051 1.00 32.06 ? 72   ILE A CG1 1 
ATOM   560  C CG2 . ILE A 1 72 ? -9.817  -6.674  -18.399 1.00 30.98 ? 72   ILE A CG2 1 
ATOM   561  C CD1 . ILE A 1 72 ? -8.573  -6.456  -21.220 1.00 34.05 ? 72   ILE A CD1 1 
ATOM   562  N N   . GLY A 1 73 ? -9.109  -5.636  -15.499 1.00 23.75 ? 73   GLY A N   1 
ATOM   563  C CA  . GLY A 1 73 ? -9.261  -6.290  -14.220 1.00 23.06 ? 73   GLY A CA  1 
ATOM   564  C C   . GLY A 1 73 ? -10.420 -5.769  -13.408 1.00 23.69 ? 73   GLY A C   1 
ATOM   565  O O   . GLY A 1 73 ? -11.179 -4.900  -13.851 1.00 22.43 ? 73   GLY A O   1 
ATOM   566  N N   . THR A 1 74 ? -10.547 -6.319  -12.209 1.00 22.54 ? 74   THR A N   1 
ATOM   567  C CA  . THR A 1 74 ? -11.604 -5.942  -11.291 1.00 23.95 ? 74   THR A CA  1 
ATOM   568  C C   . THR A 1 74 ? -11.285 -4.607  -10.643 1.00 23.06 ? 74   THR A C   1 
ATOM   569  O O   . THR A 1 74 ? -10.138 -4.327  -10.297 1.00 23.25 ? 74   THR A O   1 
ATOM   570  C CB  . THR A 1 74 ? -11.769 -7.000  -10.191 1.00 24.09 ? 74   THR A CB  1 
ATOM   571  O OG1 . THR A 1 74 ? -12.154 -8.237  -10.792 1.00 25.59 ? 74   THR A OG1 1 
ATOM   572  C CG2 . THR A 1 74 ? -12.829 -6.573  -9.177  1.00 24.06 ? 74   THR A CG2 1 
ATOM   573  N N   . VAL A 1 75 ? -12.312 -3.782  -10.494 1.00 22.26 ? 75   VAL A N   1 
ATOM   574  C CA  . VAL A 1 75 ? -12.162 -2.482  -9.872  1.00 22.42 ? 75   VAL A CA  1 
ATOM   575  C C   . VAL A 1 75 ? -13.263 -2.364  -8.838  1.00 21.72 ? 75   VAL A C   1 
ATOM   576  O O   . VAL A 1 75 ? -14.407 -2.749  -9.093  1.00 22.23 ? 75   VAL A O   1 
ATOM   577  C CB  . VAL A 1 75 ? -12.309 -1.341  -10.902 1.00 22.09 ? 75   VAL A CB  1 
ATOM   578  C CG1 . VAL A 1 75 ? -12.259 0.005   -10.198 1.00 23.96 ? 75   VAL A CG1 1 
ATOM   579  C CG2 . VAL A 1 75 ? -11.203 -1.434  -11.940 1.00 24.43 ? 75   VAL A CG2 1 
ATOM   580  N N   . LEU A 1 76 ? -12.911 -1.870  -7.658  1.00 21.40 ? 76   LEU A N   1 
ATOM   581  C CA  . LEU A 1 76 ? -13.892 -1.695  -6.594  1.00 21.26 ? 76   LEU A CA  1 
ATOM   582  C C   . LEU A 1 76 ? -14.170 -0.201  -6.485  1.00 21.83 ? 76   LEU A C   1 
ATOM   583  O O   . LEU A 1 76 ? -13.248 0.616   -6.526  1.00 20.77 ? 76   LEU A O   1 
ATOM   584  C CB  . LEU A 1 76 ? -13.354 -2.241  -5.266  1.00 20.10 ? 76   LEU A CB  1 
ATOM   585  C CG  . LEU A 1 76 ? -12.878 -3.702  -5.303  1.00 21.19 ? 76   LEU A CG  1 
ATOM   586  C CD1 . LEU A 1 76 ? -12.313 -4.098  -3.953  1.00 20.85 ? 76   LEU A CD1 1 
ATOM   587  C CD2 . LEU A 1 76 ? -14.030 -4.620  -5.698  1.00 20.39 ? 76   LEU A CD2 1 
ATOM   588  N N   . VAL A 1 77 ? -15.444 0.153   -6.370  1.00 21.49 ? 77   VAL A N   1 
ATOM   589  C CA  . VAL A 1 77 ? -15.830 1.551   -6.276  1.00 23.47 ? 77   VAL A CA  1 
ATOM   590  C C   . VAL A 1 77 ? -16.521 1.806   -4.954  1.00 23.10 ? 77   VAL A C   1 
ATOM   591  O O   . VAL A 1 77 ? -17.462 1.097   -4.592  1.00 22.98 ? 77   VAL A O   1 
ATOM   592  C CB  . VAL A 1 77 ? -16.777 1.943   -7.429  1.00 24.11 ? 77   VAL A CB  1 
ATOM   593  C CG1 . VAL A 1 77 ? -17.235 3.380   -7.261  1.00 24.89 ? 77   VAL A CG1 1 
ATOM   594  C CG2 . VAL A 1 77 ? -16.055 1.782   -8.758  1.00 25.28 ? 77   VAL A CG2 1 
ATOM   595  N N   . GLY A 1 78 ? -16.052 2.820   -4.237  1.00 23.85 ? 78   GLY A N   1 
ATOM   596  C CA  . GLY A 1 78 ? -16.642 3.139   -2.954  1.00 23.52 ? 78   GLY A CA  1 
ATOM   597  C C   . GLY A 1 78 ? -16.127 4.440   -2.373  1.00 23.26 ? 78   GLY A C   1 
ATOM   598  O O   . GLY A 1 78 ? -15.318 5.132   -2.996  1.00 21.76 ? 78   GLY A O   1 
ATOM   599  N N   . PRO A 1 79 ? -16.569 4.789   -1.157  1.00 23.97 ? 79   PRO A N   1 
ATOM   600  C CA  . PRO A 1 79 ? -16.149 6.022   -0.493  1.00 25.12 ? 79   PRO A CA  1 
ATOM   601  C C   . PRO A 1 79 ? -14.710 6.028   0.017   1.00 25.66 ? 79   PRO A C   1 
ATOM   602  O O   . PRO A 1 79 ? -14.466 6.279   1.199   1.00 27.05 ? 79   PRO A O   1 
ATOM   603  C CB  . PRO A 1 79 ? -17.172 6.167   0.629   1.00 24.57 ? 79   PRO A CB  1 
ATOM   604  C CG  . PRO A 1 79 ? -17.431 4.744   1.015   1.00 26.47 ? 79   PRO A CG  1 
ATOM   605  C CD  . PRO A 1 79 ? -17.531 4.040   -0.328  1.00 24.33 ? 79   PRO A CD  1 
ATOM   606  N N   . THR A 1 80 ? -13.761 5.746   -0.870  1.00 26.68 ? 80   THR A N   1 
ATOM   607  C CA  . THR A 1 80 ? -12.352 5.764   -0.494  1.00 26.16 ? 80   THR A CA  1 
ATOM   608  C C   . THR A 1 80 ? -11.853 7.196   -0.620  1.00 27.05 ? 80   THR A C   1 
ATOM   609  O O   . THR A 1 80 ? -12.252 7.923   -1.531  1.00 28.03 ? 80   THR A O   1 
ATOM   610  C CB  . THR A 1 80 ? -11.486 4.874   -1.415  1.00 25.52 ? 80   THR A CB  1 
ATOM   611  O OG1 . THR A 1 80 ? -10.107 5.019   -1.050  1.00 26.42 ? 80   THR A OG1 1 
ATOM   612  C CG2 . THR A 1 80 ? -11.655 5.282   -2.873  1.00 22.60 ? 80   THR A CG2 1 
ATOM   613  N N   . PRO A 1 81 ? -10.975 7.622   0.296   1.00 27.88 ? 81   PRO A N   1 
ATOM   614  C CA  . PRO A 1 81 ? -10.433 8.983   0.262   1.00 28.05 ? 81   PRO A CA  1 
ATOM   615  C C   . PRO A 1 81 ? -9.382  9.208   -0.829  1.00 28.01 ? 81   PRO A C   1 
ATOM   616  O O   . PRO A 1 81 ? -9.057  10.343  -1.160  1.00 28.90 ? 81   PRO A O   1 
ATOM   617  C CB  . PRO A 1 81 ? -9.856  9.154   1.666   1.00 29.16 ? 81   PRO A CB  1 
ATOM   618  C CG  . PRO A 1 81 ? -9.385  7.766   1.992   1.00 31.14 ? 81   PRO A CG  1 
ATOM   619  C CD  . PRO A 1 81 ? -10.535 6.905   1.507   1.00 28.62 ? 81   PRO A CD  1 
ATOM   620  N N   . VAL A 1 82 ? -8.857  8.126   -1.394  1.00 25.96 ? 82   VAL A N   1 
ATOM   621  C CA  . VAL A 1 82 ? -7.843  8.243   -2.440  1.00 25.49 ? 82   VAL A CA  1 
ATOM   622  C C   . VAL A 1 82 ? -7.971  7.063   -3.395  1.00 24.62 ? 82   VAL A C   1 
ATOM   623  O O   . VAL A 1 82 ? -8.345  5.971   -2.978  1.00 21.90 ? 82   VAL A O   1 
ATOM   624  C CB  . VAL A 1 82 ? -6.423  8.237   -1.836  1.00 27.70 ? 82   VAL A CB  1 
ATOM   625  C CG1 . VAL A 1 82 ? -6.208  6.963   -1.051  1.00 30.04 ? 82   VAL A CG1 1 
ATOM   626  C CG2 . VAL A 1 82 ? -5.380  8.360   -2.933  1.00 29.07 ? 82   VAL A CG2 1 
ATOM   627  N N   . ASN A 1 83 ? -7.678  7.286   -4.671  1.00 23.10 ? 83   ASN A N   1 
ATOM   628  C CA  . ASN A 1 83 ? -7.763  6.211   -5.648  1.00 23.97 ? 83   ASN A CA  1 
ATOM   629  C C   . ASN A 1 83 ? -6.553  5.307   -5.461  1.00 22.79 ? 83   ASN A C   1 
ATOM   630  O O   . ASN A 1 83 ? -5.418  5.774   -5.397  1.00 23.73 ? 83   ASN A O   1 
ATOM   631  C CB  . ASN A 1 83 ? -7.813  6.785   -7.065  1.00 24.54 ? 83   ASN A CB  1 
ATOM   632  C CG  . ASN A 1 83 ? -9.074  7.590   -7.312  1.00 28.70 ? 83   ASN A CG  1 
ATOM   633  O OD1 . ASN A 1 83 ? -10.185 7.105   -7.083  1.00 29.96 ? 83   ASN A OD1 1 
ATOM   634  N ND2 . ASN A 1 83 ? -8.913  8.823   -7.780  1.00 28.20 ? 83   ASN A ND2 1 
ATOM   635  N N   . ILE A 1 84 ? -6.806  4.010   -5.360  1.00 22.19 ? 84   ILE A N   1 
ATOM   636  C CA  . ILE A 1 84 ? -5.737  3.051   -5.129  1.00 20.25 ? 84   ILE A CA  1 
ATOM   637  C C   . ILE A 1 84 ? -5.629  1.985   -6.210  1.00 19.17 ? 84   ILE A C   1 
ATOM   638  O O   . ILE A 1 84 ? -6.602  1.303   -6.525  1.00 17.66 ? 84   ILE A O   1 
ATOM   639  C CB  . ILE A 1 84 ? -5.944  2.350   -3.764  1.00 22.24 ? 84   ILE A CB  1 
ATOM   640  C CG1 . ILE A 1 84 ? -5.817  3.378   -2.640  1.00 21.90 ? 84   ILE A CG1 1 
ATOM   641  C CG2 . ILE A 1 84 ? -4.943  1.206   -3.586  1.00 19.90 ? 84   ILE A CG2 1 
ATOM   642  C CD1 . ILE A 1 84 ? -6.241  2.851   -1.294  1.00 25.33 ? 84   ILE A CD1 1 
ATOM   643  N N   . ILE A 1 85 ? -4.436  1.853   -6.775  1.00 18.58 ? 85   ILE A N   1 
ATOM   644  C CA  . ILE A 1 85 ? -4.188  0.832   -7.784  1.00 17.35 ? 85   ILE A CA  1 
ATOM   645  C C   . ILE A 1 85 ? -3.493  -0.305  -7.056  1.00 17.54 ? 85   ILE A C   1 
ATOM   646  O O   . ILE A 1 85 ? -2.366  -0.146  -6.592  1.00 18.49 ? 85   ILE A O   1 
ATOM   647  C CB  . ILE A 1 85 ? -3.271  1.342   -8.915  1.00 17.04 ? 85   ILE A CB  1 
ATOM   648  C CG1 . ILE A 1 85 ? -3.936  2.517   -9.636  1.00 17.21 ? 85   ILE A CG1 1 
ATOM   649  C CG2 . ILE A 1 85 ? -2.952  0.198   -9.882  1.00 17.79 ? 85   ILE A CG2 1 
ATOM   650  C CD1 . ILE A 1 85 ? -5.362  2.254   -10.081 1.00 19.32 ? 85   ILE A CD1 1 
ATOM   651  N N   . GLY A 1 86 ? -4.169  -1.445  -6.956  1.00 16.15 ? 86   GLY A N   1 
ATOM   652  C CA  . GLY A 1 86 ? -3.598  -2.589  -6.262  1.00 17.05 ? 86   GLY A CA  1 
ATOM   653  C C   . GLY A 1 86 ? -2.855  -3.578  -7.148  1.00 16.32 ? 86   GLY A C   1 
ATOM   654  O O   . GLY A 1 86 ? -2.658  -3.340  -8.340  1.00 15.99 ? 86   GLY A O   1 
ATOM   655  N N   . ARG A 1 87 ? -2.447  -4.696  -6.555  1.00 16.75 ? 87   ARG A N   1 
ATOM   656  C CA  . ARG A 1 87 ? -1.702  -5.728  -7.264  1.00 16.90 ? 87   ARG A CA  1 
ATOM   657  C C   . ARG A 1 87 ? -2.410  -6.345  -8.458  1.00 17.31 ? 87   ARG A C   1 
ATOM   658  O O   . ARG A 1 87 ? -1.760  -6.699  -9.436  1.00 16.45 ? 87   ARG A O   1 
ATOM   659  C CB  . ARG A 1 87 ? -1.299  -6.853  -6.299  1.00 17.02 ? 87   ARG A CB  1 
ATOM   660  C CG  . ARG A 1 87 ? -0.223  -6.451  -5.294  1.00 17.65 ? 87   ARG A CG  1 
ATOM   661  C CD  . ARG A 1 87 ? 0.247   -7.639  -4.441  1.00 17.84 ? 87   ARG A CD  1 
ATOM   662  N NE  . ARG A 1 87 ? -0.857  -8.329  -3.770  1.00 17.70 ? 87   ARG A NE  1 
ATOM   663  C CZ  . ARG A 1 87 ? -1.440  -9.440  -4.217  1.00 20.55 ? 87   ARG A CZ  1 
ATOM   664  N NH1 . ARG A 1 87 ? -1.026  -10.006 -5.345  1.00 20.07 ? 87   ARG A NH1 1 
ATOM   665  N NH2 . ARG A 1 87 ? -2.436  -9.989  -3.534  1.00 19.60 ? 87   ARG A NH2 1 
ATOM   666  N N   . ASN A 1 88 ? -3.731  -6.484  -8.390  1.00 17.39 ? 88   ASN A N   1 
ATOM   667  C CA  . ASN A 1 88 ? -4.458  -7.107  -9.497  1.00 18.55 ? 88   ASN A CA  1 
ATOM   668  C C   . ASN A 1 88 ? -4.195  -6.409  -10.836 1.00 18.56 ? 88   ASN A C   1 
ATOM   669  O O   . ASN A 1 88 ? -4.219  -7.049  -11.890 1.00 18.35 ? 88   ASN A O   1 
ATOM   670  C CB  . ASN A 1 88 ? -5.962  -7.152  -9.189  1.00 20.71 ? 88   ASN A CB  1 
ATOM   671  C CG  . ASN A 1 88 ? -6.635  -5.805  -9.353  1.00 22.56 ? 88   ASN A CG  1 
ATOM   672  O OD1 . ASN A 1 88 ? -6.210  -4.805  -8.771  1.00 21.05 ? 88   ASN A OD1 1 
ATOM   673  N ND2 . ASN A 1 88 ? -7.700  -5.776  -10.148 1.00 21.92 ? 88   ASN A ND2 1 
ATOM   674  N N   . LEU A 1 89 ? -3.929  -5.104  -10.794 1.00 17.36 ? 89   LEU A N   1 
ATOM   675  C CA  . LEU A 1 89 ? -3.641  -4.346  -12.007 1.00 19.25 ? 89   LEU A CA  1 
ATOM   676  C C   . LEU A 1 89 ? -2.149  -4.076  -12.202 1.00 19.57 ? 89   LEU A C   1 
ATOM   677  O O   . LEU A 1 89 ? -1.670  -4.049  -13.334 1.00 20.71 ? 89   LEU A O   1 
ATOM   678  C CB  . LEU A 1 89 ? -4.402  -3.017  -12.012 1.00 20.05 ? 89   LEU A CB  1 
ATOM   679  C CG  . LEU A 1 89 ? -5.927  -3.105  -12.098 1.00 22.04 ? 89   LEU A CG  1 
ATOM   680  C CD1 . LEU A 1 89 ? -6.525  -1.697  -12.061 1.00 21.73 ? 89   LEU A CD1 1 
ATOM   681  C CD2 . LEU A 1 89 ? -6.324  -3.825  -13.372 1.00 22.23 ? 89   LEU A CD2 1 
ATOM   682  N N   . LEU A 1 90 ? -1.418  -3.865  -11.109 1.00 17.90 ? 90   LEU A N   1 
ATOM   683  C CA  . LEU A 1 90 ? 0.016   -3.607  -11.206 1.00 16.85 ? 90   LEU A CA  1 
ATOM   684  C C   . LEU A 1 90 ? 0.725   -4.744  -11.940 1.00 16.56 ? 90   LEU A C   1 
ATOM   685  O O   . LEU A 1 90 ? 1.643   -4.505  -12.719 1.00 18.89 ? 90   LEU A O   1 
ATOM   686  C CB  . LEU A 1 90 ? 0.632   -3.437  -9.811  1.00 17.69 ? 90   LEU A CB  1 
ATOM   687  C CG  . LEU A 1 90 ? 0.228   -2.191  -9.015  1.00 18.82 ? 90   LEU A CG  1 
ATOM   688  C CD1 . LEU A 1 90 ? 0.871   -2.222  -7.630  1.00 18.58 ? 90   LEU A CD1 1 
ATOM   689  C CD2 . LEU A 1 90 ? 0.666   -0.947  -9.776  1.00 19.72 ? 90   LEU A CD2 1 
ATOM   690  N N   . THR A 1 91 ? 0.298   -5.978  -11.696 1.00 17.42 ? 91   THR A N   1 
ATOM   691  C CA  . THR A 1 91 ? 0.912   -7.128  -12.364 1.00 20.45 ? 91   THR A CA  1 
ATOM   692  C C   . THR A 1 91 ? 0.759   -7.051  -13.883 1.00 21.59 ? 91   THR A C   1 
ATOM   693  O O   . THR A 1 91 ? 1.670   -7.420  -14.631 1.00 21.49 ? 91   THR A O   1 
ATOM   694  C CB  . THR A 1 91 ? 0.271   -8.452  -11.926 1.00 20.75 ? 91   THR A CB  1 
ATOM   695  O OG1 . THR A 1 91 ? -1.143  -8.388  -12.145 1.00 20.29 ? 91   THR A OG1 1 
ATOM   696  C CG2 . THR A 1 91 ? 0.561   -8.738  -10.472 1.00 21.19 ? 91   THR A CG2 1 
ATOM   697  N N   . GLN A 1 92 ? -0.399  -6.571  -14.331 1.00 20.70 ? 92   GLN A N   1 
ATOM   698  C CA  . GLN A 1 92 ? -0.685  -6.479  -15.760 1.00 19.71 ? 92   GLN A CA  1 
ATOM   699  C C   . GLN A 1 92 ? 0.197   -5.490  -16.503 1.00 21.44 ? 92   GLN A C   1 
ATOM   700  O O   . GLN A 1 92 ? 0.419   -5.637  -17.707 1.00 21.57 ? 92   GLN A O   1 
ATOM   701  C CB  . GLN A 1 92 ? -2.157  -6.126  -15.980 1.00 20.53 ? 92   GLN A CB  1 
ATOM   702  C CG  . GLN A 1 92 ? -3.136  -7.105  -15.335 1.00 17.13 ? 92   GLN A CG  1 
ATOM   703  C CD  . GLN A 1 92 ? -2.948  -8.539  -15.812 1.00 20.68 ? 92   GLN A CD  1 
ATOM   704  O OE1 . GLN A 1 92 ? -2.364  -9.372  -15.116 1.00 20.97 ? 92   GLN A OE1 1 
ATOM   705  N NE2 . GLN A 1 92 ? -3.440  -8.829  -17.005 1.00 16.81 ? 92   GLN A NE2 1 
ATOM   706  N N   . ILE A 1 93 ? 0.701   -4.474  -15.809 1.00 21.80 ? 93   ILE A N   1 
ATOM   707  C CA  . ILE A 1 93 ? 1.570   -3.518  -16.477 1.00 22.80 ? 93   ILE A CA  1 
ATOM   708  C C   . ILE A 1 93 ? 3.035   -3.883  -16.258 1.00 22.87 ? 93   ILE A C   1 
ATOM   709  O O   . ILE A 1 93 ? 3.930   -3.167  -16.695 1.00 24.18 ? 93   ILE A O   1 
ATOM   710  C CB  . ILE A 1 93 ? 1.305   -2.065  -16.010 1.00 25.38 ? 93   ILE A CB  1 
ATOM   711  C CG1 . ILE A 1 93 ? 1.566   -1.927  -14.510 1.00 24.81 ? 93   ILE A CG1 1 
ATOM   712  C CG2 . ILE A 1 93 ? -0.135  -1.671  -16.348 1.00 24.44 ? 93   ILE A CG2 1 
ATOM   713  C CD1 . ILE A 1 93 ? 1.321   -0.528  -13.977 1.00 28.07 ? 93   ILE A CD1 1 
ATOM   714  N N   . GLY A 1 94 ? 3.264   -5.012  -15.587 1.00 22.99 ? 94   GLY A N   1 
ATOM   715  C CA  . GLY A 1 94 ? 4.617   -5.488  -15.344 1.00 23.42 ? 94   GLY A CA  1 
ATOM   716  C C   . GLY A 1 94 ? 5.384   -4.709  -14.296 1.00 23.75 ? 94   GLY A C   1 
ATOM   717  O O   . GLY A 1 94 ? 6.600   -4.541  -14.390 1.00 22.88 ? 94   GLY A O   1 
ATOM   718  N N   . CYS A 1 95 ? 4.671   -4.247  -13.279 1.00 23.27 ? 95   CYS A N   1 
ATOM   719  C CA  . CYS A 1 95 ? 5.284   -3.469  -12.221 1.00 23.92 ? 95   CYS A CA  1 
ATOM   720  C C   . CYS A 1 95 ? 5.974   -4.358  -11.192 1.00 22.42 ? 95   CYS A C   1 
ATOM   721  O O   . CYS A 1 95 ? 5.392   -5.326  -10.701 1.00 21.27 ? 95   CYS A O   1 
ATOM   722  C CB  . CYS A 1 95 ? 4.216   -2.610  -11.540 1.00 25.45 ? 95   CYS A CB  1 
ATOM   723  S SG  . CYS A 1 95 ? 4.842   -1.504  -10.280 1.00 29.87 ? 95   CYS A SG  1 
ATOM   724  N N   . THR A 1 96 ? 7.219   -4.026  -10.871 1.00 21.39 ? 96   THR A N   1 
ATOM   725  C CA  . THR A 1 96 ? 7.971   -4.788  -9.886  1.00 22.37 ? 96   THR A CA  1 
ATOM   726  C C   . THR A 1 96 ? 8.592   -3.862  -8.853  1.00 23.02 ? 96   THR A C   1 
ATOM   727  O O   . THR A 1 96 ? 8.771   -2.668  -9.098  1.00 22.85 ? 96   THR A O   1 
ATOM   728  C CB  . THR A 1 96 ? 9.115   -5.600  -10.527 1.00 22.81 ? 96   THR A CB  1 
ATOM   729  O OG1 . THR A 1 96 ? 10.046  -4.706  -11.144 1.00 23.03 ? 96   THR A OG1 1 
ATOM   730  C CG2 . THR A 1 96 ? 8.567   -6.564  -11.570 1.00 24.21 ? 96   THR A CG2 1 
ATOM   731  N N   . LEU A 1 97 ? 8.910   -4.439  -7.701  1.00 23.41 ? 97   LEU A N   1 
ATOM   732  C CA  . LEU A 1 97 ? 9.544   -3.736  -6.596  1.00 25.08 ? 97   LEU A CA  1 
ATOM   733  C C   . LEU A 1 97 ? 11.009  -4.174  -6.691  1.00 25.85 ? 97   LEU A C   1 
ATOM   734  O O   . LEU A 1 97 ? 11.289  -5.373  -6.779  1.00 25.18 ? 97   LEU A O   1 
ATOM   735  C CB  . LEU A 1 97 ? 8.924   -4.216  -5.277  1.00 26.78 ? 97   LEU A CB  1 
ATOM   736  C CG  . LEU A 1 97 ? 8.560   -3.202  -4.194  1.00 31.59 ? 97   LEU A CG  1 
ATOM   737  C CD1 . LEU A 1 97 ? 7.753   -2.058  -4.795  1.00 29.62 ? 97   LEU A CD1 1 
ATOM   738  C CD2 . LEU A 1 97 ? 7.760   -3.916  -3.099  1.00 31.33 ? 97   LEU A CD2 1 
ATOM   739  N N   . ASN A 1 98 ? 11.937  -3.220  -6.686  1.00 26.36 ? 98   ASN A N   1 
ATOM   740  C CA  . ASN A 1 98 ? 13.358  -3.552  -6.793  1.00 27.79 ? 98   ASN A CA  1 
ATOM   741  C C   . ASN A 1 98 ? 14.248  -2.830  -5.787  1.00 28.26 ? 98   ASN A C   1 
ATOM   742  O O   . ASN A 1 98 ? 14.058  -1.649  -5.511  1.00 26.61 ? 98   ASN A O   1 
ATOM   743  C CB  . ASN A 1 98 ? 13.889  -3.226  -8.193  1.00 29.28 ? 98   ASN A CB  1 
ATOM   744  C CG  . ASN A 1 98 ? 13.165  -3.980  -9.291  1.00 30.76 ? 98   ASN A CG  1 
ATOM   745  O OD1 . ASN A 1 98 ? 12.012  -3.688  -9.610  1.00 32.33 ? 98   ASN A OD1 1 
ATOM   746  N ND2 . ASN A 1 98 ? 13.843  -4.957  -9.877  1.00 32.75 ? 98   ASN A ND2 1 
ATOM   747  N N   . PHE A 1 99 ? 15.224  -3.560  -5.257  1.00 30.03 ? 99   PHE A N   1 
ATOM   748  C CA  . PHE A 1 99 ? 16.195  -3.015  -4.318  1.00 33.08 ? 99   PHE A CA  1 
ATOM   749  C C   . PHE A 1 99 ? 17.323  -4.026  -4.147  1.00 34.67 ? 99   PHE A C   1 
ATOM   750  O O   . PHE A 1 99 ? 18.013  -4.001  -3.106  1.00 35.66 ? 99   PHE A O   1 
ATOM   751  C CB  . PHE A 1 99 ? 15.545  -2.703  -2.963  1.00 33.67 ? 99   PHE A CB  1 
ATOM   752  C CG  . PHE A 1 99 ? 14.957  -3.898  -2.269  1.00 35.36 ? 99   PHE A CG  1 
ATOM   753  C CD1 . PHE A 1 99 ? 13.705  -4.383  -2.626  1.00 36.29 ? 99   PHE A CD1 1 
ATOM   754  C CD2 . PHE A 1 99 ? 15.652  -4.531  -1.243  1.00 35.61 ? 99   PHE A CD2 1 
ATOM   755  C CE1 . PHE A 1 99 ? 13.151  -5.481  -1.968  1.00 35.74 ? 99   PHE A CE1 1 
ATOM   756  C CE2 . PHE A 1 99 ? 15.110  -5.628  -0.582  1.00 35.91 ? 99   PHE A CE2 1 
ATOM   757  C CZ  . PHE A 1 99 ? 13.854  -6.106  -0.944  1.00 36.42 ? 99   PHE A CZ  1 
ATOM   758  O OXT . PHE A 1 99 ? 17.517  -4.828  -5.084  1.00 35.53 ? 99   PHE A OXT 1 
ATOM   759  N N   . PRO B 1 1  ? 17.142  -7.452  -4.932  1.00 40.37 ? 1    PRO B N   1 
ATOM   760  C CA  . PRO B 1 1  ? 16.402  -8.410  -5.781  1.00 38.81 ? 1    PRO B CA  1 
ATOM   761  C C   . PRO B 1 1  ? 15.189  -7.737  -6.414  1.00 38.24 ? 1    PRO B C   1 
ATOM   762  O O   . PRO B 1 1  ? 14.911  -6.562  -6.159  1.00 37.68 ? 1    PRO B O   1 
ATOM   763  C CB  . PRO B 1 1  ? 15.964  -9.538  -4.869  1.00 40.28 ? 1    PRO B CB  1 
ATOM   764  C CG  . PRO B 1 1  ? 15.765  -8.776  -3.559  1.00 40.17 ? 1    PRO B CG  1 
ATOM   765  C CD  . PRO B 1 1  ? 16.954  -7.800  -3.511  1.00 39.46 ? 1    PRO B CD  1 
ATOM   766  N N   . GLN B 1 2  ? 14.476  -8.482  -7.249  1.00 36.14 ? 2    GLN B N   1 
ATOM   767  C CA  . GLN B 1 2  ? 13.280  -7.963  -7.896  1.00 34.05 ? 2    GLN B CA  1 
ATOM   768  C C   . GLN B 1 2  ? 12.086  -8.778  -7.429  1.00 32.13 ? 2    GLN B C   1 
ATOM   769  O O   . GLN B 1 2  ? 12.070  -10.001 -7.554  1.00 32.32 ? 2    GLN B O   1 
ATOM   770  C CB  . GLN B 1 2  ? 13.396  -8.046  -9.419  1.00 35.91 ? 2    GLN B CB  1 
ATOM   771  C CG  . GLN B 1 2  ? 12.111  -7.661  -10.131 1.00 37.38 ? 2    GLN B CG  1 
ATOM   772  C CD  . GLN B 1 2  ? 12.292  -7.497  -11.622 1.00 39.60 ? 2    GLN B CD  1 
ATOM   773  O OE1 . GLN B 1 2  ? 12.963  -6.570  -12.077 1.00 39.97 ? 2    GLN B OE1 1 
ATOM   774  N NE2 . GLN B 1 2  ? 11.695  -8.397  -12.392 1.00 40.32 ? 2    GLN B NE2 1 
ATOM   775  N N   . ILE B 1 3  ? 11.087  -8.092  -6.888  1.00 29.37 ? 3    ILE B N   1 
ATOM   776  C CA  . ILE B 1 3  ? 9.894   -8.752  -6.387  1.00 26.68 ? 3    ILE B CA  1 
ATOM   777  C C   . ILE B 1 3  ? 8.689   -8.486  -7.292  1.00 25.61 ? 3    ILE B C   1 
ATOM   778  O O   . ILE B 1 3  ? 8.355   -7.335  -7.584  1.00 23.09 ? 3    ILE B O   1 
ATOM   779  C CB  . ILE B 1 3  ? 9.608   -8.284  -4.938  1.00 27.55 ? 3    ILE B CB  1 
ATOM   780  C CG1 . ILE B 1 3  ? 10.806  -8.645  -4.050  1.00 28.28 ? 3    ILE B CG1 1 
ATOM   781  C CG2 . ILE B 1 3  ? 8.333   -8.932  -4.398  1.00 26.34 ? 3    ILE B CG2 1 
ATOM   782  C CD1 . ILE B 1 3  ? 10.677  -8.207  -2.608  1.00 30.30 ? 3    ILE B CD1 1 
ATOM   783  N N   . THR B 1 4  ? 8.059   -9.563  -7.760  1.00 23.18 ? 4    THR B N   1 
ATOM   784  C CA  . THR B 1 4  ? 6.884   -9.451  -8.619  1.00 22.61 ? 4    THR B CA  1 
ATOM   785  C C   . THR B 1 4  ? 5.672   -9.326  -7.706  1.00 20.41 ? 4    THR B C   1 
ATOM   786  O O   . THR B 1 4  ? 5.759   -9.618  -6.518  1.00 20.62 ? 4    THR B O   1 
ATOM   787  C CB  . THR B 1 4  ? 6.715   -10.687 -9.524  1.00 22.30 ? 4    THR B CB  1 
ATOM   788  O OG1 . THR B 1 4  ? 6.655   -11.863 -8.713  1.00 24.09 ? 4    THR B OG1 1 
ATOM   789  C CG2 . THR B 1 4  ? 7.880   -10.798 -10.500 1.00 24.49 ? 4    THR B CG2 1 
ATOM   790  N N   . LEU B 1 5  ? 4.534   -8.921  -8.257  1.00 20.34 ? 5    LEU B N   1 
ATOM   791  C CA  . LEU B 1 5  ? 3.351   -8.715  -7.433  1.00 19.51 ? 5    LEU B CA  1 
ATOM   792  C C   . LEU B 1 5  ? 2.189   -9.683  -7.629  1.00 19.56 ? 5    LEU B C   1 
ATOM   793  O O   . LEU B 1 5  ? 1.047   -9.349  -7.316  1.00 17.42 ? 5    LEU B O   1 
ATOM   794  C CB  . LEU B 1 5  ? 2.879   -7.269  -7.621  1.00 19.91 ? 5    LEU B CB  1 
ATOM   795  C CG  . LEU B 1 5  ? 3.970   -6.245  -7.279  1.00 19.68 ? 5    LEU B CG  1 
ATOM   796  C CD1 . LEU B 1 5  ? 3.536   -4.839  -7.689  1.00 20.59 ? 5    LEU B CD1 1 
ATOM   797  C CD2 . LEU B 1 5  ? 4.266   -6.315  -5.783  1.00 22.03 ? 5    LEU B CD2 1 
ATOM   798  N N   . TRP B 1 6  ? 2.472   -10.884 -8.131  1.00 18.86 ? 6    TRP B N   1 
ATOM   799  C CA  . TRP B 1 6  ? 1.411   -11.866 -8.339  1.00 19.77 ? 6    TRP B CA  1 
ATOM   800  C C   . TRP B 1 6  ? 0.909   -12.361 -6.993  1.00 21.14 ? 6    TRP B C   1 
ATOM   801  O O   . TRP B 1 6  ? -0.211  -12.862 -6.876  1.00 20.78 ? 6    TRP B O   1 
ATOM   802  C CB  . TRP B 1 6  ? 1.908   -13.018 -9.220  1.00 20.09 ? 6    TRP B CB  1 
ATOM   803  C CG  . TRP B 1 6  ? 2.351   -12.520 -10.551 1.00 19.86 ? 6    TRP B CG  1 
ATOM   804  C CD1 . TRP B 1 6  ? 3.622   -12.213 -10.926 1.00 19.25 ? 6    TRP B CD1 1 
ATOM   805  C CD2 . TRP B 1 6  ? 1.509   -12.169 -11.660 1.00 20.37 ? 6    TRP B CD2 1 
ATOM   806  N NE1 . TRP B 1 6  ? 3.630   -11.688 -12.197 1.00 21.42 ? 6    TRP B NE1 1 
ATOM   807  C CE2 . TRP B 1 6  ? 2.346   -11.648 -12.670 1.00 19.66 ? 6    TRP B CE2 1 
ATOM   808  C CE3 . TRP B 1 6  ? 0.128   -12.243 -11.895 1.00 20.64 ? 6    TRP B CE3 1 
ATOM   809  C CZ2 . TRP B 1 6  ? 1.851   -11.198 -13.901 1.00 20.78 ? 6    TRP B CZ2 1 
ATOM   810  C CZ3 . TRP B 1 6  ? -0.368  -11.797 -13.117 1.00 17.93 ? 6    TRP B CZ3 1 
ATOM   811  C CH2 . TRP B 1 6  ? 0.494   -11.281 -14.106 1.00 18.82 ? 6    TRP B CH2 1 
ATOM   812  N N   . GLN B 1 7  ? 1.744   -12.211 -5.971  1.00 20.67 ? 7    GLN B N   1 
ATOM   813  C CA  . GLN B 1 7  ? 1.358   -12.575 -4.615  1.00 22.23 ? 7    GLN B CA  1 
ATOM   814  C C   . GLN B 1 7  ? 1.742   -11.398 -3.722  1.00 20.27 ? 7    GLN B C   1 
ATOM   815  O O   . GLN B 1 7  ? 2.454   -10.491 -4.161  1.00 18.00 ? 7    GLN B O   1 
ATOM   816  C CB  . GLN B 1 7  ? 2.056   -13.867 -4.164  1.00 26.51 ? 7    GLN B CB  1 
ATOM   817  C CG  . GLN B 1 7  ? 3.556   -13.899 -4.346  1.00 33.62 ? 7    GLN B CG  1 
ATOM   818  C CD  . GLN B 1 7  ? 4.145   -15.256 -3.983  1.00 37.97 ? 7    GLN B CD  1 
ATOM   819  O OE1 . GLN B 1 7  ? 4.163   -15.650 -2.812  1.00 40.05 ? 7    GLN B OE1 1 
ATOM   820  N NE2 . GLN B 1 7  ? 4.622   -15.981 -4.991  1.00 41.00 ? 7    GLN B NE2 1 
ATOM   821  N N   . ARG B 1 8  ? 1.263   -11.385 -2.484  1.00 19.14 ? 8    ARG B N   1 
ATOM   822  C CA  . ARG B 1 8  ? 1.592   -10.274 -1.592  1.00 18.90 ? 8    ARG B CA  1 
ATOM   823  C C   . ARG B 1 8  ? 3.093   -10.168 -1.381  1.00 19.98 ? 8    ARG B C   1 
ATOM   824  O O   . ARG B 1 8  ? 3.779   -11.178 -1.210  1.00 20.60 ? 8    ARG B O   1 
ATOM   825  C CB  . ARG B 1 8  ? 0.905   -10.441 -0.239  1.00 20.42 ? 8    ARG B CB  1 
ATOM   826  C CG  . ARG B 1 8  ? -0.591  -10.257 -0.295  1.00 23.19 ? 8    ARG B CG  1 
ATOM   827  C CD  . ARG B 1 8  ? -1.210  -10.266 1.086   1.00 25.63 ? 8    ARG B CD  1 
ATOM   828  N NE  . ARG B 1 8  ? -2.644  -10.023 1.007   1.00 27.65 ? 8    ARG B NE  1 
ATOM   829  C CZ  . ARG B 1 8  ? -3.465  -10.038 2.048   1.00 28.68 ? 8    ARG B CZ  1 
ATOM   830  N NH1 . ARG B 1 8  ? -2.996  -10.286 3.264   1.00 29.19 ? 8    ARG B NH1 1 
ATOM   831  N NH2 . ARG B 1 8  ? -4.760  -9.817  1.865   1.00 29.31 ? 8    ARG B NH2 1 
ATOM   832  N N   . PRO B 1 9  ? 3.628   -8.938  -1.407  1.00 17.72 ? 9    PRO B N   1 
ATOM   833  C CA  . PRO B 1 9  ? 5.064   -8.751  -1.207  1.00 18.22 ? 9    PRO B CA  1 
ATOM   834  C C   . PRO B 1 9  ? 5.419   -8.813  0.275   1.00 19.47 ? 9    PRO B C   1 
ATOM   835  O O   . PRO B 1 9  ? 5.739   -7.801  0.890   1.00 18.39 ? 9    PRO B O   1 
ATOM   836  C CB  . PRO B 1 9  ? 5.319   -7.382  -1.828  1.00 16.76 ? 9    PRO B CB  1 
ATOM   837  C CG  . PRO B 1 9  ? 4.048   -6.649  -1.533  1.00 17.07 ? 9    PRO B CG  1 
ATOM   838  C CD  . PRO B 1 9  ? 2.989   -7.683  -1.851  1.00 17.56 ? 9    PRO B CD  1 
ATOM   839  N N   . LEU B 1 10 ? 5.331   -10.013 0.838   1.00 18.65 ? 10   LEU B N   1 
ATOM   840  C CA  . LEU B 1 10 ? 5.644   -10.239 2.241   1.00 21.13 ? 10   LEU B CA  1 
ATOM   841  C C   . LEU B 1 10 ? 7.117   -10.581 2.388   1.00 22.38 ? 10   LEU B C   1 
ATOM   842  O O   . LEU B 1 10 ? 7.666   -11.352 1.602   1.00 23.04 ? 10   LEU B O   1 
ATOM   843  C CB  . LEU B 1 10 ? 4.796   -11.388 2.792   1.00 23.33 ? 10   LEU B CB  1 
ATOM   844  C CG  . LEU B 1 10 ? 3.289   -11.158 2.915   1.00 24.96 ? 10   LEU B CG  1 
ATOM   845  C CD1 . LEU B 1 10 ? 2.571   -12.497 2.994   1.00 28.67 ? 10   LEU B CD1 1 
ATOM   846  C CD2 . LEU B 1 10 ? 2.991   -10.314 4.141   1.00 27.97 ? 10   LEU B CD2 1 
ATOM   847  N N   . VAL B 1 11 ? 7.762   -9.991  3.387   1.00 20.73 ? 11   VAL B N   1 
ATOM   848  C CA  . VAL B 1 11 ? 9.171   -10.253 3.640   1.00 22.22 ? 11   VAL B CA  1 
ATOM   849  C C   . VAL B 1 11 ? 9.365   -10.455 5.135   1.00 22.93 ? 11   VAL B C   1 
ATOM   850  O O   . VAL B 1 11 ? 8.488   -10.122 5.937   1.00 21.41 ? 11   VAL B O   1 
ATOM   851  C CB  . VAL B 1 11 ? 10.069  -9.082  3.170   1.00 22.57 ? 11   VAL B CB  1 
ATOM   852  C CG1 . VAL B 1 11 ? 9.933   -8.896  1.669   1.00 24.75 ? 11   VAL B CG1 1 
ATOM   853  C CG2 . VAL B 1 11 ? 9.691   -7.799  3.903   1.00 23.42 ? 11   VAL B CG2 1 
ATOM   854  N N   . THR B 1 12 ? 10.498  -11.028 5.510   1.00 22.83 ? 12   THR B N   1 
ATOM   855  C CA  . THR B 1 12 ? 10.777  -11.239 6.919   1.00 24.30 ? 12   THR B CA  1 
ATOM   856  C C   . THR B 1 12 ? 11.597  -10.065 7.421   1.00 23.12 ? 12   THR B C   1 
ATOM   857  O O   . THR B 1 12 ? 12.563  -9.654  6.782   1.00 24.16 ? 12   THR B O   1 
ATOM   858  C CB  . THR B 1 12 ? 11.580  -12.536 7.161   1.00 25.69 ? 12   THR B CB  1 
ATOM   859  O OG1 . THR B 1 12 ? 10.791  -13.669 6.785   1.00 26.60 ? 12   THR B OG1 1 
ATOM   860  C CG2 . THR B 1 12 ? 11.956  -12.657 8.635   1.00 25.77 ? 12   THR B CG2 1 
ATOM   861  N N   . ILE B 1 13 ? 11.200  -9.509  8.555   1.00 21.72 ? 13   ILE B N   1 
ATOM   862  C CA  . ILE B 1 13 ? 11.944  -8.403  9.122   1.00 21.92 ? 13   ILE B CA  1 
ATOM   863  C C   . ILE B 1 13 ? 12.404  -8.828  10.500  1.00 21.49 ? 13   ILE B C   1 
ATOM   864  O O   . ILE B 1 13 ? 11.841  -9.743  11.102  1.00 21.85 ? 13   ILE B O   1 
ATOM   865  C CB  . ILE B 1 13 ? 11.084  -7.117  9.237   1.00 20.72 ? 13   ILE B CB  1 
ATOM   866  C CG1 . ILE B 1 13 ? 9.906   -7.348  10.190  1.00 20.53 ? 13   ILE B CG1 1 
ATOM   867  C CG2 . ILE B 1 13 ? 10.574  -6.715  7.854   1.00 20.56 ? 13   ILE B CG2 1 
ATOM   868  C CD1 . ILE B 1 13 ? 9.209   -6.059  10.630  1.00 21.31 ? 13   ILE B CD1 1 
ATOM   869  N N   . LYS B 1 14 ? 13.446  -8.175  10.990  1.00 21.37 ? 14   LYS B N   1 
ATOM   870  C CA  . LYS B 1 14 ? 13.968  -8.489  12.305  1.00 21.96 ? 14   LYS B CA  1 
ATOM   871  C C   . LYS B 1 14 ? 13.924  -7.202  13.114  1.00 20.98 ? 14   LYS B C   1 
ATOM   872  O O   . LYS B 1 14 ? 14.447  -6.177  12.689  1.00 19.85 ? 14   LYS B O   1 
ATOM   873  C CB  . LYS B 1 14 ? 15.404  -8.997  12.187  1.00 22.83 ? 14   LYS B CB  1 
ATOM   874  C CG  . LYS B 1 14 ? 15.965  -9.592  13.460  1.00 27.34 ? 14   LYS B CG  1 
ATOM   875  C CD  . LYS B 1 14 ? 17.373  -10.111 13.224  1.00 29.39 ? 14   LYS B CD  1 
ATOM   876  C CE  . LYS B 1 14 ? 17.974  -10.647 14.507  1.00 31.23 ? 14   LYS B CE  1 
ATOM   877  N NZ  . LYS B 1 14 ? 19.363  -11.125 14.278  1.00 34.56 ? 14   LYS B NZ  1 
ATOM   878  N N   . ILE B 1 15 ? 13.276  -7.257  14.271  1.00 22.62 ? 15   ILE B N   1 
ATOM   879  C CA  . ILE B 1 15 ? 13.172  -6.091  15.132  1.00 25.05 ? 15   ILE B CA  1 
ATOM   880  C C   . ILE B 1 15 ? 13.101  -6.571  16.577  1.00 26.24 ? 15   ILE B C   1 
ATOM   881  O O   . ILE B 1 15 ? 12.338  -7.480  16.903  1.00 24.43 ? 15   ILE B O   1 
ATOM   882  C CB  . ILE B 1 15 ? 11.921  -5.247  14.759  1.00 25.91 ? 15   ILE B CB  1 
ATOM   883  C CG1 . ILE B 1 15 ? 11.880  -3.967  15.591  1.00 27.78 ? 15   ILE B CG1 1 
ATOM   884  C CG2 . ILE B 1 15 ? 10.656  -6.068  14.949  1.00 27.72 ? 15   ILE B CG2 1 
ATOM   885  C CD1 . ILE B 1 15 ? 10.810  -2.983  15.139  1.00 28.64 ? 15   ILE B CD1 1 
ATOM   886  N N   . GLY B 1 16 ? 13.920  -5.971  17.437  1.00 28.03 ? 16   GLY B N   1 
ATOM   887  C CA  . GLY B 1 16 ? 13.939  -6.374  18.830  1.00 30.37 ? 16   GLY B CA  1 
ATOM   888  C C   . GLY B 1 16 ? 14.360  -7.828  18.958  1.00 32.07 ? 16   GLY B C   1 
ATOM   889  O O   . GLY B 1 16 ? 13.882  -8.553  19.832  1.00 32.99 ? 16   GLY B O   1 
ATOM   890  N N   . GLY B 1 17 ? 15.253  -8.256  18.072  1.00 32.31 ? 17   GLY B N   1 
ATOM   891  C CA  . GLY B 1 17 ? 15.734  -9.626  18.098  1.00 33.80 ? 17   GLY B CA  1 
ATOM   892  C C   . GLY B 1 17 ? 14.724  -10.671 17.651  1.00 34.02 ? 17   GLY B C   1 
ATOM   893  O O   . GLY B 1 17 ? 14.999  -11.868 17.729  1.00 35.40 ? 17   GLY B O   1 
ATOM   894  N N   . GLN B 1 18 ? 13.558  -10.237 17.183  1.00 32.97 ? 18   GLN B N   1 
ATOM   895  C CA  . GLN B 1 18 ? 12.538  -11.181 16.738  1.00 33.46 ? 18   GLN B CA  1 
ATOM   896  C C   . GLN B 1 18 ? 12.247  -11.075 15.249  1.00 30.67 ? 18   GLN B C   1 
ATOM   897  O O   . GLN B 1 18 ? 12.337  -9.995  14.660  1.00 29.60 ? 18   GLN B O   1 
ATOM   898  C CB  . GLN B 1 18 ? 11.229  -10.959 17.493  1.00 36.36 ? 18   GLN B CB  1 
ATOM   899  C CG  . GLN B 1 18 ? 11.322  -11.109 18.991  1.00 42.95 ? 18   GLN B CG  1 
ATOM   900  C CD  . GLN B 1 18 ? 9.985   -10.871 19.659  1.00 46.95 ? 18   GLN B CD  1 
ATOM   901  O OE1 . GLN B 1 18 ? 9.394   -9.797  19.521  1.00 49.64 ? 18   GLN B OE1 1 
ATOM   902  N NE2 . GLN B 1 18 ? 9.494   -11.874 20.384  1.00 49.08 ? 18   GLN B NE2 1 
ATOM   903  N N   . LEU B 1 19 ? 11.885  -12.204 14.647  1.00 28.20 ? 19   LEU B N   1 
ATOM   904  C CA  . LEU B 1 19 ? 11.546  -12.235 13.233  1.00 26.01 ? 19   LEU B CA  1 
ATOM   905  C C   . LEU B 1 19 ? 10.031  -12.107 13.109  1.00 26.77 ? 19   LEU B C   1 
ATOM   906  O O   . LEU B 1 19 ? 9.280   -12.729 13.863  1.00 26.47 ? 19   LEU B O   1 
ATOM   907  C CB  . LEU B 1 19 ? 11.993  -13.550 12.591  1.00 26.37 ? 19   LEU B CB  1 
ATOM   908  C CG  . LEU B 1 19 ? 13.486  -13.881 12.518  1.00 26.86 ? 19   LEU B CG  1 
ATOM   909  C CD1 . LEU B 1 19 ? 13.665  -15.203 11.771  1.00 28.21 ? 19   LEU B CD1 1 
ATOM   910  C CD2 . LEU B 1 19 ? 14.239  -12.765 11.810  1.00 26.31 ? 19   LEU B CD2 1 
ATOM   911  N N   . LYS B 1 20 ? 9.589   -11.290 12.162  1.00 24.60 ? 20   LYS B N   1 
ATOM   912  C CA  . LYS B 1 20 ? 8.170   -11.081 11.923  1.00 25.11 ? 20   LYS B CA  1 
ATOM   913  C C   . LYS B 1 20 ? 7.980   -10.937 10.418  1.00 25.24 ? 20   LYS B C   1 
ATOM   914  O O   . LYS B 1 20 ? 8.937   -10.670 9.690   1.00 24.43 ? 20   LYS B O   1 
ATOM   915  C CB  . LYS B 1 20 ? 7.694   -9.801  12.624  1.00 27.34 ? 20   LYS B CB  1 
ATOM   916  C CG  . LYS B 1 20 ? 7.848   -9.806  14.144  1.00 31.16 ? 20   LYS B CG  1 
ATOM   917  C CD  . LYS B 1 20 ? 7.497   -8.444  14.730  1.00 34.05 ? 20   LYS B CD  1 
ATOM   918  C CE  . LYS B 1 20 ? 7.617   -8.418  16.252  1.00 35.41 ? 20   LYS B CE  1 
ATOM   919  N NZ  . LYS B 1 20 ? 6.582   -9.270  16.908  1.00 38.90 ? 20   LYS B NZ  1 
ATOM   920  N N   . GLU B 1 21 ? 6.755   -11.136 9.948   1.00 24.13 ? 21   GLU B N   1 
ATOM   921  C CA  . GLU B 1 21 ? 6.465   -10.978 8.532   1.00 24.37 ? 21   GLU B CA  1 
ATOM   922  C C   . GLU B 1 21 ? 5.848   -9.603  8.333   1.00 21.43 ? 21   GLU B C   1 
ATOM   923  O O   . GLU B 1 21 ? 5.024   -9.156  9.135   1.00 21.14 ? 21   GLU B O   1 
ATOM   924  C CB  . GLU B 1 21 ? 5.494   -12.050 8.042   1.00 27.27 ? 21   GLU B CB  1 
ATOM   925  C CG  . GLU B 1 21 ? 6.120   -13.411 7.848   1.00 34.32 ? 21   GLU B CG  1 
ATOM   926  C CD  . GLU B 1 21 ? 5.286   -14.290 6.942   1.00 36.40 ? 21   GLU B CD  1 
ATOM   927  O OE1 . GLU B 1 21 ? 4.103   -14.517 7.271   1.00 41.13 ? 21   GLU B OE1 1 
ATOM   928  O OE2 . GLU B 1 21 ? 5.812   -14.743 5.901   1.00 38.64 ? 21   GLU B OE2 1 
ATOM   929  N N   . ALA B 1 22 ? 6.256   -8.929  7.265   1.00 21.11 ? 22   ALA B N   1 
ATOM   930  C CA  . ALA B 1 22 ? 5.749   -7.598  6.978   1.00 20.42 ? 22   ALA B CA  1 
ATOM   931  C C   . ALA B 1 22 ? 5.537   -7.406  5.484   1.00 20.12 ? 22   ALA B C   1 
ATOM   932  O O   . ALA B 1 22 ? 6.188   -8.043  4.655   1.00 20.87 ? 22   ALA B O   1 
ATOM   933  C CB  . ALA B 1 22 ? 6.709   -6.540  7.523   1.00 19.62 ? 22   ALA B CB  1 
ATOM   934  N N   . LEU B 1 23 ? 4.629   -6.503  5.155   1.00 20.21 ? 23   LEU B N   1 
ATOM   935  C CA  . LEU B 1 23 ? 4.262   -6.208  3.779   1.00 20.15 ? 23   LEU B CA  1 
ATOM   936  C C   . LEU B 1 23 ? 4.973   -4.972  3.221   1.00 19.65 ? 23   LEU B C   1 
ATOM   937  O O   . LEU B 1 23 ? 4.946   -3.911  3.847   1.00 18.96 ? 23   LEU B O   1 
ATOM   938  C CB  . LEU B 1 23 ? 2.751   -5.998  3.746   1.00 23.45 ? 23   LEU B CB  1 
ATOM   939  C CG  . LEU B 1 23 ? 1.959   -5.770  2.467   1.00 25.75 ? 23   LEU B CG  1 
ATOM   940  C CD1 . LEU B 1 23 ? 2.085   -6.978  1.548   1.00 24.99 ? 23   LEU B CD1 1 
ATOM   941  C CD2 . LEU B 1 23 ? 0.492   -5.542  2.861   1.00 25.89 ? 23   LEU B CD2 1 
ATOM   942  N N   . LEU B 1 24 ? 5.618   -5.104  2.058   1.00 18.34 ? 24   LEU B N   1 
ATOM   943  C CA  . LEU B 1 24 ? 6.287   -3.953  1.435   1.00 17.73 ? 24   LEU B CA  1 
ATOM   944  C C   . LEU B 1 24 ? 5.137   -3.179  0.806   1.00 17.43 ? 24   LEU B C   1 
ATOM   945  O O   . LEU B 1 24 ? 4.565   -3.595  -0.206  1.00 17.44 ? 24   LEU B O   1 
ATOM   946  C CB  . LEU B 1 24 ? 7.298   -4.405  0.377   1.00 18.60 ? 24   LEU B CB  1 
ATOM   947  C CG  . LEU B 1 24 ? 8.442   -5.276  0.910   1.00 18.45 ? 24   LEU B CG  1 
ATOM   948  C CD1 . LEU B 1 24 ? 9.396   -5.610  -0.237  1.00 19.52 ? 24   LEU B CD1 1 
ATOM   949  C CD2 . LEU B 1 24 ? 9.179   -4.555  2.037   1.00 19.25 ? 24   LEU B CD2 1 
ATOM   950  N N   . ASP B 1 25 ? 4.825   -2.041  1.416   1.00 15.67 ? 25   ASP B N   1 
ATOM   951  C CA  . ASP B 1 25 ? 3.676   -1.235  1.040   1.00 16.54 ? 25   ASP B CA  1 
ATOM   952  C C   . ASP B 1 25 ? 3.983   0.178   0.531   1.00 16.57 ? 25   ASP B C   1 
ATOM   953  O O   . ASP B 1 25 ? 4.165   1.097   1.330   1.00 14.24 ? 25   ASP B O   1 
ATOM   954  C CB  . ASP B 1 25 ? 2.784   -1.158  2.280   1.00 19.42 ? 25   ASP B CB  1 
ATOM   955  C CG  . ASP B 1 25 ? 1.379   -0.747  1.970   1.00 20.86 ? 25   ASP B CG  1 
ATOM   956  O OD1 . ASP B 1 25 ? 1.195   0.111   1.084   1.00 20.92 ? 25   ASP B OD1 1 
ATOM   957  O OD2 . ASP B 1 25 ? 0.462   -1.279  2.635   1.00 21.92 ? 25   ASP B OD2 1 
ATOM   958  N N   . THR B 1 26 ? 4.002   0.357   -0.787  1.00 15.67 ? 26   THR B N   1 
ATOM   959  C CA  . THR B 1 26 ? 4.293   1.672   -1.367  1.00 14.90 ? 26   THR B CA  1 
ATOM   960  C C   . THR B 1 26 ? 3.160   2.676   -1.132  1.00 16.33 ? 26   THR B C   1 
ATOM   961  O O   . THR B 1 26 ? 3.345   3.882   -1.302  1.00 16.58 ? 26   THR B O   1 
ATOM   962  C CB  . THR B 1 26 ? 4.562   1.577   -2.887  1.00 15.30 ? 26   THR B CB  1 
ATOM   963  O OG1 . THR B 1 26 ? 3.438   0.979   -3.541  1.00 15.44 ? 26   THR B OG1 1 
ATOM   964  C CG2 . THR B 1 26 ? 5.803   0.734   -3.161  1.00 16.90 ? 26   THR B CG2 1 
ATOM   965  N N   . GLY B 1 27 ? 1.989   2.177   -0.748  1.00 15.65 ? 27   GLY B N   1 
ATOM   966  C CA  . GLY B 1 27 ? 0.868   3.065   -0.497  1.00 17.41 ? 27   GLY B CA  1 
ATOM   967  C C   . GLY B 1 27 ? 0.906   3.723   0.881   1.00 18.41 ? 27   GLY B C   1 
ATOM   968  O O   . GLY B 1 27 ? 0.200   4.702   1.130   1.00 19.11 ? 27   GLY B O   1 
ATOM   969  N N   . ALA B 1 28 ? 1.737   3.192   1.772   1.00 17.72 ? 28   ALA B N   1 
ATOM   970  C CA  . ALA B 1 28 ? 1.855   3.706   3.139   1.00 17.55 ? 28   ALA B CA  1 
ATOM   971  C C   . ALA B 1 28 ? 3.014   4.693   3.295   1.00 18.11 ? 28   ALA B C   1 
ATOM   972  O O   . ALA B 1 28 ? 4.131   4.419   2.858   1.00 15.50 ? 28   ALA B O   1 
ATOM   973  C CB  . ALA B 1 28 ? 2.037   2.543   4.093   1.00 15.77 ? 28   ALA B CB  1 
ATOM   974  N N   . ASP B 1 29 ? 2.759   5.836   3.929   1.00 18.51 ? 29   ASP B N   1 
ATOM   975  C CA  . ASP B 1 29 ? 3.821   6.830   4.113   1.00 19.45 ? 29   ASP B CA  1 
ATOM   976  C C   . ASP B 1 29 ? 4.769   6.399   5.214   1.00 18.50 ? 29   ASP B C   1 
ATOM   977  O O   . ASP B 1 29 ? 5.977   6.658   5.156   1.00 18.08 ? 29   ASP B O   1 
ATOM   978  C CB  . ASP B 1 29 ? 3.257   8.203   4.509   1.00 22.12 ? 29   ASP B CB  1 
ATOM   979  C CG  . ASP B 1 29 ? 2.280   8.760   3.499   1.00 24.36 ? 29   ASP B CG  1 
ATOM   980  O OD1 . ASP B 1 29 ? 2.535   8.656   2.286   1.00 23.61 ? 29   ASP B OD1 1 
ATOM   981  O OD2 . ASP B 1 29 ? 1.253   9.325   3.931   1.00 27.76 ? 29   ASP B OD2 1 
ATOM   982  N N   . ASP B 1 30 ? 4.206   5.746   6.225   1.00 16.59 ? 30   ASP B N   1 
ATOM   983  C CA  . ASP B 1 30 ? 4.970   5.306   7.378   1.00 18.24 ? 30   ASP B CA  1 
ATOM   984  C C   . ASP B 1 30 ? 4.920   3.801   7.567   1.00 17.25 ? 30   ASP B C   1 
ATOM   985  O O   . ASP B 1 30 ? 4.164   3.098   6.905   1.00 18.04 ? 30   ASP B O   1 
ATOM   986  C CB  . ASP B 1 30 ? 4.424   5.973   8.643   1.00 20.61 ? 30   ASP B CB  1 
ATOM   987  C CG  . ASP B 1 30 ? 4.238   7.471   8.481   1.00 23.03 ? 30   ASP B CG  1 
ATOM   988  O OD1 . ASP B 1 30 ? 5.236   8.167   8.221   1.00 23.42 ? 30   ASP B OD1 1 
ATOM   989  O OD2 . ASP B 1 30 ? 3.092   7.950   8.618   1.00 25.39 ? 30   ASP B OD2 1 
ATOM   990  N N   . THR B 1 31 ? 5.743   3.329   8.495   1.00 15.86 ? 31   THR B N   1 
ATOM   991  C CA  . THR B 1 31 ? 5.840   1.924   8.840   1.00 15.87 ? 31   THR B CA  1 
ATOM   992  C C   . THR B 1 31 ? 5.016   1.714   10.115  1.00 17.85 ? 31   THR B C   1 
ATOM   993  O O   . THR B 1 31 ? 5.217   2.408   11.119  1.00 17.38 ? 31   THR B O   1 
ATOM   994  C CB  . THR B 1 31 ? 7.321   1.542   9.060   1.00 16.04 ? 31   THR B CB  1 
ATOM   995  O OG1 . THR B 1 31 ? 8.006   1.592   7.800   1.00 18.95 ? 31   THR B OG1 1 
ATOM   996  C CG2 . THR B 1 31 ? 7.452   0.146   9.647   1.00 16.19 ? 31   THR B CG2 1 
ATOM   997  N N   . VAL B 1 32 ? 4.064   0.785   10.056  1.00 17.90 ? 32   VAL B N   1 
ATOM   998  C CA  . VAL B 1 32 ? 3.202   0.499   11.198  1.00 18.17 ? 32   VAL B CA  1 
ATOM   999  C C   . VAL B 1 32 ? 3.215   -0.990  11.516  1.00 17.55 ? 32   VAL B C   1 
ATOM   1000 O O   . VAL B 1 32 ? 2.952   -1.824  10.647  1.00 16.99 ? 32   VAL B O   1 
ATOM   1001 C CB  . VAL B 1 32 ? 1.742   0.902   10.924  1.00 20.69 ? 32   VAL B CB  1 
ATOM   1002 C CG1 . VAL B 1 32 ? 0.970   0.951   12.240  1.00 21.52 ? 32   VAL B CG1 1 
ATOM   1003 C CG2 . VAL B 1 32 ? 1.689   2.239   10.215  1.00 24.60 ? 32   VAL B CG2 1 
ATOM   1004 N N   . LEU B 1 33 ? 3.493   -1.321  12.772  1.00 17.50 ? 33   LEU B N   1 
ATOM   1005 C CA  . LEU B 1 33 ? 3.546   -2.711  13.182  1.00 16.01 ? 33   LEU B CA  1 
ATOM   1006 C C   . LEU B 1 33 ? 2.532   -3.026  14.264  1.00 19.06 ? 33   LEU B C   1 
ATOM   1007 O O   . LEU B 1 33 ? 2.046   -2.134  14.965  1.00 15.73 ? 33   LEU B O   1 
ATOM   1008 C CB  . LEU B 1 33 ? 4.941   -3.055  13.696  1.00 18.04 ? 33   LEU B CB  1 
ATOM   1009 C CG  . LEU B 1 33 ? 6.117   -2.746  12.771  1.00 17.64 ? 33   LEU B CG  1 
ATOM   1010 C CD1 . LEU B 1 33 ? 7.414   -2.989  13.518  1.00 20.98 ? 33   LEU B CD1 1 
ATOM   1011 C CD2 . LEU B 1 33 ? 6.039   -3.598  11.527  1.00 19.02 ? 33   LEU B CD2 1 
ATOM   1012 N N   . GLU B 1 34 ? 2.229   -4.313  14.383  1.00 19.62 ? 34   GLU B N   1 
ATOM   1013 C CA  . GLU B 1 34 ? 1.295   -4.813  15.377  1.00 22.96 ? 34   GLU B CA  1 
ATOM   1014 C C   . GLU B 1 34 ? 1.845   -4.539  16.764  1.00 23.80 ? 34   GLU B C   1 
ATOM   1015 O O   . GLU B 1 34 ? 3.056   -4.402  16.954  1.00 22.21 ? 34   GLU B O   1 
ATOM   1016 C CB  . GLU B 1 34 ? 1.091   -6.318  15.178  1.00 23.90 ? 34   GLU B CB  1 
ATOM   1017 C CG  . GLU B 1 34 ? 0.315   -6.662  13.914  1.00 31.06 ? 34   GLU B CG  1 
ATOM   1018 C CD  . GLU B 1 34 ? 0.496   -8.108  13.472  1.00 33.94 ? 34   GLU B CD  1 
ATOM   1019 O OE1 . GLU B 1 34 ? 0.550   -8.999  14.343  1.00 36.58 ? 34   GLU B OE1 1 
ATOM   1020 O OE2 . GLU B 1 34 ? 0.572   -8.354  12.247  1.00 37.72 ? 34   GLU B OE2 1 
ATOM   1021 N N   . GLU B 1 35 ? 0.939   -4.451  17.730  1.00 25.58 ? 35   GLU B N   1 
ATOM   1022 C CA  . GLU B 1 35 ? 1.295   -4.195  19.117  1.00 27.90 ? 35   GLU B CA  1 
ATOM   1023 C C   . GLU B 1 35 ? 2.519   -4.996  19.553  1.00 27.63 ? 35   GLU B C   1 
ATOM   1024 O O   . GLU B 1 35 ? 2.586   -6.211  19.358  1.00 28.10 ? 35   GLU B O   1 
ATOM   1025 C CB  . GLU B 1 35 ? 0.100   -4.533  20.018  1.00 29.94 ? 35   GLU B CB  1 
ATOM   1026 C CG  . GLU B 1 35 ? 0.311   -4.239  21.486  1.00 34.17 ? 35   GLU B CG  1 
ATOM   1027 C CD  . GLU B 1 35 ? 0.681   -2.792  21.746  1.00 35.84 ? 35   GLU B CD  1 
ATOM   1028 O OE1 . GLU B 1 35 ? -0.057  -1.892  21.291  1.00 37.95 ? 35   GLU B OE1 1 
ATOM   1029 O OE2 . GLU B 1 35 ? 1.709   -2.557  22.412  1.00 38.73 ? 35   GLU B OE2 1 
ATOM   1030 N N   . MET B 1 36 ? 3.490   -4.300  20.129  1.00 27.62 ? 36   MET B N   1 
ATOM   1031 C CA  . MET B 1 36 ? 4.709   -4.922  20.620  1.00 29.60 ? 36   MET B CA  1 
ATOM   1032 C C   . MET B 1 36 ? 5.430   -3.925  21.518  1.00 30.95 ? 36   MET B C   1 
ATOM   1033 O O   . MET B 1 36 ? 5.040   -2.762  21.606  1.00 29.53 ? 36   MET B O   1 
ATOM   1034 C CB  . MET B 1 36 ? 5.622   -5.322  19.460  1.00 30.58 ? 36   MET B CB  1 
ATOM   1035 C CG  . MET B 1 36 ? 6.219   -4.156  18.700  1.00 31.64 ? 36   MET B CG  1 
ATOM   1036 S SD  . MET B 1 36 ? 7.354   -4.735  17.430  1.00 36.28 ? 36   MET B SD  1 
ATOM   1037 C CE  . MET B 1 36 ? 8.784   -5.117  18.425  1.00 34.80 ? 36   MET B CE  1 
ATOM   1038 N N   . SER B 1 37 ? 6.486   -4.380  22.179  1.00 32.54 ? 37   SER B N   1 
ATOM   1039 C CA  . SER B 1 37 ? 7.237   -3.500  23.060  1.00 33.96 ? 37   SER B CA  1 
ATOM   1040 C C   . SER B 1 37 ? 8.528   -2.996  22.422  1.00 32.83 ? 37   SER B C   1 
ATOM   1041 O O   . SER B 1 37 ? 9.338   -3.777  21.915  1.00 32.79 ? 37   SER B O   1 
ATOM   1042 C CB  . SER B 1 37 ? 7.556   -4.215  24.376  1.00 35.51 ? 37   SER B CB  1 
ATOM   1043 O OG  . SER B 1 37 ? 8.298   -3.368  25.239  1.00 39.07 ? 37   SER B OG  1 
ATOM   1044 N N   . LEU B 1 38 ? 8.698   -1.679  22.442  1.00 32.22 ? 38   LEU B N   1 
ATOM   1045 C CA  . LEU B 1 38 ? 9.884   -1.029  21.898  1.00 30.76 ? 38   LEU B CA  1 
ATOM   1046 C C   . LEU B 1 38 ? 10.450  -0.117  22.983  1.00 31.39 ? 38   LEU B C   1 
ATOM   1047 O O   . LEU B 1 38 ? 9.711   0.382   23.827  1.00 29.76 ? 38   LEU B O   1 
ATOM   1048 C CB  . LEU B 1 38 ? 9.527   -0.212  20.654  1.00 31.21 ? 38   LEU B CB  1 
ATOM   1049 C CG  . LEU B 1 38 ? 9.047   -0.984  19.419  1.00 30.63 ? 38   LEU B CG  1 
ATOM   1050 C CD1 . LEU B 1 38 ? 8.764   -0.011  18.285  1.00 29.76 ? 38   LEU B CD1 1 
ATOM   1051 C CD2 . LEU B 1 38 ? 10.109  -1.985  18.992  1.00 30.22 ? 38   LEU B CD2 1 
ATOM   1052 N N   . PRO B 1 39 ? 11.772  0.113   22.975  1.00 32.15 ? 39   PRO B N   1 
ATOM   1053 C CA  . PRO B 1 39 ? 12.401  0.972   23.985  1.00 32.78 ? 39   PRO B CA  1 
ATOM   1054 C C   . PRO B 1 39 ? 12.224  2.476   23.771  1.00 32.76 ? 39   PRO B C   1 
ATOM   1055 O O   . PRO B 1 39 ? 11.939  2.930   22.659  1.00 33.23 ? 39   PRO B O   1 
ATOM   1056 C CB  . PRO B 1 39 ? 13.867  0.559   23.908  1.00 31.95 ? 39   PRO B CB  1 
ATOM   1057 C CG  . PRO B 1 39 ? 14.040  0.307   22.448  1.00 32.54 ? 39   PRO B CG  1 
ATOM   1058 C CD  . PRO B 1 39 ? 12.791  -0.492  22.099  1.00 31.73 ? 39   PRO B CD  1 
ATOM   1059 N N   . GLY B 1 40 ? 12.389  3.237   24.851  1.00 32.33 ? 40   GLY B N   1 
ATOM   1060 C CA  . GLY B 1 40 ? 12.288  4.686   24.776  1.00 30.16 ? 40   GLY B CA  1 
ATOM   1061 C C   . GLY B 1 40 ? 10.901  5.270   24.952  1.00 28.78 ? 40   GLY B C   1 
ATOM   1062 O O   . GLY B 1 40 ? 9.941   4.563   25.253  1.00 28.68 ? 40   GLY B O   1 
ATOM   1063 N N   . ARG B 1 41 ? 10.803  6.583   24.773  1.00 26.74 ? 41   ARG B N   1 
ATOM   1064 C CA  . ARG B 1 41 ? 9.527   7.273   24.895  1.00 25.86 ? 41   ARG B CA  1 
ATOM   1065 C C   . ARG B 1 41 ? 8.845   7.249   23.539  1.00 24.42 ? 41   ARG B C   1 
ATOM   1066 O O   . ARG B 1 41 ? 9.497   7.086   22.508  1.00 25.49 ? 41   ARG B O   1 
ATOM   1067 C CB  . ARG B 1 41 ? 9.731   8.731   25.314  1.00 25.23 ? 41   ARG B CB  1 
ATOM   1068 C CG  . ARG B 1 41 ? 10.200  8.934   26.748  1.00 25.90 ? 41   ARG B CG  1 
ATOM   1069 C CD  . ARG B 1 41 ? 10.438  10.414  27.025  1.00 25.87 ? 41   ARG B CD  1 
ATOM   1070 N NE  . ARG B 1 41 ? 9.222   11.216  26.880  1.00 23.95 ? 41   ARG B NE  1 
ATOM   1071 C CZ  . ARG B 1 41 ? 8.249   11.291  27.789  1.00 25.79 ? 41   ARG B CZ  1 
ATOM   1072 N NH1 . ARG B 1 41 ? 8.334   10.610  28.928  1.00 19.16 ? 41   ARG B NH1 1 
ATOM   1073 N NH2 . ARG B 1 41 ? 7.185   12.050  27.556  1.00 25.04 ? 41   ARG B NH2 1 
ATOM   1074 N N   . TRP B 1 42 ? 7.530   7.406   23.543  1.00 22.90 ? 42   TRP B N   1 
ATOM   1075 C CA  . TRP B 1 42 ? 6.795   7.432   22.298  1.00 22.46 ? 42   TRP B CA  1 
ATOM   1076 C C   . TRP B 1 42 ? 5.979   8.710   22.220  1.00 22.46 ? 42   TRP B C   1 
ATOM   1077 O O   . TRP B 1 42 ? 5.762   9.391   23.228  1.00 19.99 ? 42   TRP B O   1 
ATOM   1078 C CB  . TRP B 1 42 ? 5.886   6.205   22.168  1.00 21.11 ? 42   TRP B CB  1 
ATOM   1079 C CG  . TRP B 1 42 ? 4.890   6.015   23.284  1.00 20.63 ? 42   TRP B CG  1 
ATOM   1080 C CD1 . TRP B 1 42 ? 5.099   5.376   24.470  1.00 20.31 ? 42   TRP B CD1 1 
ATOM   1081 C CD2 . TRP B 1 42 ? 3.520   6.431   23.289  1.00 19.40 ? 42   TRP B CD2 1 
ATOM   1082 N NE1 . TRP B 1 42 ? 3.942   5.359   25.213  1.00 20.56 ? 42   TRP B NE1 1 
ATOM   1083 C CE2 . TRP B 1 42 ? 2.956   6.002   24.511  1.00 21.06 ? 42   TRP B CE2 1 
ATOM   1084 C CE3 . TRP B 1 42 ? 2.710   7.122   22.376  1.00 19.48 ? 42   TRP B CE3 1 
ATOM   1085 C CZ2 . TRP B 1 42 ? 1.617   6.237   24.844  1.00 19.48 ? 42   TRP B CZ2 1 
ATOM   1086 C CZ3 . TRP B 1 42 ? 1.378   7.357   22.707  1.00 20.07 ? 42   TRP B CZ3 1 
ATOM   1087 C CH2 . TRP B 1 42 ? 0.847   6.912   23.932  1.00 20.96 ? 42   TRP B CH2 1 
ATOM   1088 N N   . LYS B 1 43 ? 5.562   9.052   21.010  1.00 21.65 ? 43   LYS B N   1 
ATOM   1089 C CA  . LYS B 1 43 ? 4.762   10.242  20.784  1.00 22.67 ? 43   LYS B CA  1 
ATOM   1090 C C   . LYS B 1 43 ? 3.490   9.796   20.081  1.00 22.79 ? 43   LYS B C   1 
ATOM   1091 O O   . LYS B 1 43 ? 3.472   8.762   19.406  1.00 22.76 ? 43   LYS B O   1 
ATOM   1092 C CB  . LYS B 1 43 ? 5.530   11.242  19.917  1.00 23.73 ? 43   LYS B CB  1 
ATOM   1093 C CG  . LYS B 1 43 ? 6.789   11.786  20.576  1.00 30.75 ? 43   LYS B CG  1 
ATOM   1094 C CD  . LYS B 1 43 ? 7.587   12.665  19.616  1.00 33.68 ? 43   LYS B CD  1 
ATOM   1095 C CE  . LYS B 1 43 ? 8.766   13.320  20.324  1.00 37.67 ? 43   LYS B CE  1 
ATOM   1096 N NZ  . LYS B 1 43 ? 9.571   14.181  19.405  1.00 39.40 ? 43   LYS B NZ  1 
ATOM   1097 N N   . PRO B 1 44 ? 2.407   10.565  20.231  1.00 22.50 ? 44   PRO B N   1 
ATOM   1098 C CA  . PRO B 1 44 ? 1.137   10.215  19.595  1.00 22.21 ? 44   PRO B CA  1 
ATOM   1099 C C   . PRO B 1 44 ? 1.071   10.608  18.119  1.00 23.39 ? 44   PRO B C   1 
ATOM   1100 O O   . PRO B 1 44 ? 1.647   11.615  17.702  1.00 20.90 ? 44   PRO B O   1 
ATOM   1101 C CB  . PRO B 1 44 ? 0.123   10.978  20.438  1.00 23.42 ? 44   PRO B CB  1 
ATOM   1102 C CG  . PRO B 1 44 ? 0.859   12.244  20.714  1.00 23.45 ? 44   PRO B CG  1 
ATOM   1103 C CD  . PRO B 1 44 ? 2.250   11.753  21.087  1.00 23.87 ? 44   PRO B CD  1 
ATOM   1104 N N   . LYS B 1 45 ? 0.388   9.787   17.327  1.00 22.90 ? 45   LYS B N   1 
ATOM   1105 C CA  . LYS B 1 45 ? 0.216   10.073  15.913  1.00 24.90 ? 45   LYS B CA  1 
ATOM   1106 C C   . LYS B 1 45 ? -1.074  9.454   15.398  1.00 25.19 ? 45   LYS B C   1 
ATOM   1107 O O   . LYS B 1 45 ? -1.511  8.412   15.877  1.00 24.23 ? 45   LYS B O   1 
ATOM   1108 C CB  . LYS B 1 45 ? 1.397   9.558   15.084  1.00 26.69 ? 45   LYS B CB  1 
ATOM   1109 C CG  . LYS B 1 45 ? 1.308   9.999   13.623  1.00 28.90 ? 45   LYS B CG  1 
ATOM   1110 C CD  . LYS B 1 45 ? 2.590   9.757   12.850  1.00 30.58 ? 45   LYS B CD  1 
ATOM   1111 C CE  . LYS B 1 45 ? 2.491   10.354  11.457  1.00 31.71 ? 45   LYS B CE  1 
ATOM   1112 N NZ  . LYS B 1 45 ? 3.773   10.253  10.709  1.00 35.58 ? 45   LYS B NZ  1 
ATOM   1113 N N   . MET B 1 46 ? -1.682  10.121  14.425  1.00 25.07 ? 46   MET B N   1 
ATOM   1114 C CA  . MET B 1 46 ? -2.918  9.654   13.813  1.00 27.19 ? 46   MET B CA  1 
ATOM   1115 C C   . MET B 1 46 ? -2.597  9.300   12.370  1.00 26.19 ? 46   MET B C   1 
ATOM   1116 O O   . MET B 1 46 ? -2.000  10.104  11.659  1.00 25.81 ? 46   MET B O   1 
ATOM   1117 C CB  . MET B 1 46 ? -3.965  10.768  13.820  1.00 31.68 ? 46   MET B CB  1 
ATOM   1118 C CG  . MET B 1 46 ? -4.452  11.179  15.191  1.00 36.84 ? 46   MET B CG  1 
ATOM   1119 S SD  . MET B 1 46 ? -5.720  10.069  15.784  1.00 45.03 ? 46   MET B SD  1 
ATOM   1120 C CE  . MET B 1 46 ? -7.130  10.659  14.836  1.00 43.22 ? 46   MET B CE  1 
ATOM   1121 N N   . ILE B 1 47 ? -2.964  8.096   11.943  1.00 25.50 ? 47   ILE B N   1 
ATOM   1122 C CA  . ILE B 1 47 ? -2.735  7.689   10.562  1.00 25.30 ? 47   ILE B CA  1 
ATOM   1123 C C   . ILE B 1 47 ? -4.050  7.185   10.003  1.00 25.50 ? 47   ILE B C   1 
ATOM   1124 O O   . ILE B 1 47 ? -4.850  6.580   10.724  1.00 26.33 ? 47   ILE B O   1 
ATOM   1125 C CB  . ILE B 1 47 ? -1.663  6.581   10.428  1.00 26.11 ? 47   ILE B CB  1 
ATOM   1126 C CG1 . ILE B 1 47 ? -2.065  5.342   11.234  1.00 27.52 ? 47   ILE B CG1 1 
ATOM   1127 C CG2 . ILE B 1 47 ? -0.304  7.121   10.865  1.00 27.05 ? 47   ILE B CG2 1 
ATOM   1128 C CD1 . ILE B 1 47 ? -1.133  4.162   11.015  1.00 25.63 ? 47   ILE B CD1 1 
ATOM   1129 N N   . GLY B 1 48 ? -4.277  7.439   8.720   1.00 25.78 ? 48   GLY B N   1 
ATOM   1130 C CA  . GLY B 1 48 ? -5.524  7.020   8.115   1.00 25.55 ? 48   GLY B CA  1 
ATOM   1131 C C   . GLY B 1 48 ? -5.424  5.992   7.013   1.00 24.79 ? 48   GLY B C   1 
ATOM   1132 O O   . GLY B 1 48 ? -4.437  5.913   6.285   1.00 24.19 ? 48   GLY B O   1 
ATOM   1133 N N   . GLY B 1 49 ? -6.469  5.182   6.915   1.00 24.60 ? 49   GLY B N   1 
ATOM   1134 C CA  . GLY B 1 49 ? -6.546  4.166   5.889   1.00 23.41 ? 49   GLY B CA  1 
ATOM   1135 C C   . GLY B 1 49 ? -7.889  4.396   5.235   1.00 25.29 ? 49   GLY B C   1 
ATOM   1136 O O   . GLY B 1 49 ? -8.518  5.428   5.473   1.00 23.99 ? 49   GLY B O   1 
ATOM   1137 N N   . ILE B 1 50 ? -8.349  3.450   4.431   1.00 24.70 ? 50   ILE B N   1 
ATOM   1138 C CA  . ILE B 1 50 ? -9.636  3.604   3.768   1.00 28.21 ? 50   ILE B CA  1 
ATOM   1139 C C   . ILE B 1 50 ? -10.824 3.663   4.733   1.00 27.71 ? 50   ILE B C   1 
ATOM   1140 O O   . ILE B 1 50 ? -11.828 4.306   4.440   1.00 29.03 ? 50   ILE B O   1 
ATOM   1141 C CB  . ILE B 1 50 ? -9.885  2.466   2.764   1.00 30.19 ? 50   ILE B CB  1 
ATOM   1142 C CG1 . ILE B 1 50 ? -8.907  2.581   1.598   1.00 32.53 ? 50   ILE B CG1 1 
ATOM   1143 C CG2 . ILE B 1 50 ? -11.293 2.544   2.234   1.00 32.17 ? 50   ILE B CG2 1 
ATOM   1144 C CD1 . ILE B 1 50 ? -9.190  1.603   0.479   1.00 36.71 ? 50   ILE B CD1 1 
ATOM   1145 N N   . GLY B 1 51 ? -10.709 3.005   5.879   1.00 27.39 ? 51   GLY B N   1 
ATOM   1146 C CA  . GLY B 1 51 ? -11.810 2.995   6.830   1.00 28.52 ? 51   GLY B CA  1 
ATOM   1147 C C   . GLY B 1 51 ? -11.898 4.196   7.753   1.00 30.03 ? 51   GLY B C   1 
ATOM   1148 O O   . GLY B 1 51 ? -12.959 4.497   8.306   1.00 29.60 ? 51   GLY B O   1 
ATOM   1149 N N   . GLY B 1 52 ? -10.781 4.890   7.919   1.00 29.61 ? 52   GLY B N   1 
ATOM   1150 C CA  . GLY B 1 52 ? -10.758 6.045   8.791   1.00 30.93 ? 52   GLY B CA  1 
ATOM   1151 C C   . GLY B 1 52 ? -9.397  6.170   9.437   1.00 30.21 ? 52   GLY B C   1 
ATOM   1152 O O   . GLY B 1 52 ? -8.411  5.678   8.902   1.00 28.05 ? 52   GLY B O   1 
ATOM   1153 N N   . PHE B 1 53 ? -9.337  6.818   10.593  1.00 30.97 ? 53   PHE B N   1 
ATOM   1154 C CA  . PHE B 1 53 ? -8.067  6.995   11.280  1.00 32.10 ? 53   PHE B CA  1 
ATOM   1155 C C   . PHE B 1 53 ? -7.963  6.176   12.552  1.00 31.73 ? 53   PHE B C   1 
ATOM   1156 O O   . PHE B 1 53 ? -8.970  5.774   13.138  1.00 31.85 ? 53   PHE B O   1 
ATOM   1157 C CB  . PHE B 1 53 ? -7.845  8.470   11.632  1.00 33.57 ? 53   PHE B CB  1 
ATOM   1158 C CG  . PHE B 1 53 ? -7.671  9.364   10.443  1.00 35.20 ? 53   PHE B CG  1 
ATOM   1159 C CD1 . PHE B 1 53 ? -8.764  9.746   9.674   1.00 37.36 ? 53   PHE B CD1 1 
ATOM   1160 C CD2 . PHE B 1 53 ? -6.408  9.826   10.089  1.00 35.70 ? 53   PHE B CD2 1 
ATOM   1161 C CE1 . PHE B 1 53 ? -8.601  10.580  8.569   1.00 38.22 ? 53   PHE B CE1 1 
ATOM   1162 C CE2 . PHE B 1 53 ? -6.232  10.659  8.986   1.00 37.21 ? 53   PHE B CE2 1 
ATOM   1163 C CZ  . PHE B 1 53 ? -7.331  11.037  8.225   1.00 38.55 ? 53   PHE B CZ  1 
ATOM   1164 N N   . ILE B 1 54 ? -6.728  5.919   12.966  1.00 30.37 ? 54   ILE B N   1 
ATOM   1165 C CA  . ILE B 1 54 ? -6.469  5.191   14.197  1.00 29.03 ? 54   ILE B CA  1 
ATOM   1166 C C   . ILE B 1 54 ? -5.341  5.926   14.914  1.00 28.67 ? 54   ILE B C   1 
ATOM   1167 O O   . ILE B 1 54 ? -4.614  6.718   14.306  1.00 27.87 ? 54   ILE B O   1 
ATOM   1168 C CB  . ILE B 1 54 ? -6.043  3.724   13.942  1.00 28.41 ? 54   ILE B CB  1 
ATOM   1169 C CG1 . ILE B 1 54 ? -4.743  3.680   13.141  1.00 27.79 ? 54   ILE B CG1 1 
ATOM   1170 C CG2 . ILE B 1 54 ? -7.156  2.977   13.204  1.00 29.52 ? 54   ILE B CG2 1 
ATOM   1171 C CD1 . ILE B 1 54 ? -4.119  2.298   13.077  1.00 27.34 ? 54   ILE B CD1 1 
ATOM   1172 N N   . LYS B 1 55 ? -5.218  5.685   16.212  1.00 27.20 ? 55   LYS B N   1 
ATOM   1173 C CA  . LYS B 1 55 ? -4.168  6.313   16.998  1.00 27.59 ? 55   LYS B CA  1 
ATOM   1174 C C   . LYS B 1 55 ? -3.074  5.281   17.176  1.00 25.38 ? 55   LYS B C   1 
ATOM   1175 O O   . LYS B 1 55 ? -3.346  4.128   17.501  1.00 25.36 ? 55   LYS B O   1 
ATOM   1176 C CB  . LYS B 1 55 ? -4.700  6.742   18.369  1.00 30.68 ? 55   LYS B CB  1 
ATOM   1177 C CG  . LYS B 1 55 ? -5.730  7.860   18.315  1.00 35.55 ? 55   LYS B CG  1 
ATOM   1178 C CD  . LYS B 1 55 ? -6.239  8.235   19.703  1.00 38.86 ? 55   LYS B CD  1 
ATOM   1179 C CE  . LYS B 1 55 ? -5.117  8.771   20.583  1.00 41.37 ? 55   LYS B CE  1 
ATOM   1180 N NZ  . LYS B 1 55 ? -4.451  9.957   19.972  1.00 43.92 ? 55   LYS B NZ  1 
ATOM   1181 N N   . VAL B 1 56 ? -1.835  5.685   16.946  1.00 22.80 ? 56   VAL B N   1 
ATOM   1182 C CA  . VAL B 1 56 ? -0.725  4.765   17.100  1.00 21.54 ? 56   VAL B CA  1 
ATOM   1183 C C   . VAL B 1 56 ? 0.357   5.426   17.930  1.00 19.86 ? 56   VAL B C   1 
ATOM   1184 O O   . VAL B 1 56 ? 0.316   6.635   18.167  1.00 19.90 ? 56   VAL B O   1 
ATOM   1185 C CB  . VAL B 1 56 ? -0.129  4.368   15.731  1.00 21.39 ? 56   VAL B CB  1 
ATOM   1186 C CG1 . VAL B 1 56 ? -1.181  3.663   14.893  1.00 22.28 ? 56   VAL B CG1 1 
ATOM   1187 C CG2 . VAL B 1 56 ? 0.388   5.609   15.015  1.00 22.47 ? 56   VAL B CG2 1 
ATOM   1188 N N   . ARG B 1 57 ? 1.318   4.628   18.376  1.00 18.81 ? 57   ARG B N   1 
ATOM   1189 C CA  . ARG B 1 57 ? 2.430   5.142   19.162  1.00 18.27 ? 57   ARG B CA  1 
ATOM   1190 C C   . ARG B 1 57 ? 3.615   5.261   18.208  1.00 19.87 ? 57   ARG B C   1 
ATOM   1191 O O   . ARG B 1 57 ? 3.911   4.331   17.454  1.00 20.70 ? 57   ARG B O   1 
ATOM   1192 C CB  . ARG B 1 57 ? 2.763   4.186   20.309  1.00 20.12 ? 57   ARG B CB  1 
ATOM   1193 C CG  . ARG B 1 57 ? 1.594   3.903   21.246  1.00 22.63 ? 57   ARG B CG  1 
ATOM   1194 C CD  . ARG B 1 57 ? 2.077   3.364   22.588  1.00 25.96 ? 57   ARG B CD  1 
ATOM   1195 N NE  . ARG B 1 57 ? 2.865   2.140   22.464  1.00 27.47 ? 57   ARG B NE  1 
ATOM   1196 C CZ  . ARG B 1 57 ? 2.362   0.951   22.148  1.00 29.61 ? 57   ARG B CZ  1 
ATOM   1197 N NH1 . ARG B 1 57 ? 1.061   0.813   21.922  1.00 29.38 ? 57   ARG B NH1 1 
ATOM   1198 N NH2 . ARG B 1 57 ? 3.157   -0.106  22.061  1.00 29.49 ? 57   ARG B NH2 1 
ATOM   1199 N N   . GLN B 1 58 ? 4.282   6.408   18.231  1.00 19.24 ? 58   GLN B N   1 
ATOM   1200 C CA  . GLN B 1 58 ? 5.416   6.637   17.354  1.00 19.67 ? 58   GLN B CA  1 
ATOM   1201 C C   . GLN B 1 58 ? 6.738   6.519   18.088  1.00 20.93 ? 58   GLN B C   1 
ATOM   1202 O O   . GLN B 1 58 ? 6.981   7.236   19.060  1.00 20.08 ? 58   GLN B O   1 
ATOM   1203 C CB  . GLN B 1 58 ? 5.322   8.029   16.716  1.00 18.93 ? 58   GLN B CB  1 
ATOM   1204 C CG  . GLN B 1 58 ? 6.483   8.350   15.775  1.00 22.21 ? 58   GLN B CG  1 
ATOM   1205 C CD  . GLN B 1 58 ? 6.416   9.760   15.219  1.00 25.22 ? 58   GLN B CD  1 
ATOM   1206 O OE1 . GLN B 1 58 ? 5.374   10.197  14.728  1.00 26.70 ? 58   GLN B OE1 1 
ATOM   1207 N NE2 . GLN B 1 58 ? 7.532   10.476  15.285  1.00 25.27 ? 58   GLN B NE2 1 
ATOM   1208 N N   . TYR B 1 59 ? 7.581   5.602   17.632  1.00 20.04 ? 59   TYR B N   1 
ATOM   1209 C CA  . TYR B 1 59 ? 8.903   5.428   18.223  1.00 23.36 ? 59   TYR B CA  1 
ATOM   1210 C C   . TYR B 1 59 ? 9.939   5.820   17.172  1.00 23.74 ? 59   TYR B C   1 
ATOM   1211 O O   . TYR B 1 59 ? 9.827   5.426   16.009  1.00 23.20 ? 59   TYR B O   1 
ATOM   1212 C CB  . TYR B 1 59 ? 9.134   3.981   18.654  1.00 22.01 ? 59   TYR B CB  1 
ATOM   1213 C CG  . TYR B 1 59 ? 8.229   3.508   19.765  1.00 22.48 ? 59   TYR B CG  1 
ATOM   1214 C CD1 . TYR B 1 59 ? 6.944   3.042   19.493  1.00 21.67 ? 59   TYR B CD1 1 
ATOM   1215 C CD2 . TYR B 1 59 ? 8.669   3.497   21.091  1.00 21.50 ? 59   TYR B CD2 1 
ATOM   1216 C CE1 . TYR B 1 59 ? 6.121   2.566   20.510  1.00 24.47 ? 59   TYR B CE1 1 
ATOM   1217 C CE2 . TYR B 1 59 ? 7.853   3.025   22.115  1.00 21.93 ? 59   TYR B CE2 1 
ATOM   1218 C CZ  . TYR B 1 59 ? 6.584   2.560   21.816  1.00 23.40 ? 59   TYR B CZ  1 
ATOM   1219 O OH  . TYR B 1 59 ? 5.776   2.078   22.816  1.00 25.25 ? 59   TYR B OH  1 
ATOM   1220 N N   . ASP B 1 60 ? 10.943  6.591   17.580  1.00 24.28 ? 60   ASP B N   1 
ATOM   1221 C CA  . ASP B 1 60 ? 11.978  7.033   16.650  1.00 25.53 ? 60   ASP B CA  1 
ATOM   1222 C C   . ASP B 1 60 ? 13.307  6.289   16.790  1.00 24.87 ? 60   ASP B C   1 
ATOM   1223 O O   . ASP B 1 60 ? 13.580  5.666   17.815  1.00 23.67 ? 60   ASP B O   1 
ATOM   1224 C CB  . ASP B 1 60 ? 12.220  8.535   16.808  1.00 29.33 ? 60   ASP B CB  1 
ATOM   1225 C CG  . ASP B 1 60 ? 10.970  9.356   16.558  1.00 31.48 ? 60   ASP B CG  1 
ATOM   1226 O OD1 . ASP B 1 60 ? 10.262  9.076   15.569  1.00 32.82 ? 60   ASP B OD1 1 
ATOM   1227 O OD2 . ASP B 1 60 ? 10.700  10.289  17.342  1.00 33.93 ? 60   ASP B OD2 1 
ATOM   1228 N N   . GLN B 1 61 ? 14.121  6.370   15.743  1.00 25.12 ? 61   GLN B N   1 
ATOM   1229 C CA  . GLN B 1 61 ? 15.438  5.727   15.696  1.00 26.04 ? 61   GLN B CA  1 
ATOM   1230 C C   . GLN B 1 61 ? 15.440  4.265   16.129  1.00 24.79 ? 61   GLN B C   1 
ATOM   1231 O O   . GLN B 1 61 ? 16.232  3.848   16.977  1.00 24.35 ? 61   GLN B O   1 
ATOM   1232 C CB  . GLN B 1 61 ? 16.446  6.518   16.539  1.00 28.64 ? 61   GLN B CB  1 
ATOM   1233 C CG  . GLN B 1 61 ? 16.955  7.772   15.850  1.00 34.35 ? 61   GLN B CG  1 
ATOM   1234 C CD  . GLN B 1 61 ? 17.992  8.509   16.677  1.00 37.31 ? 61   GLN B CD  1 
ATOM   1235 O OE1 . GLN B 1 61 ? 17.694  9.021   17.758  1.00 39.99 ? 61   GLN B OE1 1 
ATOM   1236 N NE2 . GLN B 1 61 ? 19.221  8.562   16.173  1.00 38.13 ? 61   GLN B NE2 1 
ATOM   1237 N N   . ILE B 1 62 ? 14.554  3.487   15.524  1.00 21.77 ? 62   ILE B N   1 
ATOM   1238 C CA  . ILE B 1 62 ? 14.445  2.070   15.824  1.00 21.97 ? 62   ILE B CA  1 
ATOM   1239 C C   . ILE B 1 62 ? 15.213  1.295   14.763  1.00 22.62 ? 62   ILE B C   1 
ATOM   1240 O O   . ILE B 1 62 ? 15.103  1.588   13.574  1.00 21.71 ? 62   ILE B O   1 
ATOM   1241 C CB  . ILE B 1 62 ? 12.962  1.619   15.814  1.00 19.88 ? 62   ILE B CB  1 
ATOM   1242 C CG1 . ILE B 1 62 ? 12.182  2.394   16.877  1.00 21.24 ? 62   ILE B CG1 1 
ATOM   1243 C CG2 . ILE B 1 62 ? 12.862  0.109   16.035  1.00 22.20 ? 62   ILE B CG2 1 
ATOM   1244 C CD1 . ILE B 1 62 ? 12.720  2.234   18.290  1.00 20.89 ? 62   ILE B CD1 1 
ATOM   1245 N N   . LEU B 1 63 ? 16.009  0.323   15.194  1.00 24.91 ? 63   LEU B N   1 
ATOM   1246 C CA  . LEU B 1 63 ? 16.764  -0.492  14.252  1.00 27.28 ? 63   LEU B CA  1 
ATOM   1247 C C   . LEU B 1 63 ? 15.864  -1.614  13.739  1.00 27.17 ? 63   LEU B C   1 
ATOM   1248 O O   . LEU B 1 63 ? 15.282  -2.372  14.519  1.00 23.93 ? 63   LEU B O   1 
ATOM   1249 C CB  . LEU B 1 63 ? 18.002  -1.097  14.925  1.00 30.88 ? 63   LEU B CB  1 
ATOM   1250 C CG  . LEU B 1 63 ? 18.786  -2.101  14.069  1.00 33.82 ? 63   LEU B CG  1 
ATOM   1251 C CD1 . LEU B 1 63 ? 19.380  -1.397  12.851  1.00 36.33 ? 63   LEU B CD1 1 
ATOM   1252 C CD2 . LEU B 1 63 ? 19.886  -2.739  14.903  1.00 36.18 ? 63   LEU B CD2 1 
ATOM   1253 N N   . ILE B 1 64 ? 15.742  -1.712  12.425  1.00 27.25 ? 64   ILE B N   1 
ATOM   1254 C CA  . ILE B 1 64 ? 14.918  -2.747  11.837  1.00 28.50 ? 64   ILE B CA  1 
ATOM   1255 C C   . ILE B 1 64 ? 15.638  -3.305  10.614  1.00 28.75 ? 64   ILE B C   1 
ATOM   1256 O O   . ILE B 1 64 ? 16.156  -2.559  9.782   1.00 28.36 ? 64   ILE B O   1 
ATOM   1257 C CB  . ILE B 1 64 ? 13.520  -2.179  11.475  1.00 30.81 ? 64   ILE B CB  1 
ATOM   1258 C CG1 . ILE B 1 64 ? 12.608  -3.294  10.968  1.00 31.67 ? 64   ILE B CG1 1 
ATOM   1259 C CG2 . ILE B 1 64 ? 13.654  -1.072  10.443  1.00 33.10 ? 64   ILE B CG2 1 
ATOM   1260 C CD1 . ILE B 1 64 ? 11.173  -2.846  10.787  1.00 33.54 ? 64   ILE B CD1 1 
ATOM   1261 N N   . GLU B 1 65 ? 15.707  -4.629  10.532  1.00 28.90 ? 65   GLU B N   1 
ATOM   1262 C CA  . GLU B 1 65 ? 16.377  -5.288  9.423   1.00 28.90 ? 65   GLU B CA  1 
ATOM   1263 C C   . GLU B 1 65 ? 15.320  -5.804  8.460   1.00 28.81 ? 65   GLU B C   1 
ATOM   1264 O O   . GLU B 1 65 ? 14.429  -6.558  8.845   1.00 28.48 ? 65   GLU B O   1 
ATOM   1265 C CB  . GLU B 1 65 ? 17.234  -6.437  9.951   1.00 32.21 ? 65   GLU B CB  1 
ATOM   1266 C CG  . GLU B 1 65 ? 18.243  -6.976  8.957   1.00 38.23 ? 65   GLU B CG  1 
ATOM   1267 C CD  . GLU B 1 65 ? 19.040  -8.137  9.523   1.00 40.70 ? 65   GLU B CD  1 
ATOM   1268 O OE1 . GLU B 1 65 ? 19.703  -7.955  10.567  1.00 41.95 ? 65   GLU B OE1 1 
ATOM   1269 O OE2 . GLU B 1 65 ? 18.997  -9.232  8.923   1.00 44.39 ? 65   GLU B OE2 1 
ATOM   1270 N N   . ILE B 1 66 ? 15.414  -5.384  7.205   1.00 28.08 ? 66   ILE B N   1 
ATOM   1271 C CA  . ILE B 1 66 ? 14.447  -5.785  6.196   1.00 29.54 ? 66   ILE B CA  1 
ATOM   1272 C C   . ILE B 1 66 ? 15.163  -6.555  5.093   1.00 30.72 ? 66   ILE B C   1 
ATOM   1273 O O   . ILE B 1 66 ? 15.961  -5.988  4.355   1.00 29.65 ? 66   ILE B O   1 
ATOM   1274 C CB  . ILE B 1 66 ? 13.757  -4.540  5.598   1.00 28.17 ? 66   ILE B CB  1 
ATOM   1275 C CG1 . ILE B 1 66 ? 13.168  -3.689  6.732   1.00 28.93 ? 66   ILE B CG1 1 
ATOM   1276 C CG2 . ILE B 1 66 ? 12.670  -4.965  4.622   1.00 26.91 ? 66   ILE B CG2 1 
ATOM   1277 C CD1 . ILE B 1 66 ? 12.671  -2.321  6.297   1.00 30.00 ? 66   ILE B CD1 1 
ATOM   1278 N N   . CYS B 1 67 ? 14.880  -7.850  4.988   1.00 34.84 ? 67   CYS B N   1 
ATOM   1279 C CA  . CYS B 1 67 ? 15.521  -8.689  3.981   1.00 38.61 ? 67   CYS B CA  1 
ATOM   1280 C C   . CYS B 1 67 ? 17.037  -8.588  4.091   1.00 39.16 ? 67   CYS B C   1 
ATOM   1281 O O   . CYS B 1 67 ? 17.744  -8.559  3.083   1.00 39.91 ? 67   CYS B O   1 
ATOM   1282 C CB  . CYS B 1 67 ? 15.095  -8.268  2.574   1.00 40.00 ? 67   CYS B CB  1 
ATOM   1283 S SG  . CYS B 1 67 ? 13.378  -8.610  2.198   1.00 45.56 ? 67   CYS B SG  1 
ATOM   1284 N N   . GLY B 1 68 ? 17.534  -8.525  5.321   1.00 39.40 ? 68   GLY B N   1 
ATOM   1285 C CA  . GLY B 1 68 ? 18.969  -8.433  5.515   1.00 39.32 ? 68   GLY B CA  1 
ATOM   1286 C C   . GLY B 1 68 ? 19.507  -7.016  5.477   1.00 38.18 ? 68   GLY B C   1 
ATOM   1287 O O   . GLY B 1 68 ? 20.625  -6.771  5.929   1.00 38.64 ? 68   GLY B O   1 
ATOM   1288 N N   . HIS B 1 69 ? 18.733  -6.083  4.932   1.00 36.38 ? 69   HIS B N   1 
ATOM   1289 C CA  . HIS B 1 69 ? 19.168  -4.691  4.874   1.00 35.68 ? 69   HIS B CA  1 
ATOM   1290 C C   . HIS B 1 69 ? 18.830  -3.990  6.184   1.00 34.15 ? 69   HIS B C   1 
ATOM   1291 O O   . HIS B 1 69 ? 17.684  -4.017  6.635   1.00 32.49 ? 69   HIS B O   1 
ATOM   1292 C CB  . HIS B 1 69 ? 18.496  -3.956  3.710   1.00 36.77 ? 69   HIS B CB  1 
ATOM   1293 C CG  . HIS B 1 69 ? 18.933  -4.434  2.362   1.00 38.74 ? 69   HIS B CG  1 
ATOM   1294 N ND1 . HIS B 1 69 ? 18.673  -5.708  1.904   1.00 40.33 ? 69   HIS B ND1 1 
ATOM   1295 C CD2 . HIS B 1 69 ? 19.623  -3.812  1.376   1.00 39.00 ? 69   HIS B CD2 1 
ATOM   1296 C CE1 . HIS B 1 69 ? 19.186  -5.851  0.694   1.00 39.52 ? 69   HIS B CE1 1 
ATOM   1297 N NE2 . HIS B 1 69 ? 19.767  -4.715  0.352   1.00 39.91 ? 69   HIS B NE2 1 
ATOM   1298 N N   . LYS B 1 70 ? 19.832  -3.366  6.795   1.00 32.46 ? 70   LYS B N   1 
ATOM   1299 C CA  . LYS B 1 70 ? 19.630  -2.667  8.055   1.00 33.12 ? 70   LYS B CA  1 
ATOM   1300 C C   . LYS B 1 70 ? 19.123  -1.250  7.848   1.00 30.02 ? 70   LYS B C   1 
ATOM   1301 O O   . LYS B 1 70 ? 19.640  -0.510  7.017   1.00 30.84 ? 70   LYS B O   1 
ATOM   1302 C CB  . LYS B 1 70 ? 20.930  -2.621  8.859   1.00 35.59 ? 70   LYS B CB  1 
ATOM   1303 C CG  . LYS B 1 70 ? 21.330  -3.945  9.480   1.00 39.68 ? 70   LYS B CG  1 
ATOM   1304 C CD  . LYS B 1 70 ? 22.449  -3.740  10.485  1.00 43.99 ? 70   LYS B CD  1 
ATOM   1305 C CE  . LYS B 1 70 ? 22.767  -5.022  11.240  1.00 46.91 ? 70   LYS B CE  1 
ATOM   1306 N NZ  . LYS B 1 70 ? 23.737  -4.782  12.349  1.00 48.80 ? 70   LYS B NZ  1 
ATOM   1307 N N   . ALA B 1 71 ? 18.100  -0.881  8.609   1.00 26.81 ? 71   ALA B N   1 
ATOM   1308 C CA  . ALA B 1 71 ? 17.529  0.452   8.530   1.00 23.25 ? 71   ALA B CA  1 
ATOM   1309 C C   . ALA B 1 71 ? 17.315  0.971   9.946   1.00 22.31 ? 71   ALA B C   1 
ATOM   1310 O O   . ALA B 1 71 ? 17.196  0.188   10.887  1.00 20.52 ? 71   ALA B O   1 
ATOM   1311 C CB  . ALA B 1 71 ? 16.202  0.416   7.780   1.00 24.27 ? 71   ALA B CB  1 
ATOM   1312 N N   . ILE B 1 72 ? 17.291  2.293   10.093  1.00 20.13 ? 72   ILE B N   1 
ATOM   1313 C CA  . ILE B 1 72 ? 17.058  2.917   11.389  1.00 20.20 ? 72   ILE B CA  1 
ATOM   1314 C C   . ILE B 1 72 ? 16.104  4.070   11.151  1.00 20.95 ? 72   ILE B C   1 
ATOM   1315 O O   . ILE B 1 72 ? 16.449  5.047   10.480  1.00 19.90 ? 72   ILE B O   1 
ATOM   1316 C CB  . ILE B 1 72 ? 18.355  3.457   12.018  1.00 20.85 ? 72   ILE B CB  1 
ATOM   1317 C CG1 . ILE B 1 72 ? 19.402  2.342   12.094  1.00 21.44 ? 72   ILE B CG1 1 
ATOM   1318 C CG2 . ILE B 1 72 ? 18.058  3.996   13.422  1.00 19.39 ? 72   ILE B CG2 1 
ATOM   1319 C CD1 . ILE B 1 72 ? 20.756  2.799   12.608  1.00 23.12 ? 72   ILE B CD1 1 
ATOM   1320 N N   . GLY B 1 73 ? 14.895  3.959   11.685  1.00 20.43 ? 73   GLY B N   1 
ATOM   1321 C CA  . GLY B 1 73 ? 13.933  5.018   11.476  1.00 20.04 ? 73   GLY B CA  1 
ATOM   1322 C C   . GLY B 1 73 ? 12.740  4.969   12.399  1.00 20.87 ? 73   GLY B C   1 
ATOM   1323 O O   . GLY B 1 73 ? 12.733  4.270   13.413  1.00 21.02 ? 73   GLY B O   1 
ATOM   1324 N N   . THR B 1 74 ? 11.718  5.727   12.030  1.00 20.07 ? 74   THR B N   1 
ATOM   1325 C CA  . THR B 1 74 ? 10.501  5.807   12.813  1.00 20.76 ? 74   THR B CA  1 
ATOM   1326 C C   . THR B 1 74 ? 9.576   4.628   12.560  1.00 18.56 ? 74   THR B C   1 
ATOM   1327 O O   . THR B 1 74 ? 9.311   4.253   11.419  1.00 17.79 ? 74   THR B O   1 
ATOM   1328 C CB  . THR B 1 74 ? 9.766   7.111   12.501  1.00 21.74 ? 74   THR B CB  1 
ATOM   1329 O OG1 . THR B 1 74 ? 10.642  8.210   12.771  1.00 24.61 ? 74   THR B OG1 1 
ATOM   1330 C CG2 . THR B 1 74 ? 8.512   7.247   13.355  1.00 20.99 ? 74   THR B CG2 1 
ATOM   1331 N N   . VAL B 1 75 ? 9.107   4.031   13.647  1.00 18.65 ? 75   VAL B N   1 
ATOM   1332 C CA  . VAL B 1 75 ? 8.196   2.908   13.569  1.00 18.28 ? 75   VAL B CA  1 
ATOM   1333 C C   . VAL B 1 75 ? 6.962   3.268   14.382  1.00 18.79 ? 75   VAL B C   1 
ATOM   1334 O O   . VAL B 1 75 ? 7.070   3.838   15.473  1.00 19.27 ? 75   VAL B O   1 
ATOM   1335 C CB  . VAL B 1 75 ? 8.835   1.631   14.146  1.00 19.63 ? 75   VAL B CB  1 
ATOM   1336 C CG1 . VAL B 1 75 ? 7.844   0.487   14.100  1.00 22.08 ? 75   VAL B CG1 1 
ATOM   1337 C CG2 . VAL B 1 75 ? 10.088  1.275   13.358  1.00 21.08 ? 75   VAL B CG2 1 
ATOM   1338 N N   . LEU B 1 76 ? 5.793   2.964   13.837  1.00 17.38 ? 76   LEU B N   1 
ATOM   1339 C CA  . LEU B 1 76 ? 4.537   3.239   14.516  1.00 18.16 ? 76   LEU B CA  1 
ATOM   1340 C C   . LEU B 1 76 ? 3.964   1.903   14.963  1.00 19.65 ? 76   LEU B C   1 
ATOM   1341 O O   . LEU B 1 76 ? 4.034   0.913   14.229  1.00 19.26 ? 76   LEU B O   1 
ATOM   1342 C CB  . LEU B 1 76 ? 3.542   3.922   13.575  1.00 17.56 ? 76   LEU B CB  1 
ATOM   1343 C CG  . LEU B 1 76 ? 4.028   5.162   12.820  1.00 18.74 ? 76   LEU B CG  1 
ATOM   1344 C CD1 . LEU B 1 76 ? 2.888   5.675   11.943  1.00 19.55 ? 76   LEU B CD1 1 
ATOM   1345 C CD2 . LEU B 1 76 ? 4.488   6.240   13.804  1.00 19.77 ? 76   LEU B CD2 1 
ATOM   1346 N N   . VAL B 1 77 ? 3.409   1.881   16.168  1.00 18.92 ? 77   VAL B N   1 
ATOM   1347 C CA  . VAL B 1 77 ? 2.818   0.671   16.710  1.00 20.61 ? 77   VAL B CA  1 
ATOM   1348 C C   . VAL B 1 77 ? 1.350   0.928   17.009  1.00 21.15 ? 77   VAL B C   1 
ATOM   1349 O O   . VAL B 1 77 ? 1.010   1.897   17.690  1.00 20.30 ? 77   VAL B O   1 
ATOM   1350 C CB  . VAL B 1 77 ? 3.531   0.233   18.005  1.00 21.11 ? 77   VAL B CB  1 
ATOM   1351 C CG1 . VAL B 1 77 ? 2.922   -1.071  18.528  1.00 23.53 ? 77   VAL B CG1 1 
ATOM   1352 C CG2 . VAL B 1 77 ? 5.018   0.055   17.735  1.00 23.87 ? 77   VAL B CG2 1 
ATOM   1353 N N   . GLY B 1 78 ? 0.485   0.055   16.500  1.00 21.93 ? 78   GLY B N   1 
ATOM   1354 C CA  . GLY B 1 78 ? -0.938  0.214   16.727  1.00 23.03 ? 78   GLY B CA  1 
ATOM   1355 C C   . GLY B 1 78 ? -1.792  -0.906  16.158  1.00 23.57 ? 78   GLY B C   1 
ATOM   1356 O O   . GLY B 1 78 ? -1.276  -1.915  15.662  1.00 21.81 ? 78   GLY B O   1 
ATOM   1357 N N   . PRO B 1 79 ? -3.124  -0.743  16.205  1.00 24.89 ? 79   PRO B N   1 
ATOM   1358 C CA  . PRO B 1 79 ? -4.085  -1.730  15.706  1.00 25.38 ? 79   PRO B CA  1 
ATOM   1359 C C   . PRO B 1 79 ? -4.156  -1.833  14.186  1.00 25.08 ? 79   PRO B C   1 
ATOM   1360 O O   . PRO B 1 79 ? -5.193  -1.577  13.584  1.00 26.35 ? 79   PRO B O   1 
ATOM   1361 C CB  . PRO B 1 79 ? -5.399  -1.258  16.321  1.00 25.59 ? 79   PRO B CB  1 
ATOM   1362 C CG  . PRO B 1 79 ? -5.237  0.238   16.305  1.00 26.37 ? 79   PRO B CG  1 
ATOM   1363 C CD  . PRO B 1 79 ? -3.821  0.412   16.805  1.00 25.17 ? 79   PRO B CD  1 
ATOM   1364 N N   . THR B 1 80 ? -3.047  -2.220  13.573  1.00 25.64 ? 80   THR B N   1 
ATOM   1365 C CA  . THR B 1 80 ? -2.987  -2.366  12.127  1.00 23.84 ? 80   THR B CA  1 
ATOM   1366 C C   . THR B 1 80 ? -3.361  -3.795  11.733  1.00 22.93 ? 80   THR B C   1 
ATOM   1367 O O   . THR B 1 80 ? -3.060  -4.742  12.451  1.00 22.56 ? 80   THR B O   1 
ATOM   1368 C CB  . THR B 1 80 ? -1.568  -2.054  11.605  1.00 23.21 ? 80   THR B CB  1 
ATOM   1369 O OG1 . THR B 1 80 ? -1.533  -2.224  10.184  1.00 23.66 ? 80   THR B OG1 1 
ATOM   1370 C CG2 . THR B 1 80 ? -0.543  -2.981  12.250  1.00 22.31 ? 80   THR B CG2 1 
ATOM   1371 N N   . PRO B 1 81 ? -4.028  -3.966  10.579  1.00 23.52 ? 81   PRO B N   1 
ATOM   1372 C CA  . PRO B 1 81 ? -4.445  -5.282  10.081  1.00 23.45 ? 81   PRO B CA  1 
ATOM   1373 C C   . PRO B 1 81 ? -3.268  -6.233  9.826   1.00 23.65 ? 81   PRO B C   1 
ATOM   1374 O O   . PRO B 1 81 ? -3.393  -7.448  9.998   1.00 23.00 ? 81   PRO B O   1 
ATOM   1375 C CB  . PRO B 1 81 ? -5.184  -4.946  8.786   1.00 24.91 ? 81   PRO B CB  1 
ATOM   1376 C CG  . PRO B 1 81 ? -5.703  -3.573  9.027   1.00 26.13 ? 81   PRO B CG  1 
ATOM   1377 C CD  . PRO B 1 81 ? -4.547  -2.893  9.713   1.00 24.90 ? 81   PRO B CD  1 
ATOM   1378 N N   . VAL B 1 82 ? -2.134  -5.667  9.415   1.00 23.09 ? 82   VAL B N   1 
ATOM   1379 C CA  . VAL B 1 82 ? -0.918  -6.435  9.122   1.00 21.53 ? 82   VAL B CA  1 
ATOM   1380 C C   . VAL B 1 82 ? 0.301   -5.542  9.311   1.00 19.89 ? 82   VAL B C   1 
ATOM   1381 O O   . VAL B 1 82 ? 0.180   -4.314  9.267   1.00 17.47 ? 82   VAL B O   1 
ATOM   1382 C CB  . VAL B 1 82 ? -0.896  -6.929  7.651   1.00 24.03 ? 82   VAL B CB  1 
ATOM   1383 C CG1 . VAL B 1 82 ? -1.985  -7.959  7.418   1.00 29.39 ? 82   VAL B CG1 1 
ATOM   1384 C CG2 . VAL B 1 82 ? -1.075  -5.743  6.706   1.00 24.92 ? 82   VAL B CG2 1 
ATOM   1385 N N   . ASN B 1 83 ? 1.472   -6.144  9.516   1.00 18.40 ? 83   ASN B N   1 
ATOM   1386 C CA  . ASN B 1 83 ? 2.698   -5.355  9.669   1.00 18.32 ? 83   ASN B CA  1 
ATOM   1387 C C   . ASN B 1 83 ? 2.994   -4.710  8.326   1.00 17.03 ? 83   ASN B C   1 
ATOM   1388 O O   . ASN B 1 83 ? 3.091   -5.394  7.307   1.00 15.92 ? 83   ASN B O   1 
ATOM   1389 C CB  . ASN B 1 83 ? 3.879   -6.232  10.104  1.00 19.40 ? 83   ASN B CB  1 
ATOM   1390 C CG  . ASN B 1 83 ? 3.736   -6.736  11.528  1.00 20.54 ? 83   ASN B CG  1 
ATOM   1391 O OD1 . ASN B 1 83 ? 3.272   -6.011  12.406  1.00 19.88 ? 83   ASN B OD1 1 
ATOM   1392 N ND2 . ASN B 1 83 ? 4.150   -7.979  11.767  1.00 20.77 ? 83   ASN B ND2 1 
ATOM   1393 N N   . ILE B 1 84 ? 3.136   -3.388  8.334   1.00 17.02 ? 84   ILE B N   1 
ATOM   1394 C CA  . ILE B 1 84 ? 3.374   -2.629  7.116   1.00 15.74 ? 84   ILE B CA  1 
ATOM   1395 C C   . ILE B 1 84 ? 4.696   -1.852  7.074   1.00 15.29 ? 84   ILE B C   1 
ATOM   1396 O O   . ILE B 1 84 ? 4.988   -1.047  7.961   1.00 11.90 ? 84   ILE B O   1 
ATOM   1397 C CB  . ILE B 1 84 ? 2.216   -1.619  6.883   1.00 17.17 ? 84   ILE B CB  1 
ATOM   1398 C CG1 . ILE B 1 84 ? 0.944   -2.361  6.470   1.00 20.99 ? 84   ILE B CG1 1 
ATOM   1399 C CG2 . ILE B 1 84 ? 2.608   -0.597  5.836   1.00 17.95 ? 84   ILE B CG2 1 
ATOM   1400 C CD1 . ILE B 1 84 ? -0.292  -1.465  6.387   1.00 21.55 ? 84   ILE B CD1 1 
ATOM   1401 N N   . ILE B 1 85 ? 5.490   -2.107  6.038   1.00 14.04 ? 85   ILE B N   1 
ATOM   1402 C CA  . ILE B 1 85 ? 6.746   -1.382  5.848   1.00 14.05 ? 85   ILE B CA  1 
ATOM   1403 C C   . ILE B 1 85 ? 6.416   -0.286  4.840   1.00 14.73 ? 85   ILE B C   1 
ATOM   1404 O O   . ILE B 1 85 ? 6.117   -0.575  3.672   1.00 15.70 ? 85   ILE B O   1 
ATOM   1405 C CB  . ILE B 1 85 ? 7.861   -2.271  5.249   1.00 14.75 ? 85   ILE B CB  1 
ATOM   1406 C CG1 . ILE B 1 85 ? 8.121   -3.479  6.157   1.00 16.36 ? 85   ILE B CG1 1 
ATOM   1407 C CG2 . ILE B 1 85 ? 9.143   -1.447  5.085   1.00 16.08 ? 85   ILE B CG2 1 
ATOM   1408 C CD1 . ILE B 1 85 ? 8.531   -3.109  7.586   1.00 17.92 ? 85   ILE B CD1 1 
ATOM   1409 N N   . GLY B 1 86 ? 6.474   0.961   5.295   1.00 13.91 ? 86   GLY B N   1 
ATOM   1410 C CA  . GLY B 1 86 ? 6.154   2.088   4.436   1.00 15.51 ? 86   GLY B CA  1 
ATOM   1411 C C   . GLY B 1 86 ? 7.312   2.790   3.752   1.00 14.53 ? 86   GLY B C   1 
ATOM   1412 O O   . GLY B 1 86 ? 8.472   2.387   3.866   1.00 14.28 ? 86   GLY B O   1 
ATOM   1413 N N   . ARG B 1 87 ? 6.990   3.866   3.043   1.00 14.99 ? 87   ARG B N   1 
ATOM   1414 C CA  . ARG B 1 87 ? 7.993   4.621   2.301   1.00 16.32 ? 87   ARG B CA  1 
ATOM   1415 C C   . ARG B 1 87 ? 9.164   5.150   3.125   1.00 16.85 ? 87   ARG B C   1 
ATOM   1416 O O   . ARG B 1 87 ? 10.288  5.210   2.628   1.00 16.18 ? 87   ARG B O   1 
ATOM   1417 C CB  . ARG B 1 87 ? 7.323   5.776   1.534   1.00 17.85 ? 87   ARG B CB  1 
ATOM   1418 C CG  . ARG B 1 87 ? 6.381   5.303   0.423   1.00 16.96 ? 87   ARG B CG  1 
ATOM   1419 C CD  . ARG B 1 87 ? 5.878   6.446   -0.484  1.00 16.74 ? 87   ARG B CD  1 
ATOM   1420 N NE  . ARG B 1 87 ? 5.176   7.483   0.274   1.00 17.00 ? 87   ARG B NE  1 
ATOM   1421 C CZ  . ARG B 1 87 ? 5.725   8.625   0.686   1.00 20.01 ? 87   ARG B CZ  1 
ATOM   1422 N NH1 . ARG B 1 87 ? 6.989   8.899   0.410   1.00 19.95 ? 87   ARG B NH1 1 
ATOM   1423 N NH2 . ARG B 1 87 ? 5.008   9.490   1.389   1.00 21.42 ? 87   ARG B NH2 1 
ATOM   1424 N N   . ASN B 1 88 ? 8.925   5.526   4.377   1.00 16.09 ? 88   ASN B N   1 
ATOM   1425 C CA  . ASN B 1 88 ? 10.022  6.039   5.192   1.00 17.06 ? 88   ASN B CA  1 
ATOM   1426 C C   . ASN B 1 88 ? 11.183  5.040   5.283   1.00 18.11 ? 88   ASN B C   1 
ATOM   1427 O O   . ASN B 1 88 ? 12.351  5.442   5.322   1.00 18.20 ? 88   ASN B O   1 
ATOM   1428 C CB  . ASN B 1 88 ? 9.522   6.438   6.593   1.00 17.03 ? 88   ASN B CB  1 
ATOM   1429 C CG  . ASN B 1 88 ? 9.233   5.245   7.487   1.00 17.95 ? 88   ASN B CG  1 
ATOM   1430 O OD1 . ASN B 1 88 ? 8.461   4.349   7.135   1.00 15.28 ? 88   ASN B OD1 1 
ATOM   1431 N ND2 . ASN B 1 88 ? 9.849   5.237   8.665   1.00 15.16 ? 88   ASN B ND2 1 
ATOM   1432 N N   . LEU B 1 89 ? 10.882  3.741   5.301   1.00 17.47 ? 89   LEU B N   1 
ATOM   1433 C CA  . LEU B 1 89 ? 11.947  2.742   5.367   1.00 18.05 ? 89   LEU B CA  1 
ATOM   1434 C C   . LEU B 1 89 ? 12.286  2.179   3.987   1.00 18.05 ? 89   LEU B C   1 
ATOM   1435 O O   . LEU B 1 89 ? 13.431  1.804   3.732   1.00 17.86 ? 89   LEU B O   1 
ATOM   1436 C CB  . LEU B 1 89 ? 11.578  1.600   6.326   1.00 17.81 ? 89   LEU B CB  1 
ATOM   1437 C CG  . LEU B 1 89 ? 11.394  2.000   7.794   1.00 20.62 ? 89   LEU B CG  1 
ATOM   1438 C CD1 . LEU B 1 89 ? 11.103  0.754   8.623   1.00 20.84 ? 89   LEU B CD1 1 
ATOM   1439 C CD2 . LEU B 1 89 ? 12.646  2.709   8.308   1.00 20.99 ? 89   LEU B CD2 1 
ATOM   1440 N N   . LEU B 1 90 ? 11.301  2.120   3.093   1.00 17.70 ? 90   LEU B N   1 
ATOM   1441 C CA  . LEU B 1 90 ? 11.557  1.624   1.747   1.00 18.24 ? 90   LEU B CA  1 
ATOM   1442 C C   . LEU B 1 90 ? 12.636  2.492   1.070   1.00 17.81 ? 90   LEU B C   1 
ATOM   1443 O O   . LEU B 1 90 ? 13.489  1.983   0.341   1.00 18.24 ? 90   LEU B O   1 
ATOM   1444 C CB  . LEU B 1 90 ? 10.271  1.646   0.907   1.00 17.59 ? 90   LEU B CB  1 
ATOM   1445 C CG  . LEU B 1 90 ? 9.128   0.731   1.355   1.00 17.51 ? 90   LEU B CG  1 
ATOM   1446 C CD1 . LEU B 1 90 ? 7.939   0.905   0.421   1.00 16.86 ? 90   LEU B CD1 1 
ATOM   1447 C CD2 . LEU B 1 90 ? 9.600   -0.718  1.366   1.00 18.39 ? 90   LEU B CD2 1 
ATOM   1448 N N   . THR B 1 91 ? 12.598  3.798   1.314   1.00 19.01 ? 91   THR B N   1 
ATOM   1449 C CA  . THR B 1 91 ? 13.593  4.683   0.715   1.00 19.71 ? 91   THR B CA  1 
ATOM   1450 C C   . THR B 1 91 ? 14.981  4.398   1.283   1.00 19.72 ? 91   THR B C   1 
ATOM   1451 O O   . THR B 1 91 ? 15.980  4.511   0.576   1.00 18.61 ? 91   THR B O   1 
ATOM   1452 C CB  . THR B 1 91 ? 13.245  6.170   0.935   1.00 20.17 ? 91   THR B CB  1 
ATOM   1453 O OG1 . THR B 1 91 ? 13.027  6.409   2.328   1.00 21.91 ? 91   THR B OG1 1 
ATOM   1454 C CG2 . THR B 1 91 ? 11.989  6.542   0.154   1.00 20.10 ? 91   THR B CG2 1 
ATOM   1455 N N   . GLN B 1 92 ? 15.043  4.022   2.557   1.00 19.60 ? 92   GLN B N   1 
ATOM   1456 C CA  . GLN B 1 92 ? 16.320  3.711   3.187   1.00 20.68 ? 92   GLN B CA  1 
ATOM   1457 C C   . GLN B 1 92 ? 16.996  2.486   2.585   1.00 22.75 ? 92   GLN B C   1 
ATOM   1458 O O   . GLN B 1 92 ? 18.223  2.403   2.550   1.00 23.23 ? 92   GLN B O   1 
ATOM   1459 C CB  . GLN B 1 92 ? 16.145  3.487   4.688   1.00 20.75 ? 92   GLN B CB  1 
ATOM   1460 C CG  . GLN B 1 92 ? 15.981  4.749   5.490   1.00 21.57 ? 92   GLN B CG  1 
ATOM   1461 C CD  . GLN B 1 92 ? 16.230  4.509   6.967   1.00 22.75 ? 92   GLN B CD  1 
ATOM   1462 O OE1 . GLN B 1 92 ? 16.991  3.616   7.338   1.00 22.34 ? 92   GLN B OE1 1 
ATOM   1463 N NE2 . GLN B 1 92 ? 15.609  5.320   7.812   1.00 25.11 ? 92   GLN B NE2 1 
ATOM   1464 N N   . ILE B 1 93 ? 16.210  1.525   2.118   1.00 22.61 ? 93   ILE B N   1 
ATOM   1465 C CA  . ILE B 1 93 ? 16.806  0.337   1.535   1.00 22.79 ? 93   ILE B CA  1 
ATOM   1466 C C   . ILE B 1 93 ? 16.943  0.428   0.017   1.00 22.91 ? 93   ILE B C   1 
ATOM   1467 O O   . ILE B 1 93 ? 17.337  -0.535  -0.632  1.00 24.48 ? 93   ILE B O   1 
ATOM   1468 C CB  . ILE B 1 93 ? 16.027  -0.940  1.935   1.00 22.78 ? 93   ILE B CB  1 
ATOM   1469 C CG1 . ILE B 1 93 ? 14.582  -0.860  1.446   1.00 23.75 ? 93   ILE B CG1 1 
ATOM   1470 C CG2 . ILE B 1 93 ? 16.078  -1.111  3.448   1.00 22.13 ? 93   ILE B CG2 1 
ATOM   1471 C CD1 . ILE B 1 93 ? 13.769  -2.108  1.755   1.00 27.36 ? 93   ILE B CD1 1 
ATOM   1472 N N   . GLY B 1 94 ? 16.626  1.597   -0.536  1.00 21.89 ? 94   GLY B N   1 
ATOM   1473 C CA  . GLY B 1 94 ? 16.760  1.821   -1.967  1.00 22.46 ? 94   GLY B CA  1 
ATOM   1474 C C   . GLY B 1 94 ? 15.733  1.147   -2.850  1.00 22.05 ? 94   GLY B C   1 
ATOM   1475 O O   . GLY B 1 94 ? 16.011  0.803   -4.000  1.00 22.06 ? 94   GLY B O   1 
ATOM   1476 N N   . CYS B 1 95 ? 14.532  0.976   -2.319  1.00 21.73 ? 95   CYS B N   1 
ATOM   1477 C CA  . CYS B 1 95 ? 13.459  0.322   -3.049  1.00 22.67 ? 95   CYS B CA  1 
ATOM   1478 C C   . CYS B 1 95 ? 12.773  1.263   -4.038  1.00 21.97 ? 95   CYS B C   1 
ATOM   1479 O O   . CYS B 1 95 ? 12.468  2.405   -3.703  1.00 22.74 ? 95   CYS B O   1 
ATOM   1480 C CB  . CYS B 1 95 ? 12.438  -0.222  -2.039  1.00 23.44 ? 95   CYS B CB  1 
ATOM   1481 S SG  . CYS B 1 95 ? 11.215  -1.316  -2.740  1.00 31.13 ? 95   CYS B SG  1 
ATOM   1482 N N   . THR B 1 96 ? 12.559  0.792   -5.265  1.00 20.85 ? 96   THR B N   1 
ATOM   1483 C CA  . THR B 1 96 ? 11.873  1.590   -6.278  1.00 21.71 ? 96   THR B CA  1 
ATOM   1484 C C   . THR B 1 96 ? 10.823  0.727   -6.971  1.00 22.20 ? 96   THR B C   1 
ATOM   1485 O O   . THR B 1 96 ? 10.844  -0.499  -6.862  1.00 22.76 ? 96   THR B O   1 
ATOM   1486 C CB  . THR B 1 96 ? 12.826  2.119   -7.388  1.00 22.59 ? 96   THR B CB  1 
ATOM   1487 O OG1 . THR B 1 96 ? 13.436  1.012   -8.069  1.00 21.63 ? 96   THR B OG1 1 
ATOM   1488 C CG2 . THR B 1 96 ? 13.896  3.028   -6.803  1.00 23.76 ? 96   THR B CG2 1 
ATOM   1489 N N   . LEU B 1 97 ? 9.906   1.384   -7.673  1.00 21.65 ? 97   LEU B N   1 
ATOM   1490 C CA  . LEU B 1 97 ? 8.867   0.709   -8.437  1.00 23.85 ? 97   LEU B CA  1 
ATOM   1491 C C   . LEU B 1 97 ? 9.328   0.803   -9.888  1.00 24.26 ? 97   LEU B C   1 
ATOM   1492 O O   . LEU B 1 97 ? 9.797   1.856   -10.317 1.00 24.23 ? 97   LEU B O   1 
ATOM   1493 C CB  . LEU B 1 97 ? 7.519   1.421   -8.271  1.00 24.83 ? 97   LEU B CB  1 
ATOM   1494 C CG  . LEU B 1 97 ? 6.675   1.094   -7.042  1.00 24.97 ? 97   LEU B CG  1 
ATOM   1495 C CD1 . LEU B 1 97 ? 5.463   2.011   -6.991  1.00 26.58 ? 97   LEU B CD1 1 
ATOM   1496 C CD2 . LEU B 1 97 ? 6.236   -0.358  -7.108  1.00 24.83 ? 97   LEU B CD2 1 
ATOM   1497 N N   . ASN B 1 98 ? 9.195   -0.287  -10.637 1.00 24.90 ? 98   ASN B N   1 
ATOM   1498 C CA  . ASN B 1 98 ? 9.640   -0.320  -12.029 1.00 28.63 ? 98   ASN B CA  1 
ATOM   1499 C C   . ASN B 1 98 ? 8.656   -1.006  -12.970 1.00 28.73 ? 98   ASN B C   1 
ATOM   1500 O O   . ASN B 1 98 ? 8.097   -2.050  -12.638 1.00 29.07 ? 98   ASN B O   1 
ATOM   1501 C CB  . ASN B 1 98 ? 10.981  -1.048  -12.118 1.00 29.12 ? 98   ASN B CB  1 
ATOM   1502 C CG  . ASN B 1 98 ? 12.090  -0.315  -11.396 1.00 33.32 ? 98   ASN B CG  1 
ATOM   1503 O OD1 . ASN B 1 98 ? 12.653  0.646   -11.917 1.00 35.33 ? 98   ASN B OD1 1 
ATOM   1504 N ND2 . ASN B 1 98 ? 12.403  -0.758  -10.184 1.00 33.68 ? 98   ASN B ND2 1 
ATOM   1505 N N   . PHE B 1 99 ? 8.454   -0.423  -14.147 1.00 30.36 ? 99   PHE B N   1 
ATOM   1506 C CA  . PHE B 1 99 ? 7.556   -1.012  -15.139 1.00 32.16 ? 99   PHE B CA  1 
ATOM   1507 C C   . PHE B 1 99 ? 7.712   -0.373  -16.518 1.00 32.77 ? 99   PHE B C   1 
ATOM   1508 O O   . PHE B 1 99 ? 7.489   -1.081  -17.523 1.00 32.27 ? 99   PHE B O   1 
ATOM   1509 C CB  . PHE B 1 99 ? 6.094   -0.940  -14.662 1.00 32.53 ? 99   PHE B CB  1 
ATOM   1510 C CG  . PHE B 1 99 ? 5.546   0.455   -14.543 1.00 33.30 ? 99   PHE B CG  1 
ATOM   1511 C CD1 . PHE B 1 99 ? 5.137   1.159   -15.672 1.00 34.34 ? 99   PHE B CD1 1 
ATOM   1512 C CD2 . PHE B 1 99 ? 5.411   1.056   -13.297 1.00 33.58 ? 99   PHE B CD2 1 
ATOM   1513 C CE1 . PHE B 1 99 ? 4.601   2.438   -15.561 1.00 34.59 ? 99   PHE B CE1 1 
ATOM   1514 C CE2 . PHE B 1 99 ? 4.876   2.334   -13.176 1.00 33.73 ? 99   PHE B CE2 1 
ATOM   1515 C CZ  . PHE B 1 99 ? 4.469   3.026   -14.313 1.00 34.78 ? 99   PHE B CZ  1 
ATOM   1516 O OXT . PHE B 1 99 ? 8.056   0.824   -16.579 1.00 33.75 ? 99   PHE B OXT 1 
HETATM 1517 N N01 . NM1 C 2 .  ? -4.897  -0.400  2.839   1.00 21.99 ? 501  NM1 B N01 1 
HETATM 1518 S S02 . NM1 C 2 .  ? -5.226  0.957   3.722   1.00 23.13 ? 501  NM1 B S02 1 
HETATM 1519 N N03 . NM1 C 2 .  ? -4.023  1.950   3.204   1.00 20.53 ? 501  NM1 B N03 1 
HETATM 1520 C C04 . NM1 C 2 .  ? -2.683  1.617   3.740   1.00 23.50 ? 501  NM1 B C04 1 
HETATM 1521 C C05 . NM1 C 2 .  ? -1.867  0.700   2.813   1.00 20.11 ? 501  NM1 B C05 1 
HETATM 1522 C C06 . NM1 C 2 .  ? -2.674  -0.336  2.038   1.00 20.62 ? 501  NM1 B C06 1 
HETATM 1523 C C07 . NM1 C 2 .  ? -3.656  -1.193  2.855   1.00 20.49 ? 501  NM1 B C07 1 
HETATM 1524 C C08 . NM1 C 2 .  ? -6.002  -1.216  2.582   1.00 24.06 ? 501  NM1 B C08 1 
HETATM 1525 C C09 . NM1 C 2 .  ? -6.520  -1.755  1.311   1.00 23.29 ? 501  NM1 B C09 1 
HETATM 1526 C C10 . NM1 C 2 .  ? -6.750  -3.141  1.147   1.00 22.54 ? 501  NM1 B C10 1 
HETATM 1527 C C11 . NM1 C 2 .  ? -7.223  -3.633  -0.097  1.00 25.39 ? 501  NM1 B C11 1 
HETATM 1528 C C12 . NM1 C 2 .  ? -7.468  -2.724  -1.189  1.00 24.01 ? 501  NM1 B C12 1 
HETATM 1529 C C13 . NM1 C 2 .  ? -7.238  -1.333  -1.026  1.00 23.46 ? 501  NM1 B C13 1 
HETATM 1530 C C14 . NM1 C 2 .  ? -6.762  -0.851  0.225   1.00 22.88 ? 501  NM1 B C14 1 
HETATM 1531 O O15 . NM1 C 2 .  ? -5.090  0.711   5.157   1.00 19.88 ? 501  NM1 B O15 1 
HETATM 1532 O O16 . NM1 C 2 .  ? -1.392  2.737   5.506   1.00 27.68 ? 501  NM1 B O16 1 
HETATM 1533 C C17 . NM1 C 2 .  ? -0.638  3.764   6.059   1.00 27.94 ? 501  NM1 B C17 1 
HETATM 1534 C C18 . NM1 C 2 .  ? -0.839  5.142   5.678   1.00 28.82 ? 501  NM1 B C18 1 
HETATM 1535 C C19 . NM1 C 2 .  ? -0.057  6.191   6.255   1.00 28.02 ? 501  NM1 B C19 1 
HETATM 1536 C C20 . NM1 C 2 .  ? 0.940   5.870   7.229   1.00 28.29 ? 501  NM1 B C20 1 
HETATM 1537 C C21 . NM1 C 2 .  ? 1.154   4.512   7.620   1.00 27.44 ? 501  NM1 B C21 1 
HETATM 1538 C C22 . NM1 C 2 .  ? 0.368   3.468   7.035   1.00 27.39 ? 501  NM1 B C22 1 
HETATM 1539 C C23 . NM1 C 2 .  ? -4.246  2.735   1.940   1.00 23.78 ? 501  NM1 B C23 1 
HETATM 1540 C C24 . NM1 C 2 .  ? -4.406  4.236   1.995   1.00 24.24 ? 501  NM1 B C24 1 
HETATM 1541 C C25 . NM1 C 2 .  ? -5.612  4.811   2.503   1.00 26.41 ? 501  NM1 B C25 1 
HETATM 1542 C C26 . NM1 C 2 .  ? -5.764  6.235   2.565   1.00 26.76 ? 501  NM1 B C26 1 
HETATM 1543 C C27 . NM1 C 2 .  ? -4.703  7.090   2.113   1.00 27.91 ? 501  NM1 B C27 1 
HETATM 1544 C C28 . NM1 C 2 .  ? -3.490  6.520   1.597   1.00 27.82 ? 501  NM1 B C28 1 
HETATM 1545 C C29 . NM1 C 2 .  ? -3.348  5.098   1.541   1.00 26.57 ? 501  NM1 B C29 1 
HETATM 1546 O O30 . NM1 C 2 .  ? -1.176  1.472   1.853   1.00 21.02 ? 501  NM1 B O30 1 
HETATM 1547 O O31 . NM1 C 2 .  ? -1.744  -1.163  1.349   1.00 18.62 ? 501  NM1 B O31 1 
HETATM 1548 C C32 . NM1 C 2 .  ? -3.308  -1.739  4.267   1.00 22.38 ? 501  NM1 B C32 1 
HETATM 1549 O O33 . NM1 C 2 .  ? -4.344  -2.690  4.636   1.00 24.70 ? 501  NM1 B O33 1 
HETATM 1550 C C34 . NM1 C 2 .  ? -4.212  -4.045  4.446   1.00 25.64 ? 501  NM1 B C34 1 
HETATM 1551 C C35 . NM1 C 2 .  ? -3.425  -4.605  3.372   1.00 26.05 ? 501  NM1 B C35 1 
HETATM 1552 C C36 . NM1 C 2 .  ? -3.316  -6.016  3.202   1.00 28.20 ? 501  NM1 B C36 1 
HETATM 1553 C C37 . NM1 C 2 .  ? -3.997  -6.891  4.099   1.00 26.48 ? 501  NM1 B C37 1 
HETATM 1554 C C38 . NM1 C 2 .  ? -4.777  -6.360  5.163   1.00 28.53 ? 501  NM1 B C38 1 
HETATM 1555 C C39 . NM1 C 2 .  ? -4.880  -4.942  5.334   1.00 27.29 ? 501  NM1 B C39 1 
HETATM 1556 O O40 . NM1 C 2 .  ? -6.487  1.531   3.252   1.00 22.68 ? 501  NM1 B O40 1 
HETATM 1557 C C41 . NM1 C 2 .  ? -1.900  2.867   4.156   1.00 23.97 ? 501  NM1 B C41 1 
HETATM 1558 C C51 . NM1 C 2 .  ? -7.443  -5.101  -0.280  1.00 26.95 ? 501  NM1 B C51 1 
HETATM 1559 O O52 . NM1 C 2 .  ? -7.174  -5.622  -1.392  1.00 26.78 ? 501  NM1 B O52 1 
HETATM 1560 N N53 . NM1 C 2 .  ? -7.952  -5.852  0.762   1.00 25.95 ? 501  NM1 B N53 1 
HETATM 1561 C C54 . NM1 C 2 .  ? -8.174  -7.263  0.520   1.00 27.69 ? 501  NM1 B C54 1 
HETATM 1562 O O   . HOH D 3 .  ? 4.440   -7.882  -10.863 1.00 26.59 ? 3004 HOH A O   1 
HETATM 1563 O O   . HOH D 3 .  ? -0.721  -6.941  -1.250  1.00 30.27 ? 3005 HOH A O   1 
HETATM 1564 O O   . HOH D 3 .  ? -8.637  -8.553  -11.428 1.00 22.59 ? 3008 HOH A O   1 
HETATM 1565 O O   . HOH D 3 .  ? -4.544  -6.891  -18.717 1.00 27.23 ? 3009 HOH A O   1 
HETATM 1566 O O   . HOH D 3 .  ? -4.648  -9.300  -6.399  1.00 28.28 ? 3012 HOH A O   1 
HETATM 1567 O O   . HOH D 3 .  ? -4.423  -6.260  0.194   1.00 38.48 ? 3024 HOH A O   1 
HETATM 1568 O O   . HOH D 3 .  ? 4.103   -8.408  -13.733 1.00 31.87 ? 3026 HOH A O   1 
HETATM 1569 O O   . HOH D 3 .  ? -12.235 -8.732  -13.690 1.00 35.88 ? 3027 HOH A O   1 
HETATM 1570 O O   . HOH D 3 .  ? -18.927 -6.345  -13.477 1.00 38.99 ? 3030 HOH A O   1 
HETATM 1571 O O   . HOH D 3 .  ? -10.174 -4.662  -7.613  1.00 33.91 ? 3032 HOH A O   1 
HETATM 1572 O O   . HOH D 3 .  ? -2.786  -12.490 -5.008  1.00 39.66 ? 3034 HOH A O   1 
HETATM 1573 O O   . HOH D 3 .  ? -16.099 8.743   -3.313  1.00 36.25 ? 3040 HOH A O   1 
HETATM 1574 O O   . HOH D 3 .  ? -2.393  -9.853  -7.968  1.00 40.32 ? 3041 HOH A O   1 
HETATM 1575 O O   . HOH D 3 .  ? -18.946 2.316   3.405   1.00 36.33 ? 3042 HOH A O   1 
HETATM 1576 O O   . HOH D 3 .  ? 2.571   -5.733  -19.593 1.00 37.16 ? 3043 HOH A O   1 
HETATM 1577 O O   . HOH D 3 .  ? -14.118 -1.007  -19.274 1.00 43.42 ? 3046 HOH A O   1 
HETATM 1578 O O   . HOH D 3 .  ? -21.779 -9.963  -2.275  1.00 42.75 ? 3048 HOH A O   1 
HETATM 1579 O O   . HOH D 3 .  ? 4.269   12.768  -1.330  1.00 34.68 ? 3050 HOH A O   1 
HETATM 1580 O O   . HOH D 3 .  ? 6.836   8.582   -5.912  1.00 43.36 ? 3052 HOH A O   1 
HETATM 1581 O O   . HOH D 3 .  ? -4.411  -12.004 -1.842  1.00 38.31 ? 3054 HOH A O   1 
HETATM 1582 O O   . HOH D 3 .  ? -8.493  -9.550  -8.233  1.00 41.38 ? 3055 HOH A O   1 
HETATM 1583 O O   . HOH D 3 .  ? -15.181 -1.600  10.215  1.00 39.32 ? 3058 HOH A O   1 
HETATM 1584 O O   . HOH D 3 .  ? 3.344   12.524  -5.391  1.00 39.02 ? 3059 HOH A O   1 
HETATM 1585 O O   . HOH D 3 .  ? -1.943  -5.867  -19.843 1.00 39.42 ? 3062 HOH A O   1 
HETATM 1586 O O   . HOH D 3 .  ? -6.366  9.840   -5.541  1.00 39.66 ? 3065 HOH A O   1 
HETATM 1587 O O   . HOH D 3 .  ? -8.050  -5.981  3.646   1.00 35.67 ? 3071 HOH A O   1 
HETATM 1588 O O   . HOH E 3 .  ? 11.986  7.210   9.413   1.00 19.49 ? 3001 HOH B O   1 
HETATM 1589 O O   . HOH E 3 .  ? 2.610   6.423   -0.190  1.00 21.49 ? 3002 HOH B O   1 
HETATM 1590 O O   . HOH E 3 .  ? 7.014   5.282   10.351  1.00 22.00 ? 3003 HOH B O   1 
HETATM 1591 O O   . HOH E 3 .  ? 13.519  7.954   13.501  1.00 31.41 ? 3006 HOH B O   1 
HETATM 1592 O O   . HOH E 3 .  ? 17.688  7.156   11.639  1.00 26.44 ? 3007 HOH B O   1 
HETATM 1593 O O   . HOH E 3 .  ? 8.741   9.367   19.372  1.00 30.35 ? 3010 HOH B O   1 
HETATM 1594 O O   . HOH E 3 .  ? -3.279  -5.461  15.076  1.00 29.89 ? 3011 HOH B O   1 
HETATM 1595 O O   . HOH E 3 .  ? 12.924  5.077   -3.324  1.00 30.73 ? 3013 HOH B O   1 
HETATM 1596 O O   . HOH E 3 .  ? 13.661  7.456   6.985   1.00 31.56 ? 3014 HOH B O   1 
HETATM 1597 O O   . HOH E 3 .  ? -1.976  -4.772  17.382  1.00 35.58 ? 3015 HOH B O   1 
HETATM 1598 O O   . HOH E 3 .  ? 15.510  -3.658  16.895  1.00 29.54 ? 3016 HOH B O   1 
HETATM 1599 O O   . HOH E 3 .  ? 7.329   8.782   4.194   1.00 31.73 ? 3017 HOH B O   1 
HETATM 1600 O O   . HOH E 3 .  ? 5.319   -10.478 -4.018  1.00 31.04 ? 3018 HOH B O   1 
HETATM 1601 O O   . HOH E 3 .  ? 9.560   -4.135  -14.077 1.00 33.01 ? 3019 HOH B O   1 
HETATM 1602 O O   . HOH E 3 .  ? -0.572  -13.611 -1.897  1.00 28.27 ? 3020 HOH B O   1 
HETATM 1603 O O   . HOH E 3 .  ? 15.953  0.184   -6.723  1.00 37.31 ? 3021 HOH B O   1 
HETATM 1604 O O   . HOH E 3 .  ? 17.208  -6.893  16.211  1.00 35.66 ? 3022 HOH B O   1 
HETATM 1605 O O   . HOH E 3 .  ? -3.141  8.174   5.205   1.00 37.46 ? 3023 HOH B O   1 
HETATM 1606 O O   . HOH E 3 .  ? 4.828   -12.573 -6.861  1.00 34.34 ? 3025 HOH B O   1 
HETATM 1607 O O   . HOH E 3 .  ? 19.255  -1.811  -2.015  1.00 40.95 ? 3028 HOH B O   1 
HETATM 1608 O O   . HOH E 3 .  ? -7.261  -0.607  12.009  1.00 30.22 ? 3029 HOH B O   1 
HETATM 1609 O O   . HOH E 3 .  ? 3.640   -9.114  14.445  1.00 35.26 ? 3031 HOH B O   1 
HETATM 1610 O O   . HOH E 3 .  ? -8.640  8.212   6.026   1.00 34.56 ? 3033 HOH B O   1 
HETATM 1611 O O   . HOH E 3 .  ? 4.906   -6.245  15.582  1.00 34.28 ? 3035 HOH B O   1 
HETATM 1612 O O   . HOH E 3 .  ? 4.775   13.607  27.648  1.00 33.65 ? 3036 HOH B O   1 
HETATM 1613 O O   . HOH E 3 .  ? 9.242   2.028   25.897  1.00 35.57 ? 3037 HOH B O   1 
HETATM 1614 O O   . HOH E 3 .  ? 7.337   11.582  24.155  1.00 32.64 ? 3038 HOH B O   1 
HETATM 1615 O O   . HOH E 3 .  ? 11.269  6.821   20.397  1.00 38.31 ? 3039 HOH B O   1 
HETATM 1616 O O   . HOH E 3 .  ? 15.881  -0.113  18.219  1.00 36.10 ? 3044 HOH B O   1 
HETATM 1617 O O   . HOH E 3 .  ? -0.563  -11.301 4.535   1.00 43.02 ? 3045 HOH B O   1 
HETATM 1618 O O   . HOH E 3 .  ? -1.087  13.025  14.007  1.00 35.16 ? 3047 HOH B O   1 
HETATM 1619 O O   . HOH E 3 .  ? -2.238  9.124   7.650   1.00 39.14 ? 3049 HOH B O   1 
HETATM 1620 O O   . HOH E 3 .  ? 12.299  -14.658 16.137  1.00 40.42 ? 3051 HOH B O   1 
HETATM 1621 O O   . HOH E 3 .  ? 17.205  -13.108 18.780  1.00 43.38 ? 3053 HOH B O   1 
HETATM 1622 O O   . HOH E 3 .  ? -1.579  7.755   20.394  1.00 38.66 ? 3056 HOH B O   1 
HETATM 1623 O O   . HOH E 3 .  ? 4.655   -11.630 11.815  1.00 39.93 ? 3057 HOH B O   1 
HETATM 1624 O O   . HOH E 3 .  ? 5.384   10.576  7.029   1.00 40.03 ? 3060 HOH B O   1 
HETATM 1625 O O   . HOH E 3 .  ? 12.212  -12.231 3.513   1.00 41.13 ? 3061 HOH B O   1 
HETATM 1626 O O   . HOH E 3 .  ? 6.584   2.028   25.430  1.00 36.62 ? 3063 HOH B O   1 
HETATM 1627 O O   . HOH E 3 .  ? 12.511  8.930   3.535   1.00 35.58 ? 3064 HOH B O   1 
HETATM 1628 O O   . HOH E 3 .  ? -11.913 7.858   11.528  1.00 38.48 ? 3066 HOH B O   1 
HETATM 1629 O O   . HOH E 3 .  ? 18.094  5.289   -0.895  1.00 38.07 ? 3067 HOH B O   1 
HETATM 1630 O O   . HOH E 3 .  ? 2.033   -8.983  8.890   1.00 43.35 ? 3068 HOH B O   1 
HETATM 1631 O O   . HOH E 3 .  ? 15.850  -9.655  7.656   1.00 42.34 ? 3069 HOH B O   1 
HETATM 1632 O O   . HOH E 3 .  ? 6.629   11.961  1.915   1.00 41.51 ? 3070 HOH B O   1 
HETATM 1633 O O   . HOH E 3 .  ? 7.169   -7.488  22.258  1.00 40.92 ? 3072 HOH B O   1 
# 
loop_
_pdbx_poly_seq_scheme.asym_id 
_pdbx_poly_seq_scheme.entity_id 
_pdbx_poly_seq_scheme.seq_id 
_pdbx_poly_seq_scheme.mon_id 
_pdbx_poly_seq_scheme.ndb_seq_num 
_pdbx_poly_seq_scheme.pdb_seq_num 
_pdbx_poly_seq_scheme.auth_seq_num 
_pdbx_poly_seq_scheme.pdb_mon_id 
_pdbx_poly_seq_scheme.auth_mon_id 
_pdbx_poly_seq_scheme.pdb_strand_id 
_pdbx_poly_seq_scheme.pdb_ins_code 
_pdbx_poly_seq_scheme.hetero 
A 1 1  PRO 1  1  1  PRO PRO A . n 
A 1 2  GLN 2  2  2  GLN GLN A . n 
A 1 3  ILE 3  3  3  ILE ILE A . n 
A 1 4  THR 4  4  4  THR THR A . n 
A 1 5  LEU 5  5  5  LEU LEU A . n 
A 1 6  TRP 6  6  6  TRP TRP A . n 
A 1 7  GLN 7  7  7  GLN GLN A . n 
A 1 8  ARG 8  8  8  ARG ARG A . n 
A 1 9  PRO 9  9  9  PRO PRO A . n 
A 1 10 LEU 10 10 10 LEU LEU A . n 
A 1 11 VAL 11 11 11 VAL VAL A . n 
A 1 12 THR 12 12 12 THR THR A . n 
A 1 13 ILE 13 13 13 ILE ILE A . n 
A 1 14 LYS 14 14 14 LYS LYS A . n 
A 1 15 ILE 15 15 15 ILE ILE A . n 
A 1 16 GLY 16 16 16 GLY GLY A . n 
A 1 17 GLY 17 17 17 GLY GLY A . n 
A 1 18 GLN 18 18 18 GLN GLN A . n 
A 1 19 LEU 19 19 19 LEU LEU A . n 
A 1 20 LYS 20 20 20 LYS LYS A . n 
A 1 21 GLU 21 21 21 GLU GLU A . n 
A 1 22 ALA 22 22 22 ALA ALA A . n 
A 1 23 LEU 23 23 23 LEU LEU A . n 
A 1 24 LEU 24 24 24 LEU LEU A . n 
A 1 25 ASP 25 25 25 ASP ASP A . n 
A 1 26 THR 26 26 26 THR THR A . n 
A 1 27 GLY 27 27 27 GLY GLY A . n 
A 1 28 ALA 28 28 28 ALA ALA A . n 
A 1 29 ASP 29 29 29 ASP ASP A . n 
A 1 30 ASP 30 30 30 ASP ASP A . n 
A 1 31 THR 31 31 31 THR THR A . n 
A 1 32 VAL 32 32 32 VAL VAL A . n 
A 1 33 LEU 33 33 33 LEU LEU A . n 
A 1 34 GLU 34 34 34 GLU GLU A . n 
A 1 35 GLU 35 35 35 GLU GLU A . n 
A 1 36 MET 36 36 36 MET MET A . n 
A 1 37 SER 37 37 37 SER SER A . n 
A 1 38 LEU 38 38 38 LEU LEU A . n 
A 1 39 PRO 39 39 39 PRO PRO A . n 
A 1 40 GLY 40 40 40 GLY GLY A . n 
A 1 41 ARG 41 41 41 ARG ARG A . n 
A 1 42 TRP 42 42 42 TRP TRP A . n 
A 1 43 LYS 43 43 43 LYS LYS A . n 
A 1 44 PRO 44 44 44 PRO PRO A . n 
A 1 45 LYS 45 45 45 LYS LYS A . n 
A 1 46 MET 46 46 46 MET MET A . n 
A 1 47 ILE 47 47 47 ILE ILE A . n 
A 1 48 GLY 48 48 48 GLY GLY A . n 
A 1 49 GLY 49 49 49 GLY GLY A . n 
A 1 50 ILE 50 50 50 ILE ILE A . n 
A 1 51 GLY 51 51 51 GLY GLY A . n 
A 1 52 GLY 52 52 52 GLY GLY A . n 
A 1 53 PHE 53 53 53 PHE PHE A . n 
A 1 54 ILE 54 54 54 ILE ILE A . n 
A 1 55 LYS 55 55 55 LYS LYS A . n 
A 1 56 VAL 56 56 56 VAL VAL A . n 
A 1 57 ARG 57 57 57 ARG ARG A . n 
A 1 58 GLN 58 58 58 GLN GLN A . n 
A 1 59 TYR 59 59 59 TYR TYR A . n 
A 1 60 ASP 60 60 60 ASP ASP A . n 
A 1 61 GLN 61 61 61 GLN GLN A . n 
A 1 62 ILE 62 62 62 ILE ILE A . n 
A 1 63 LEU 63 63 63 LEU LEU A . n 
A 1 64 ILE 64 64 64 ILE ILE A . n 
A 1 65 GLU 65 65 65 GLU GLU A . n 
A 1 66 ILE 66 66 66 ILE ILE A . n 
A 1 67 CYS 67 67 67 CYS CYS A . n 
A 1 68 GLY 68 68 68 GLY GLY A . n 
A 1 69 HIS 69 69 69 HIS HIS A . n 
A 1 70 LYS 70 70 70 LYS LYS A . n 
A 1 71 ALA 71 71 71 ALA ALA A . n 
A 1 72 ILE 72 72 72 ILE ILE A . n 
A 1 73 GLY 73 73 73 GLY GLY A . n 
A 1 74 THR 74 74 74 THR THR A . n 
A 1 75 VAL 75 75 75 VAL VAL A . n 
A 1 76 LEU 76 76 76 LEU LEU A . n 
A 1 77 VAL 77 77 77 VAL VAL A . n 
A 1 78 GLY 78 78 78 GLY GLY A . n 
A 1 79 PRO 79 79 79 PRO PRO A . n 
A 1 80 THR 80 80 80 THR THR A . n 
A 1 81 PRO 81 81 81 PRO PRO A . n 
A 1 82 VAL 82 82 82 VAL VAL A . n 
A 1 83 ASN 83 83 83 ASN ASN A . n 
A 1 84 ILE 84 84 84 ILE ILE A . n 
A 1 85 ILE 85 85 85 ILE ILE A . n 
A 1 86 GLY 86 86 86 GLY GLY A . n 
A 1 87 ARG 87 87 87 ARG ARG A . n 
A 1 88 ASN 88 88 88 ASN ASN A . n 
A 1 89 LEU 89 89 89 LEU LEU A . n 
A 1 90 LEU 90 90 90 LEU LEU A . n 
A 1 91 THR 91 91 91 THR THR A . n 
A 1 92 GLN 92 92 92 GLN GLN A . n 
A 1 93 ILE 93 93 93 ILE ILE A . n 
A 1 94 GLY 94 94 94 GLY GLY A . n 
A 1 95 CYS 95 95 95 CYS CYS A . n 
A 1 96 THR 96 96 96 THR THR A . n 
A 1 97 LEU 97 97 97 LEU LEU A . n 
A 1 98 ASN 98 98 98 ASN ASN A . n 
A 1 99 PHE 99 99 99 PHE PHE A . n 
B 1 1  PRO 1  1  1  PRO PRO B . n 
B 1 2  GLN 2  2  2  GLN GLN B . n 
B 1 3  ILE 3  3  3  ILE ILE B . n 
B 1 4  THR 4  4  4  THR THR B . n 
B 1 5  LEU 5  5  5  LEU LEU B . n 
B 1 6  TRP 6  6  6  TRP TRP B . n 
B 1 7  GLN 7  7  7  GLN GLN B . n 
B 1 8  ARG 8  8  8  ARG ARG B . n 
B 1 9  PRO 9  9  9  PRO PRO B . n 
B 1 10 LEU 10 10 10 LEU LEU B . n 
B 1 11 VAL 11 11 11 VAL VAL B . n 
B 1 12 THR 12 12 12 THR THR B . n 
B 1 13 ILE 13 13 13 ILE ILE B . n 
B 1 14 LYS 14 14 14 LYS LYS B . n 
B 1 15 ILE 15 15 15 ILE ILE B . n 
B 1 16 GLY 16 16 16 GLY GLY B . n 
B 1 17 GLY 17 17 17 GLY GLY B . n 
B 1 18 GLN 18 18 18 GLN GLN B . n 
B 1 19 LEU 19 19 19 LEU LEU B . n 
B 1 20 LYS 20 20 20 LYS LYS B . n 
B 1 21 GLU 21 21 21 GLU GLU B . n 
B 1 22 ALA 22 22 22 ALA ALA B . n 
B 1 23 LEU 23 23 23 LEU LEU B . n 
B 1 24 LEU 24 24 24 LEU LEU B . n 
B 1 25 ASP 25 25 25 ASP ASP B . n 
B 1 26 THR 26 26 26 THR THR B . n 
B 1 27 GLY 27 27 27 GLY GLY B . n 
B 1 28 ALA 28 28 28 ALA ALA B . n 
B 1 29 ASP 29 29 29 ASP ASP B . n 
B 1 30 ASP 30 30 30 ASP ASP B . n 
B 1 31 THR 31 31 31 THR THR B . n 
B 1 32 VAL 32 32 32 VAL VAL B . n 
B 1 33 LEU 33 33 33 LEU LEU B . n 
B 1 34 GLU 34 34 34 GLU GLU B . n 
B 1 35 GLU 35 35 35 GLU GLU B . n 
B 1 36 MET 36 36 36 MET MET B . n 
B 1 37 SER 37 37 37 SER SER B . n 
B 1 38 LEU 38 38 38 LEU LEU B . n 
B 1 39 PRO 39 39 39 PRO PRO B . n 
B 1 40 GLY 40 40 40 GLY GLY B . n 
B 1 41 ARG 41 41 41 ARG ARG B . n 
B 1 42 TRP 42 42 42 TRP TRP B . n 
B 1 43 LYS 43 43 43 LYS LYS B . n 
B 1 44 PRO 44 44 44 PRO PRO B . n 
B 1 45 LYS 45 45 45 LYS LYS B . n 
B 1 46 MET 46 46 46 MET MET B . n 
B 1 47 ILE 47 47 47 ILE ILE B . n 
B 1 48 GLY 48 48 48 GLY GLY B . n 
B 1 49 GLY 49 49 49 GLY GLY B . n 
B 1 50 ILE 50 50 50 ILE ILE B . n 
B 1 51 GLY 51 51 51 GLY GLY B . n 
B 1 52 GLY 52 52 52 GLY GLY B . n 
B 1 53 PHE 53 53 53 PHE PHE B . n 
B 1 54 ILE 54 54 54 ILE ILE B . n 
B 1 55 LYS 55 55 55 LYS LYS B . n 
B 1 56 VAL 56 56 56 VAL VAL B . n 
B 1 57 ARG 57 57 57 ARG ARG B . n 
B 1 58 GLN 58 58 58 GLN GLN B . n 
B 1 59 TYR 59 59 59 TYR TYR B . n 
B 1 60 ASP 60 60 60 ASP ASP B . n 
B 1 61 GLN 61 61 61 GLN GLN B . n 
B 1 62 ILE 62 62 62 ILE ILE B . n 
B 1 63 LEU 63 63 63 LEU LEU B . n 
B 1 64 ILE 64 64 64 ILE ILE B . n 
B 1 65 GLU 65 65 65 GLU GLU B . n 
B 1 66 ILE 66 66 66 ILE ILE B . n 
B 1 67 CYS 67 67 67 CYS CYS B . n 
B 1 68 GLY 68 68 68 GLY GLY B . n 
B 1 69 HIS 69 69 69 HIS HIS B . n 
B 1 70 LYS 70 70 70 LYS LYS B . n 
B 1 71 ALA 71 71 71 ALA ALA B . n 
B 1 72 ILE 72 72 72 ILE ILE B . n 
B 1 73 GLY 73 73 73 GLY GLY B . n 
B 1 74 THR 74 74 74 THR THR B . n 
B 1 75 VAL 75 75 75 VAL VAL B . n 
B 1 76 LEU 76 76 76 LEU LEU B . n 
B 1 77 VAL 77 77 77 VAL VAL B . n 
B 1 78 GLY 78 78 78 GLY GLY B . n 
B 1 79 PRO 79 79 79 PRO PRO B . n 
B 1 80 THR 80 80 80 THR THR B . n 
B 1 81 PRO 81 81 81 PRO PRO B . n 
B 1 82 VAL 82 82 82 VAL VAL B . n 
B 1 83 ASN 83 83 83 ASN ASN B . n 
B 1 84 ILE 84 84 84 ILE ILE B . n 
B 1 85 ILE 85 85 85 ILE ILE B . n 
B 1 86 GLY 86 86 86 GLY GLY B . n 
B 1 87 ARG 87 87 87 ARG ARG B . n 
B 1 88 ASN 88 88 88 ASN ASN B . n 
B 1 89 LEU 89 89 89 LEU LEU B . n 
B 1 90 LEU 90 90 90 LEU LEU B . n 
B 1 91 THR 91 91 91 THR THR B . n 
B 1 92 GLN 92 92 92 GLN GLN B . n 
B 1 93 ILE 93 93 93 ILE ILE B . n 
B 1 94 GLY 94 94 94 GLY GLY B . n 
B 1 95 CYS 95 95 95 CYS CYS B . n 
B 1 96 THR 96 96 96 THR THR B . n 
B 1 97 LEU 97 97 97 LEU LEU B . n 
B 1 98 ASN 98 98 98 ASN ASN B . n 
B 1 99 PHE 99 99 99 PHE PHE B . n 
# 
loop_
_pdbx_nonpoly_scheme.asym_id 
_pdbx_nonpoly_scheme.entity_id 
_pdbx_nonpoly_scheme.mon_id 
_pdbx_nonpoly_scheme.ndb_seq_num 
_pdbx_nonpoly_scheme.pdb_seq_num 
_pdbx_nonpoly_scheme.auth_seq_num 
_pdbx_nonpoly_scheme.pdb_mon_id 
_pdbx_nonpoly_scheme.auth_mon_id 
_pdbx_nonpoly_scheme.pdb_strand_id 
_pdbx_nonpoly_scheme.pdb_ins_code 
C 2 NM1 1  501  501  NM1 NM1 B . 
D 3 HOH 1  3004 3004 HOH HOH A . 
D 3 HOH 2  3005 3005 HOH HOH A . 
D 3 HOH 3  3008 3008 HOH HOH A . 
D 3 HOH 4  3009 3009 HOH HOH A . 
D 3 HOH 5  3012 3012 HOH HOH A . 
D 3 HOH 6  3024 3024 HOH HOH A . 
D 3 HOH 7  3026 3026 HOH HOH A . 
D 3 HOH 8  3027 3027 HOH HOH A . 
D 3 HOH 9  3030 3030 HOH HOH A . 
D 3 HOH 10 3032 3032 HOH HOH A . 
D 3 HOH 11 3034 3034 HOH HOH A . 
D 3 HOH 12 3040 3040 HOH HOH A . 
D 3 HOH 13 3041 3041 HOH HOH A . 
D 3 HOH 14 3042 3042 HOH HOH A . 
D 3 HOH 15 3043 3043 HOH HOH A . 
D 3 HOH 16 3046 3046 HOH HOH A . 
D 3 HOH 17 3048 3048 HOH HOH A . 
D 3 HOH 18 3050 3050 HOH HOH A . 
D 3 HOH 19 3052 3052 HOH HOH A . 
D 3 HOH 20 3054 3054 HOH HOH A . 
D 3 HOH 21 3055 3055 HOH HOH A . 
D 3 HOH 22 3058 3058 HOH HOH A . 
D 3 HOH 23 3059 3059 HOH HOH A . 
D 3 HOH 24 3062 3062 HOH HOH A . 
D 3 HOH 25 3065 3065 HOH HOH A . 
D 3 HOH 26 3071 3071 HOH HOH A . 
E 3 HOH 1  3001 3001 HOH HOH B . 
E 3 HOH 2  3002 3002 HOH HOH B . 
E 3 HOH 3  3003 3003 HOH HOH B . 
E 3 HOH 4  3006 3006 HOH HOH B . 
E 3 HOH 5  3007 3007 HOH HOH B . 
E 3 HOH 6  3010 3010 HOH HOH B . 
E 3 HOH 7  3011 3011 HOH HOH B . 
E 3 HOH 8  3013 3013 HOH HOH B . 
E 3 HOH 9  3014 3014 HOH HOH B . 
E 3 HOH 10 3015 3015 HOH HOH B . 
E 3 HOH 11 3016 3016 HOH HOH B . 
E 3 HOH 12 3017 3017 HOH HOH B . 
E 3 HOH 13 3018 3018 HOH HOH B . 
E 3 HOH 14 3019 3019 HOH HOH B . 
E 3 HOH 15 3020 3020 HOH HOH B . 
E 3 HOH 16 3021 3021 HOH HOH B . 
E 3 HOH 17 3022 3022 HOH HOH B . 
E 3 HOH 18 3023 3023 HOH HOH B . 
E 3 HOH 19 3025 3025 HOH HOH B . 
E 3 HOH 20 3028 3028 HOH HOH B . 
E 3 HOH 21 3029 3029 HOH HOH B . 
E 3 HOH 22 3031 3031 HOH HOH B . 
E 3 HOH 23 3033 3033 HOH HOH B . 
E 3 HOH 24 3035 3035 HOH HOH B . 
E 3 HOH 25 3036 3036 HOH HOH B . 
E 3 HOH 26 3037 3037 HOH HOH B . 
E 3 HOH 27 3038 3038 HOH HOH B . 
E 3 HOH 28 3039 3039 HOH HOH B . 
E 3 HOH 29 3044 3044 HOH HOH B . 
E 3 HOH 30 3045 3045 HOH HOH B . 
E 3 HOH 31 3047 3047 HOH HOH B . 
E 3 HOH 32 3049 3049 HOH HOH B . 
E 3 HOH 33 3051 3051 HOH HOH B . 
E 3 HOH 34 3053 3053 HOH HOH B . 
E 3 HOH 35 3056 3056 HOH HOH B . 
E 3 HOH 36 3057 3057 HOH HOH B . 
E 3 HOH 37 3060 3060 HOH HOH B . 
E 3 HOH 38 3061 3061 HOH HOH B . 
E 3 HOH 39 3063 3063 HOH HOH B . 
E 3 HOH 40 3064 3064 HOH HOH B . 
E 3 HOH 41 3066 3066 HOH HOH B . 
E 3 HOH 42 3067 3067 HOH HOH B . 
E 3 HOH 43 3068 3068 HOH HOH B . 
E 3 HOH 44 3069 3069 HOH HOH B . 
E 3 HOH 45 3070 3070 HOH HOH B . 
E 3 HOH 46 3072 3072 HOH HOH B . 
# 
_pdbx_struct_assembly.id                   1 
_pdbx_struct_assembly.details              author_and_software_defined_assembly 
_pdbx_struct_assembly.method_details       PISA 
_pdbx_struct_assembly.oligomeric_details   dimeric 
_pdbx_struct_assembly.oligomeric_count     2 
# 
_pdbx_struct_assembly_gen.assembly_id       1 
_pdbx_struct_assembly_gen.oper_expression   1 
_pdbx_struct_assembly_gen.asym_id_list      A,B,C,D,E 
# 
loop_
_pdbx_struct_assembly_prop.biol_id 
_pdbx_struct_assembly_prop.type 
_pdbx_struct_assembly_prop.value 
_pdbx_struct_assembly_prop.details 
1 'ABSA (A^2)' 5100 ? 
1 MORE         -33  ? 
1 'SSA (A^2)'  9330 ? 
# 
_pdbx_struct_oper_list.id                   1 
_pdbx_struct_oper_list.type                 'identity operation' 
_pdbx_struct_oper_list.name                 1_555 
_pdbx_struct_oper_list.symmetry_operation   x,y,z 
_pdbx_struct_oper_list.matrix[1][1]         1.0000000000 
_pdbx_struct_oper_list.matrix[1][2]         0.0000000000 
_pdbx_struct_oper_list.matrix[1][3]         0.0000000000 
_pdbx_struct_oper_list.vector[1]            0.0000000000 
_pdbx_struct_oper_list.matrix[2][1]         0.0000000000 
_pdbx_struct_oper_list.matrix[2][2]         1.0000000000 
_pdbx_struct_oper_list.matrix[2][3]         0.0000000000 
_pdbx_struct_oper_list.vector[2]            0.0000000000 
_pdbx_struct_oper_list.matrix[3][1]         0.0000000000 
_pdbx_struct_oper_list.matrix[3][2]         0.0000000000 
_pdbx_struct_oper_list.matrix[3][3]         1.0000000000 
_pdbx_struct_oper_list.vector[3]            0.0000000000 
# 
loop_
_pdbx_audit_revision_history.ordinal 
_pdbx_audit_revision_history.data_content_type 
_pdbx_audit_revision_history.major_revision 
_pdbx_audit_revision_history.minor_revision 
_pdbx_audit_revision_history.revision_date 
1 'Structure model' 1 0 2001-06-01 
2 'Structure model' 1 1 2008-04-27 
3 'Structure model' 1 2 2011-07-13 
4 'Structure model' 1 3 2023-08-09 
# 
_pdbx_audit_revision_details.ordinal             1 
_pdbx_audit_revision_details.revision_ordinal    1 
_pdbx_audit_revision_details.data_content_type   'Structure model' 
_pdbx_audit_revision_details.provider            repository 
_pdbx_audit_revision_details.type                'Initial release' 
_pdbx_audit_revision_details.description         ? 
_pdbx_audit_revision_details.details             ? 
# 
loop_
_pdbx_audit_revision_group.ordinal 
_pdbx_audit_revision_group.revision_ordinal 
_pdbx_audit_revision_group.data_content_type 
_pdbx_audit_revision_group.group 
1 2 'Structure model' 'Version format compliance' 
2 3 'Structure model' 'Version format compliance' 
3 4 'Structure model' 'Data collection'           
4 4 'Structure model' 'Database references'       
5 4 'Structure model' 'Derived calculations'      
6 4 'Structure model' 'Refinement description'    
# 
loop_
_pdbx_audit_revision_category.ordinal 
_pdbx_audit_revision_category.revision_ordinal 
_pdbx_audit_revision_category.data_content_type 
_pdbx_audit_revision_category.category 
1 4 'Structure model' chem_comp_atom                
2 4 'Structure model' chem_comp_bond                
3 4 'Structure model' database_2                    
4 4 'Structure model' pdbx_initial_refinement_model 
5 4 'Structure model' struct_site                   
# 
loop_
_pdbx_audit_revision_item.ordinal 
_pdbx_audit_revision_item.revision_ordinal 
_pdbx_audit_revision_item.data_content_type 
_pdbx_audit_revision_item.item 
1 4 'Structure model' '_database_2.pdbx_DOI'                
2 4 'Structure model' '_database_2.pdbx_database_accession' 
3 4 'Structure model' '_struct_site.pdbx_auth_asym_id'      
4 4 'Structure model' '_struct_site.pdbx_auth_comp_id'      
5 4 'Structure model' '_struct_site.pdbx_auth_seq_id'       
# 
loop_
_software.name 
_software.classification 
_software.version 
_software.citation_id 
_software.pdbx_ordinal 
CNS       refinement       . ? 1 
DENZO     'data reduction' . ? 2 
SCALEPACK 'data scaling'   . ? 3 
CNS       phasing          . ? 4 
# 
loop_
_chem_comp_atom.comp_id 
_chem_comp_atom.atom_id 
_chem_comp_atom.type_symbol 
_chem_comp_atom.pdbx_aromatic_flag 
_chem_comp_atom.pdbx_stereo_config 
_chem_comp_atom.pdbx_ordinal 
ALA N    N N N 1   
ALA CA   C N S 2   
ALA C    C N N 3   
ALA O    O N N 4   
ALA CB   C N N 5   
ALA OXT  O N N 6   
ALA H    H N N 7   
ALA H2   H N N 8   
ALA HA   H N N 9   
ALA HB1  H N N 10  
ALA HB2  H N N 11  
ALA HB3  H N N 12  
ALA HXT  H N N 13  
ARG N    N N N 14  
ARG CA   C N S 15  
ARG C    C N N 16  
ARG O    O N N 17  
ARG CB   C N N 18  
ARG CG   C N N 19  
ARG CD   C N N 20  
ARG NE   N N N 21  
ARG CZ   C N N 22  
ARG NH1  N N N 23  
ARG NH2  N N N 24  
ARG OXT  O N N 25  
ARG H    H N N 26  
ARG H2   H N N 27  
ARG HA   H N N 28  
ARG HB2  H N N 29  
ARG HB3  H N N 30  
ARG HG2  H N N 31  
ARG HG3  H N N 32  
ARG HD2  H N N 33  
ARG HD3  H N N 34  
ARG HE   H N N 35  
ARG HH11 H N N 36  
ARG HH12 H N N 37  
ARG HH21 H N N 38  
ARG HH22 H N N 39  
ARG HXT  H N N 40  
ASN N    N N N 41  
ASN CA   C N S 42  
ASN C    C N N 43  
ASN O    O N N 44  
ASN CB   C N N 45  
ASN CG   C N N 46  
ASN OD1  O N N 47  
ASN ND2  N N N 48  
ASN OXT  O N N 49  
ASN H    H N N 50  
ASN H2   H N N 51  
ASN HA   H N N 52  
ASN HB2  H N N 53  
ASN HB3  H N N 54  
ASN HD21 H N N 55  
ASN HD22 H N N 56  
ASN HXT  H N N 57  
ASP N    N N N 58  
ASP CA   C N S 59  
ASP C    C N N 60  
ASP O    O N N 61  
ASP CB   C N N 62  
ASP CG   C N N 63  
ASP OD1  O N N 64  
ASP OD2  O N N 65  
ASP OXT  O N N 66  
ASP H    H N N 67  
ASP H2   H N N 68  
ASP HA   H N N 69  
ASP HB2  H N N 70  
ASP HB3  H N N 71  
ASP HD2  H N N 72  
ASP HXT  H N N 73  
CYS N    N N N 74  
CYS CA   C N R 75  
CYS C    C N N 76  
CYS O    O N N 77  
CYS CB   C N N 78  
CYS SG   S N N 79  
CYS OXT  O N N 80  
CYS H    H N N 81  
CYS H2   H N N 82  
CYS HA   H N N 83  
CYS HB2  H N N 84  
CYS HB3  H N N 85  
CYS HG   H N N 86  
CYS HXT  H N N 87  
GLN N    N N N 88  
GLN CA   C N S 89  
GLN C    C N N 90  
GLN O    O N N 91  
GLN CB   C N N 92  
GLN CG   C N N 93  
GLN CD   C N N 94  
GLN OE1  O N N 95  
GLN NE2  N N N 96  
GLN OXT  O N N 97  
GLN H    H N N 98  
GLN H2   H N N 99  
GLN HA   H N N 100 
GLN HB2  H N N 101 
GLN HB3  H N N 102 
GLN HG2  H N N 103 
GLN HG3  H N N 104 
GLN HE21 H N N 105 
GLN HE22 H N N 106 
GLN HXT  H N N 107 
GLU N    N N N 108 
GLU CA   C N S 109 
GLU C    C N N 110 
GLU O    O N N 111 
GLU CB   C N N 112 
GLU CG   C N N 113 
GLU CD   C N N 114 
GLU OE1  O N N 115 
GLU OE2  O N N 116 
GLU OXT  O N N 117 
GLU H    H N N 118 
GLU H2   H N N 119 
GLU HA   H N N 120 
GLU HB2  H N N 121 
GLU HB3  H N N 122 
GLU HG2  H N N 123 
GLU HG3  H N N 124 
GLU HE2  H N N 125 
GLU HXT  H N N 126 
GLY N    N N N 127 
GLY CA   C N N 128 
GLY C    C N N 129 
GLY O    O N N 130 
GLY OXT  O N N 131 
GLY H    H N N 132 
GLY H2   H N N 133 
GLY HA2  H N N 134 
GLY HA3  H N N 135 
GLY HXT  H N N 136 
HIS N    N N N 137 
HIS CA   C N S 138 
HIS C    C N N 139 
HIS O    O N N 140 
HIS CB   C N N 141 
HIS CG   C Y N 142 
HIS ND1  N Y N 143 
HIS CD2  C Y N 144 
HIS CE1  C Y N 145 
HIS NE2  N Y N 146 
HIS OXT  O N N 147 
HIS H    H N N 148 
HIS H2   H N N 149 
HIS HA   H N N 150 
HIS HB2  H N N 151 
HIS HB3  H N N 152 
HIS HD1  H N N 153 
HIS HD2  H N N 154 
HIS HE1  H N N 155 
HIS HE2  H N N 156 
HIS HXT  H N N 157 
HOH O    O N N 158 
HOH H1   H N N 159 
HOH H2   H N N 160 
ILE N    N N N 161 
ILE CA   C N S 162 
ILE C    C N N 163 
ILE O    O N N 164 
ILE CB   C N S 165 
ILE CG1  C N N 166 
ILE CG2  C N N 167 
ILE CD1  C N N 168 
ILE OXT  O N N 169 
ILE H    H N N 170 
ILE H2   H N N 171 
ILE HA   H N N 172 
ILE HB   H N N 173 
ILE HG12 H N N 174 
ILE HG13 H N N 175 
ILE HG21 H N N 176 
ILE HG22 H N N 177 
ILE HG23 H N N 178 
ILE HD11 H N N 179 
ILE HD12 H N N 180 
ILE HD13 H N N 181 
ILE HXT  H N N 182 
LEU N    N N N 183 
LEU CA   C N S 184 
LEU C    C N N 185 
LEU O    O N N 186 
LEU CB   C N N 187 
LEU CG   C N N 188 
LEU CD1  C N N 189 
LEU CD2  C N N 190 
LEU OXT  O N N 191 
LEU H    H N N 192 
LEU H2   H N N 193 
LEU HA   H N N 194 
LEU HB2  H N N 195 
LEU HB3  H N N 196 
LEU HG   H N N 197 
LEU HD11 H N N 198 
LEU HD12 H N N 199 
LEU HD13 H N N 200 
LEU HD21 H N N 201 
LEU HD22 H N N 202 
LEU HD23 H N N 203 
LEU HXT  H N N 204 
LYS N    N N N 205 
LYS CA   C N S 206 
LYS C    C N N 207 
LYS O    O N N 208 
LYS CB   C N N 209 
LYS CG   C N N 210 
LYS CD   C N N 211 
LYS CE   C N N 212 
LYS NZ   N N N 213 
LYS OXT  O N N 214 
LYS H    H N N 215 
LYS H2   H N N 216 
LYS HA   H N N 217 
LYS HB2  H N N 218 
LYS HB3  H N N 219 
LYS HG2  H N N 220 
LYS HG3  H N N 221 
LYS HD2  H N N 222 
LYS HD3  H N N 223 
LYS HE2  H N N 224 
LYS HE3  H N N 225 
LYS HZ1  H N N 226 
LYS HZ2  H N N 227 
LYS HZ3  H N N 228 
LYS HXT  H N N 229 
MET N    N N N 230 
MET CA   C N S 231 
MET C    C N N 232 
MET O    O N N 233 
MET CB   C N N 234 
MET CG   C N N 235 
MET SD   S N N 236 
MET CE   C N N 237 
MET OXT  O N N 238 
MET H    H N N 239 
MET H2   H N N 240 
MET HA   H N N 241 
MET HB2  H N N 242 
MET HB3  H N N 243 
MET HG2  H N N 244 
MET HG3  H N N 245 
MET HE1  H N N 246 
MET HE2  H N N 247 
MET HE3  H N N 248 
MET HXT  H N N 249 
NM1 N01  N N N 250 
NM1 S02  S N N 251 
NM1 N03  N N N 252 
NM1 C04  C N R 253 
NM1 C05  C N S 254 
NM1 C06  C N S 255 
NM1 C07  C N R 256 
NM1 C08  C N N 257 
NM1 C09  C Y N 258 
NM1 C10  C Y N 259 
NM1 C11  C Y N 260 
NM1 C12  C Y N 261 
NM1 C13  C Y N 262 
NM1 C14  C Y N 263 
NM1 O15  O N N 264 
NM1 O16  O N N 265 
NM1 C17  C Y N 266 
NM1 C18  C Y N 267 
NM1 C19  C Y N 268 
NM1 C20  C Y N 269 
NM1 C21  C Y N 270 
NM1 C22  C Y N 271 
NM1 C23  C N N 272 
NM1 C24  C Y N 273 
NM1 C25  C Y N 274 
NM1 C26  C Y N 275 
NM1 C27  C Y N 276 
NM1 C28  C Y N 277 
NM1 C29  C Y N 278 
NM1 O30  O N N 279 
NM1 O31  O N N 280 
NM1 C32  C N N 281 
NM1 O33  O N N 282 
NM1 C34  C Y N 283 
NM1 C35  C Y N 284 
NM1 C36  C Y N 285 
NM1 C37  C Y N 286 
NM1 C38  C Y N 287 
NM1 C39  C Y N 288 
NM1 O40  O N N 289 
NM1 C41  C N N 290 
NM1 C51  C N N 291 
NM1 O52  O N N 292 
NM1 N53  N N N 293 
NM1 C54  C N N 294 
NM1 H04  H N N 295 
NM1 H05  H N N 296 
NM1 H06  H N N 297 
NM1 H07  H N N 298 
NM1 H081 H N N 299 
NM1 H082 H N N 300 
NM1 H10  H N N 301 
NM1 H12  H N N 302 
NM1 H13  H N N 303 
NM1 H14  H N N 304 
NM1 H18  H N N 305 
NM1 H19  H N N 306 
NM1 H20  H N N 307 
NM1 H21  H N N 308 
NM1 H22  H N N 309 
NM1 H231 H N N 310 
NM1 H232 H N N 311 
NM1 H25  H N N 312 
NM1 H26  H N N 313 
NM1 H27  H N N 314 
NM1 H28  H N N 315 
NM1 H29  H N N 316 
NM1 HO3  H N N 317 
NM1 HO1  H N N 318 
NM1 H321 H N N 319 
NM1 H322 H N N 320 
NM1 H35  H N N 321 
NM1 H36  H N N 322 
NM1 H37  H N N 323 
NM1 H38  H N N 324 
NM1 H39  H N N 325 
NM1 H411 H N N 326 
NM1 H412 H N N 327 
NM1 H53  H N N 328 
NM1 H541 H N N 329 
NM1 H542 H N N 330 
NM1 H543 H N N 331 
PHE N    N N N 332 
PHE CA   C N S 333 
PHE C    C N N 334 
PHE O    O N N 335 
PHE CB   C N N 336 
PHE CG   C Y N 337 
PHE CD1  C Y N 338 
PHE CD2  C Y N 339 
PHE CE1  C Y N 340 
PHE CE2  C Y N 341 
PHE CZ   C Y N 342 
PHE OXT  O N N 343 
PHE H    H N N 344 
PHE H2   H N N 345 
PHE HA   H N N 346 
PHE HB2  H N N 347 
PHE HB3  H N N 348 
PHE HD1  H N N 349 
PHE HD2  H N N 350 
PHE HE1  H N N 351 
PHE HE2  H N N 352 
PHE HZ   H N N 353 
PHE HXT  H N N 354 
PRO N    N N N 355 
PRO CA   C N S 356 
PRO C    C N N 357 
PRO O    O N N 358 
PRO CB   C N N 359 
PRO CG   C N N 360 
PRO CD   C N N 361 
PRO OXT  O N N 362 
PRO H    H N N 363 
PRO HA   H N N 364 
PRO HB2  H N N 365 
PRO HB3  H N N 366 
PRO HG2  H N N 367 
PRO HG3  H N N 368 
PRO HD2  H N N 369 
PRO HD3  H N N 370 
PRO HXT  H N N 371 
SER N    N N N 372 
SER CA   C N S 373 
SER C    C N N 374 
SER O    O N N 375 
SER CB   C N N 376 
SER OG   O N N 377 
SER OXT  O N N 378 
SER H    H N N 379 
SER H2   H N N 380 
SER HA   H N N 381 
SER HB2  H N N 382 
SER HB3  H N N 383 
SER HG   H N N 384 
SER HXT  H N N 385 
THR N    N N N 386 
THR CA   C N S 387 
THR C    C N N 388 
THR O    O N N 389 
THR CB   C N R 390 
THR OG1  O N N 391 
THR CG2  C N N 392 
THR OXT  O N N 393 
THR H    H N N 394 
THR H2   H N N 395 
THR HA   H N N 396 
THR HB   H N N 397 
THR HG1  H N N 398 
THR HG21 H N N 399 
THR HG22 H N N 400 
THR HG23 H N N 401 
THR HXT  H N N 402 
TRP N    N N N 403 
TRP CA   C N S 404 
TRP C    C N N 405 
TRP O    O N N 406 
TRP CB   C N N 407 
TRP CG   C Y N 408 
TRP CD1  C Y N 409 
TRP CD2  C Y N 410 
TRP NE1  N Y N 411 
TRP CE2  C Y N 412 
TRP CE3  C Y N 413 
TRP CZ2  C Y N 414 
TRP CZ3  C Y N 415 
TRP CH2  C Y N 416 
TRP OXT  O N N 417 
TRP H    H N N 418 
TRP H2   H N N 419 
TRP HA   H N N 420 
TRP HB2  H N N 421 
TRP HB3  H N N 422 
TRP HD1  H N N 423 
TRP HE1  H N N 424 
TRP HE3  H N N 425 
TRP HZ2  H N N 426 
TRP HZ3  H N N 427 
TRP HH2  H N N 428 
TRP HXT  H N N 429 
TYR N    N N N 430 
TYR CA   C N S 431 
TYR C    C N N 432 
TYR O    O N N 433 
TYR CB   C N N 434 
TYR CG   C Y N 435 
TYR CD1  C Y N 436 
TYR CD2  C Y N 437 
TYR CE1  C Y N 438 
TYR CE2  C Y N 439 
TYR CZ   C Y N 440 
TYR OH   O N N 441 
TYR OXT  O N N 442 
TYR H    H N N 443 
TYR H2   H N N 444 
TYR HA   H N N 445 
TYR HB2  H N N 446 
TYR HB3  H N N 447 
TYR HD1  H N N 448 
TYR HD2  H N N 449 
TYR HE1  H N N 450 
TYR HE2  H N N 451 
TYR HH   H N N 452 
TYR HXT  H N N 453 
VAL N    N N N 454 
VAL CA   C N S 455 
VAL C    C N N 456 
VAL O    O N N 457 
VAL CB   C N N 458 
VAL CG1  C N N 459 
VAL CG2  C N N 460 
VAL OXT  O N N 461 
VAL H    H N N 462 
VAL H2   H N N 463 
VAL HA   H N N 464 
VAL HB   H N N 465 
VAL HG11 H N N 466 
VAL HG12 H N N 467 
VAL HG13 H N N 468 
VAL HG21 H N N 469 
VAL HG22 H N N 470 
VAL HG23 H N N 471 
VAL HXT  H N N 472 
# 
loop_
_chem_comp_bond.comp_id 
_chem_comp_bond.atom_id_1 
_chem_comp_bond.atom_id_2 
_chem_comp_bond.value_order 
_chem_comp_bond.pdbx_aromatic_flag 
_chem_comp_bond.pdbx_stereo_config 
_chem_comp_bond.pdbx_ordinal 
ALA N   CA   sing N N 1   
ALA N   H    sing N N 2   
ALA N   H2   sing N N 3   
ALA CA  C    sing N N 4   
ALA CA  CB   sing N N 5   
ALA CA  HA   sing N N 6   
ALA C   O    doub N N 7   
ALA C   OXT  sing N N 8   
ALA CB  HB1  sing N N 9   
ALA CB  HB2  sing N N 10  
ALA CB  HB3  sing N N 11  
ALA OXT HXT  sing N N 12  
ARG N   CA   sing N N 13  
ARG N   H    sing N N 14  
ARG N   H2   sing N N 15  
ARG CA  C    sing N N 16  
ARG CA  CB   sing N N 17  
ARG CA  HA   sing N N 18  
ARG C   O    doub N N 19  
ARG C   OXT  sing N N 20  
ARG CB  CG   sing N N 21  
ARG CB  HB2  sing N N 22  
ARG CB  HB3  sing N N 23  
ARG CG  CD   sing N N 24  
ARG CG  HG2  sing N N 25  
ARG CG  HG3  sing N N 26  
ARG CD  NE   sing N N 27  
ARG CD  HD2  sing N N 28  
ARG CD  HD3  sing N N 29  
ARG NE  CZ   sing N N 30  
ARG NE  HE   sing N N 31  
ARG CZ  NH1  sing N N 32  
ARG CZ  NH2  doub N N 33  
ARG NH1 HH11 sing N N 34  
ARG NH1 HH12 sing N N 35  
ARG NH2 HH21 sing N N 36  
ARG NH2 HH22 sing N N 37  
ARG OXT HXT  sing N N 38  
ASN N   CA   sing N N 39  
ASN N   H    sing N N 40  
ASN N   H2   sing N N 41  
ASN CA  C    sing N N 42  
ASN CA  CB   sing N N 43  
ASN CA  HA   sing N N 44  
ASN C   O    doub N N 45  
ASN C   OXT  sing N N 46  
ASN CB  CG   sing N N 47  
ASN CB  HB2  sing N N 48  
ASN CB  HB3  sing N N 49  
ASN CG  OD1  doub N N 50  
ASN CG  ND2  sing N N 51  
ASN ND2 HD21 sing N N 52  
ASN ND2 HD22 sing N N 53  
ASN OXT HXT  sing N N 54  
ASP N   CA   sing N N 55  
ASP N   H    sing N N 56  
ASP N   H2   sing N N 57  
ASP CA  C    sing N N 58  
ASP CA  CB   sing N N 59  
ASP CA  HA   sing N N 60  
ASP C   O    doub N N 61  
ASP C   OXT  sing N N 62  
ASP CB  CG   sing N N 63  
ASP CB  HB2  sing N N 64  
ASP CB  HB3  sing N N 65  
ASP CG  OD1  doub N N 66  
ASP CG  OD2  sing N N 67  
ASP OD2 HD2  sing N N 68  
ASP OXT HXT  sing N N 69  
CYS N   CA   sing N N 70  
CYS N   H    sing N N 71  
CYS N   H2   sing N N 72  
CYS CA  C    sing N N 73  
CYS CA  CB   sing N N 74  
CYS CA  HA   sing N N 75  
CYS C   O    doub N N 76  
CYS C   OXT  sing N N 77  
CYS CB  SG   sing N N 78  
CYS CB  HB2  sing N N 79  
CYS CB  HB3  sing N N 80  
CYS SG  HG   sing N N 81  
CYS OXT HXT  sing N N 82  
GLN N   CA   sing N N 83  
GLN N   H    sing N N 84  
GLN N   H2   sing N N 85  
GLN CA  C    sing N N 86  
GLN CA  CB   sing N N 87  
GLN CA  HA   sing N N 88  
GLN C   O    doub N N 89  
GLN C   OXT  sing N N 90  
GLN CB  CG   sing N N 91  
GLN CB  HB2  sing N N 92  
GLN CB  HB3  sing N N 93  
GLN CG  CD   sing N N 94  
GLN CG  HG2  sing N N 95  
GLN CG  HG3  sing N N 96  
GLN CD  OE1  doub N N 97  
GLN CD  NE2  sing N N 98  
GLN NE2 HE21 sing N N 99  
GLN NE2 HE22 sing N N 100 
GLN OXT HXT  sing N N 101 
GLU N   CA   sing N N 102 
GLU N   H    sing N N 103 
GLU N   H2   sing N N 104 
GLU CA  C    sing N N 105 
GLU CA  CB   sing N N 106 
GLU CA  HA   sing N N 107 
GLU C   O    doub N N 108 
GLU C   OXT  sing N N 109 
GLU CB  CG   sing N N 110 
GLU CB  HB2  sing N N 111 
GLU CB  HB3  sing N N 112 
GLU CG  CD   sing N N 113 
GLU CG  HG2  sing N N 114 
GLU CG  HG3  sing N N 115 
GLU CD  OE1  doub N N 116 
GLU CD  OE2  sing N N 117 
GLU OE2 HE2  sing N N 118 
GLU OXT HXT  sing N N 119 
GLY N   CA   sing N N 120 
GLY N   H    sing N N 121 
GLY N   H2   sing N N 122 
GLY CA  C    sing N N 123 
GLY CA  HA2  sing N N 124 
GLY CA  HA3  sing N N 125 
GLY C   O    doub N N 126 
GLY C   OXT  sing N N 127 
GLY OXT HXT  sing N N 128 
HIS N   CA   sing N N 129 
HIS N   H    sing N N 130 
HIS N   H2   sing N N 131 
HIS CA  C    sing N N 132 
HIS CA  CB   sing N N 133 
HIS CA  HA   sing N N 134 
HIS C   O    doub N N 135 
HIS C   OXT  sing N N 136 
HIS CB  CG   sing N N 137 
HIS CB  HB2  sing N N 138 
HIS CB  HB3  sing N N 139 
HIS CG  ND1  sing Y N 140 
HIS CG  CD2  doub Y N 141 
HIS ND1 CE1  doub Y N 142 
HIS ND1 HD1  sing N N 143 
HIS CD2 NE2  sing Y N 144 
HIS CD2 HD2  sing N N 145 
HIS CE1 NE2  sing Y N 146 
HIS CE1 HE1  sing N N 147 
HIS NE2 HE2  sing N N 148 
HIS OXT HXT  sing N N 149 
HOH O   H1   sing N N 150 
HOH O   H2   sing N N 151 
ILE N   CA   sing N N 152 
ILE N   H    sing N N 153 
ILE N   H2   sing N N 154 
ILE CA  C    sing N N 155 
ILE CA  CB   sing N N 156 
ILE CA  HA   sing N N 157 
ILE C   O    doub N N 158 
ILE C   OXT  sing N N 159 
ILE CB  CG1  sing N N 160 
ILE CB  CG2  sing N N 161 
ILE CB  HB   sing N N 162 
ILE CG1 CD1  sing N N 163 
ILE CG1 HG12 sing N N 164 
ILE CG1 HG13 sing N N 165 
ILE CG2 HG21 sing N N 166 
ILE CG2 HG22 sing N N 167 
ILE CG2 HG23 sing N N 168 
ILE CD1 HD11 sing N N 169 
ILE CD1 HD12 sing N N 170 
ILE CD1 HD13 sing N N 171 
ILE OXT HXT  sing N N 172 
LEU N   CA   sing N N 173 
LEU N   H    sing N N 174 
LEU N   H2   sing N N 175 
LEU CA  C    sing N N 176 
LEU CA  CB   sing N N 177 
LEU CA  HA   sing N N 178 
LEU C   O    doub N N 179 
LEU C   OXT  sing N N 180 
LEU CB  CG   sing N N 181 
LEU CB  HB2  sing N N 182 
LEU CB  HB3  sing N N 183 
LEU CG  CD1  sing N N 184 
LEU CG  CD2  sing N N 185 
LEU CG  HG   sing N N 186 
LEU CD1 HD11 sing N N 187 
LEU CD1 HD12 sing N N 188 
LEU CD1 HD13 sing N N 189 
LEU CD2 HD21 sing N N 190 
LEU CD2 HD22 sing N N 191 
LEU CD2 HD23 sing N N 192 
LEU OXT HXT  sing N N 193 
LYS N   CA   sing N N 194 
LYS N   H    sing N N 195 
LYS N   H2   sing N N 196 
LYS CA  C    sing N N 197 
LYS CA  CB   sing N N 198 
LYS CA  HA   sing N N 199 
LYS C   O    doub N N 200 
LYS C   OXT  sing N N 201 
LYS CB  CG   sing N N 202 
LYS CB  HB2  sing N N 203 
LYS CB  HB3  sing N N 204 
LYS CG  CD   sing N N 205 
LYS CG  HG2  sing N N 206 
LYS CG  HG3  sing N N 207 
LYS CD  CE   sing N N 208 
LYS CD  HD2  sing N N 209 
LYS CD  HD3  sing N N 210 
LYS CE  NZ   sing N N 211 
LYS CE  HE2  sing N N 212 
LYS CE  HE3  sing N N 213 
LYS NZ  HZ1  sing N N 214 
LYS NZ  HZ2  sing N N 215 
LYS NZ  HZ3  sing N N 216 
LYS OXT HXT  sing N N 217 
MET N   CA   sing N N 218 
MET N   H    sing N N 219 
MET N   H2   sing N N 220 
MET CA  C    sing N N 221 
MET CA  CB   sing N N 222 
MET CA  HA   sing N N 223 
MET C   O    doub N N 224 
MET C   OXT  sing N N 225 
MET CB  CG   sing N N 226 
MET CB  HB2  sing N N 227 
MET CB  HB3  sing N N 228 
MET CG  SD   sing N N 229 
MET CG  HG2  sing N N 230 
MET CG  HG3  sing N N 231 
MET SD  CE   sing N N 232 
MET CE  HE1  sing N N 233 
MET CE  HE2  sing N N 234 
MET CE  HE3  sing N N 235 
MET OXT HXT  sing N N 236 
NM1 N01 S02  sing N N 237 
NM1 N01 C07  sing N N 238 
NM1 N01 C08  sing N N 239 
NM1 S02 N03  sing N N 240 
NM1 S02 O15  doub N N 241 
NM1 S02 O40  doub N N 242 
NM1 N03 C04  sing N N 243 
NM1 N03 C23  sing N N 244 
NM1 C04 C05  sing N N 245 
NM1 C04 C41  sing N N 246 
NM1 C04 H04  sing N N 247 
NM1 C05 C06  sing N N 248 
NM1 C05 O30  sing N N 249 
NM1 C05 H05  sing N N 250 
NM1 C06 C07  sing N N 251 
NM1 C06 O31  sing N N 252 
NM1 C06 H06  sing N N 253 
NM1 C07 C32  sing N N 254 
NM1 C07 H07  sing N N 255 
NM1 C08 C09  sing N N 256 
NM1 C08 H081 sing N N 257 
NM1 C08 H082 sing N N 258 
NM1 C09 C10  doub Y N 259 
NM1 C09 C14  sing Y N 260 
NM1 C10 C11  sing Y N 261 
NM1 C10 H10  sing N N 262 
NM1 C11 C12  doub Y N 263 
NM1 C11 C51  sing N N 264 
NM1 C12 C13  sing Y N 265 
NM1 C12 H12  sing N N 266 
NM1 C13 C14  doub Y N 267 
NM1 C13 H13  sing N N 268 
NM1 C14 H14  sing N N 269 
NM1 O16 C17  sing N N 270 
NM1 O16 C41  sing N N 271 
NM1 C17 C18  doub Y N 272 
NM1 C17 C22  sing Y N 273 
NM1 C18 C19  sing Y N 274 
NM1 C18 H18  sing N N 275 
NM1 C19 C20  doub Y N 276 
NM1 C19 H19  sing N N 277 
NM1 C20 C21  sing Y N 278 
NM1 C20 H20  sing N N 279 
NM1 C21 C22  doub Y N 280 
NM1 C21 H21  sing N N 281 
NM1 C22 H22  sing N N 282 
NM1 C23 C24  sing N N 283 
NM1 C23 H231 sing N N 284 
NM1 C23 H232 sing N N 285 
NM1 C24 C25  doub Y N 286 
NM1 C24 C29  sing Y N 287 
NM1 C25 C26  sing Y N 288 
NM1 C25 H25  sing N N 289 
NM1 C26 C27  doub Y N 290 
NM1 C26 H26  sing N N 291 
NM1 C27 C28  sing Y N 292 
NM1 C27 H27  sing N N 293 
NM1 C28 C29  doub Y N 294 
NM1 C28 H28  sing N N 295 
NM1 C29 H29  sing N N 296 
NM1 O30 HO3  sing N N 297 
NM1 O31 HO1  sing N N 298 
NM1 C32 O33  sing N N 299 
NM1 C32 H321 sing N N 300 
NM1 C32 H322 sing N N 301 
NM1 O33 C34  sing N N 302 
NM1 C34 C35  doub Y N 303 
NM1 C34 C39  sing Y N 304 
NM1 C35 C36  sing Y N 305 
NM1 C35 H35  sing N N 306 
NM1 C36 C37  doub Y N 307 
NM1 C36 H36  sing N N 308 
NM1 C37 C38  sing Y N 309 
NM1 C37 H37  sing N N 310 
NM1 C38 C39  doub Y N 311 
NM1 C38 H38  sing N N 312 
NM1 C39 H39  sing N N 313 
NM1 C41 H411 sing N N 314 
NM1 C41 H412 sing N N 315 
NM1 C51 O52  doub N N 316 
NM1 C51 N53  sing N N 317 
NM1 N53 C54  sing N N 318 
NM1 N53 H53  sing N N 319 
NM1 C54 H541 sing N N 320 
NM1 C54 H542 sing N N 321 
NM1 C54 H543 sing N N 322 
PHE N   CA   sing N N 323 
PHE N   H    sing N N 324 
PHE N   H2   sing N N 325 
PHE CA  C    sing N N 326 
PHE CA  CB   sing N N 327 
PHE CA  HA   sing N N 328 
PHE C   O    doub N N 329 
PHE C   OXT  sing N N 330 
PHE CB  CG   sing N N 331 
PHE CB  HB2  sing N N 332 
PHE CB  HB3  sing N N 333 
PHE CG  CD1  doub Y N 334 
PHE CG  CD2  sing Y N 335 
PHE CD1 CE1  sing Y N 336 
PHE CD1 HD1  sing N N 337 
PHE CD2 CE2  doub Y N 338 
PHE CD2 HD2  sing N N 339 
PHE CE1 CZ   doub Y N 340 
PHE CE1 HE1  sing N N 341 
PHE CE2 CZ   sing Y N 342 
PHE CE2 HE2  sing N N 343 
PHE CZ  HZ   sing N N 344 
PHE OXT HXT  sing N N 345 
PRO N   CA   sing N N 346 
PRO N   CD   sing N N 347 
PRO N   H    sing N N 348 
PRO CA  C    sing N N 349 
PRO CA  CB   sing N N 350 
PRO CA  HA   sing N N 351 
PRO C   O    doub N N 352 
PRO C   OXT  sing N N 353 
PRO CB  CG   sing N N 354 
PRO CB  HB2  sing N N 355 
PRO CB  HB3  sing N N 356 
PRO CG  CD   sing N N 357 
PRO CG  HG2  sing N N 358 
PRO CG  HG3  sing N N 359 
PRO CD  HD2  sing N N 360 
PRO CD  HD3  sing N N 361 
PRO OXT HXT  sing N N 362 
SER N   CA   sing N N 363 
SER N   H    sing N N 364 
SER N   H2   sing N N 365 
SER CA  C    sing N N 366 
SER CA  CB   sing N N 367 
SER CA  HA   sing N N 368 
SER C   O    doub N N 369 
SER C   OXT  sing N N 370 
SER CB  OG   sing N N 371 
SER CB  HB2  sing N N 372 
SER CB  HB3  sing N N 373 
SER OG  HG   sing N N 374 
SER OXT HXT  sing N N 375 
THR N   CA   sing N N 376 
THR N   H    sing N N 377 
THR N   H2   sing N N 378 
THR CA  C    sing N N 379 
THR CA  CB   sing N N 380 
THR CA  HA   sing N N 381 
THR C   O    doub N N 382 
THR C   OXT  sing N N 383 
THR CB  OG1  sing N N 384 
THR CB  CG2  sing N N 385 
THR CB  HB   sing N N 386 
THR OG1 HG1  sing N N 387 
THR CG2 HG21 sing N N 388 
THR CG2 HG22 sing N N 389 
THR CG2 HG23 sing N N 390 
THR OXT HXT  sing N N 391 
TRP N   CA   sing N N 392 
TRP N   H    sing N N 393 
TRP N   H2   sing N N 394 
TRP CA  C    sing N N 395 
TRP CA  CB   sing N N 396 
TRP CA  HA   sing N N 397 
TRP C   O    doub N N 398 
TRP C   OXT  sing N N 399 
TRP CB  CG   sing N N 400 
TRP CB  HB2  sing N N 401 
TRP CB  HB3  sing N N 402 
TRP CG  CD1  doub Y N 403 
TRP CG  CD2  sing Y N 404 
TRP CD1 NE1  sing Y N 405 
TRP CD1 HD1  sing N N 406 
TRP CD2 CE2  doub Y N 407 
TRP CD2 CE3  sing Y N 408 
TRP NE1 CE2  sing Y N 409 
TRP NE1 HE1  sing N N 410 
TRP CE2 CZ2  sing Y N 411 
TRP CE3 CZ3  doub Y N 412 
TRP CE3 HE3  sing N N 413 
TRP CZ2 CH2  doub Y N 414 
TRP CZ2 HZ2  sing N N 415 
TRP CZ3 CH2  sing Y N 416 
TRP CZ3 HZ3  sing N N 417 
TRP CH2 HH2  sing N N 418 
TRP OXT HXT  sing N N 419 
TYR N   CA   sing N N 420 
TYR N   H    sing N N 421 
TYR N   H2   sing N N 422 
TYR CA  C    sing N N 423 
TYR CA  CB   sing N N 424 
TYR CA  HA   sing N N 425 
TYR C   O    doub N N 426 
TYR C   OXT  sing N N 427 
TYR CB  CG   sing N N 428 
TYR CB  HB2  sing N N 429 
TYR CB  HB3  sing N N 430 
TYR CG  CD1  doub Y N 431 
TYR CG  CD2  sing Y N 432 
TYR CD1 CE1  sing Y N 433 
TYR CD1 HD1  sing N N 434 
TYR CD2 CE2  doub Y N 435 
TYR CD2 HD2  sing N N 436 
TYR CE1 CZ   doub Y N 437 
TYR CE1 HE1  sing N N 438 
TYR CE2 CZ   sing Y N 439 
TYR CE2 HE2  sing N N 440 
TYR CZ  OH   sing N N 441 
TYR OH  HH   sing N N 442 
TYR OXT HXT  sing N N 443 
VAL N   CA   sing N N 444 
VAL N   H    sing N N 445 
VAL N   H2   sing N N 446 
VAL CA  C    sing N N 447 
VAL CA  CB   sing N N 448 
VAL CA  HA   sing N N 449 
VAL C   O    doub N N 450 
VAL C   OXT  sing N N 451 
VAL CB  CG1  sing N N 452 
VAL CB  CG2  sing N N 453 
VAL CB  HB   sing N N 454 
VAL CG1 HG11 sing N N 455 
VAL CG1 HG12 sing N N 456 
VAL CG1 HG13 sing N N 457 
VAL CG2 HG21 sing N N 458 
VAL CG2 HG22 sing N N 459 
VAL CG2 HG23 sing N N 460 
VAL OXT HXT  sing N N 461 
# 
loop_
_pdbx_entity_nonpoly.entity_id 
_pdbx_entity_nonpoly.name 
_pdbx_entity_nonpoly.comp_id 
2 '3-(7-BENZYL-4,5-DIHYDROXY-1,1-DIOXO-3,6-BIS-PHENOXYMETHYL-1L6-[1,2,7]THIADIAZEPAN-2-YLMETHYL)-N-METHYL-BENZAMIDE' NM1 
3 water                                                                                                              HOH 
# 
_pdbx_initial_refinement_model.id               1 
_pdbx_initial_refinement_model.entity_id_list   ? 
_pdbx_initial_refinement_model.type             'experimental model' 
_pdbx_initial_refinement_model.source_name      PDB 
_pdbx_initial_refinement_model.accession_code   1AJX 
_pdbx_initial_refinement_model.details          'PDB entry 1ajx' 
# 
